data_8CBB
#
_entry.id   8CBB
#
_cell.length_a   51.821
_cell.length_b   73.374
_cell.length_c   93.972
_cell.angle_alpha   88.72
_cell.angle_beta   77.93
_cell.angle_gamma   87.10
#
_symmetry.space_group_name_H-M   'P 1'
#
loop_
_entity.id
_entity.type
_entity.pdbx_description
1 polymer 'Alkanal monooxygenase alpha chain'
2 non-polymer 'SULFATE ION'
3 water water
#
_entity_poly.entity_id   1
_entity_poly.type   'polypeptide(L)'
_entity_poly.pdbx_seq_one_letter_code
;MTQSEDIKWGMFLNTARPPQFTERRVLENAKFYGQVAEEMGFESAWMLEHHFTDYGLCGSPMVMASYILGATRRIKVGTA
INILPLEHPVRLAEQAALLDQLSDGRFILGIGRGFFDKDFTVFGVDIHDTRALTHNYYDIMQEAWTKGVVGSDGPFLNFP
PVPVNPRPYSDKMPMVCAAMSPSTIEWAAKNGLPMIMQHDIEHNEKASNVELYRALAEEHGHDPDGIEHTIAMIVAVDPD
RERVREECRHYLNWFEDAVEKAQNIIDIVREHGVECYDWHLRKWREAVIKGDTAISKVVDNLLRLNAIGTPEDAIETIQH
VIDVTGVKRVVVGFEAIGDRDRVLESMKLFDEQVRPHIRGAKIGSHHHHHH
;
_entity_poly.pdbx_strand_id   A,B,C,D
#
# COMPACT_ATOMS: atom_id res chain seq x y z
N ASP A 6 11.17 18.24 -17.80
CA ASP A 6 10.54 16.91 -17.98
C ASP A 6 9.11 17.11 -18.49
N ILE A 7 8.85 16.62 -19.71
CA ILE A 7 7.60 16.89 -20.40
C ILE A 7 6.48 16.08 -19.75
N LYS A 8 5.32 16.74 -19.56
CA LYS A 8 4.12 16.08 -19.10
C LYS A 8 3.37 15.50 -20.30
N TRP A 9 3.09 14.20 -20.25
CA TRP A 9 2.39 13.52 -21.33
C TRP A 9 0.92 13.32 -20.96
N GLY A 10 0.03 13.88 -21.78
CA GLY A 10 -1.38 13.53 -21.75
C GLY A 10 -1.77 12.60 -22.88
N MET A 11 -2.95 11.98 -22.76
CA MET A 11 -3.45 11.08 -23.79
C MET A 11 -4.93 11.38 -24.04
N PHE A 12 -5.28 11.54 -25.33
CA PHE A 12 -6.66 11.69 -25.74
C PHE A 12 -7.36 10.35 -25.71
N LEU A 13 -8.48 10.29 -25.00
CA LEU A 13 -9.48 9.24 -25.18
C LEU A 13 -10.50 9.70 -26.22
N ASN A 14 -10.17 9.53 -27.50
CA ASN A 14 -11.05 9.89 -28.59
C ASN A 14 -12.22 8.92 -28.65
N THR A 15 -13.35 9.39 -29.15
CA THR A 15 -14.53 8.56 -29.34
C THR A 15 -15.06 8.78 -30.76
N ALA A 16 -14.14 8.93 -31.72
CA ALA A 16 -14.50 8.92 -33.12
C ALA A 16 -14.85 7.50 -33.56
N ARG A 17 -15.81 7.39 -34.48
CA ARG A 17 -16.26 6.08 -34.94
C ARG A 17 -16.18 6.02 -36.47
N PRO A 18 -15.01 5.64 -37.03
CA PRO A 18 -14.91 5.30 -38.44
C PRO A 18 -15.89 4.19 -38.83
N PRO A 19 -16.27 4.09 -40.12
CA PRO A 19 -17.48 3.37 -40.51
C PRO A 19 -17.41 1.87 -40.27
N GLN A 20 -16.19 1.37 -40.03
CA GLN A 20 -15.97 -0.06 -39.86
C GLN A 20 -16.04 -0.43 -38.38
N PHE A 21 -16.27 0.59 -37.54
CA PHE A 21 -16.26 0.41 -36.09
C PHE A 21 -17.68 0.51 -35.56
N THR A 22 -17.90 -0.09 -34.38
CA THR A 22 -19.14 0.08 -33.64
C THR A 22 -18.94 1.13 -32.55
N GLU A 23 -20.04 1.73 -32.09
CA GLU A 23 -20.00 2.68 -30.99
C GLU A 23 -19.44 1.99 -29.75
N ARG A 24 -19.86 0.74 -29.54
CA ARG A 24 -19.49 0.00 -28.34
C ARG A 24 -17.98 -0.18 -28.32
N ARG A 25 -17.42 -0.56 -29.47
CA ARG A 25 -16.00 -0.87 -29.57
C ARG A 25 -15.17 0.37 -29.26
N VAL A 26 -15.58 1.50 -29.84
CA VAL A 26 -14.89 2.77 -29.67
C VAL A 26 -14.86 3.11 -28.18
N LEU A 27 -16.01 2.99 -27.52
CA LEU A 27 -16.18 3.45 -26.15
C LEU A 27 -15.47 2.49 -25.19
N GLU A 28 -15.26 1.26 -25.64
CA GLU A 28 -14.62 0.23 -24.83
C GLU A 28 -13.10 0.36 -24.97
N ASN A 29 -12.65 0.63 -26.20
CA ASN A 29 -11.26 1.00 -26.46
C ASN A 29 -10.90 2.21 -25.59
N ALA A 30 -11.77 3.22 -25.60
CA ALA A 30 -11.48 4.50 -24.94
C ALA A 30 -11.21 4.26 -23.46
N LYS A 31 -12.20 3.65 -22.79
CA LYS A 31 -12.06 3.28 -21.38
C LYS A 31 -10.72 2.57 -21.19
N PHE A 32 -10.38 1.67 -22.11
CA PHE A 32 -9.24 0.79 -21.96
C PHE A 32 -7.95 1.61 -22.04
N TYR A 33 -7.90 2.52 -23.01
CA TYR A 33 -6.76 3.41 -23.16
C TYR A 33 -6.62 4.30 -21.93
N GLY A 34 -7.78 4.66 -21.34
CA GLY A 34 -7.80 5.31 -20.04
C GLY A 34 -7.00 4.54 -19.00
N GLN A 35 -7.09 3.21 -19.03
CA GLN A 35 -6.44 2.36 -18.05
C GLN A 35 -4.96 2.26 -18.36
N VAL A 36 -4.63 2.27 -19.67
CA VAL A 36 -3.26 2.15 -20.12
C VAL A 36 -2.51 3.42 -19.78
N ALA A 37 -3.18 4.56 -19.96
CA ALA A 37 -2.61 5.87 -19.64
C ALA A 37 -2.12 5.88 -18.19
N GLU A 38 -2.89 5.23 -17.31
CA GLU A 38 -2.61 5.23 -15.88
C GLU A 38 -1.37 4.40 -15.61
N GLU A 39 -1.30 3.21 -16.24
CA GLU A 39 -0.27 2.23 -15.93
C GLU A 39 1.07 2.70 -16.50
N MET A 40 1.02 3.35 -17.65
CA MET A 40 2.22 3.68 -18.40
C MET A 40 2.62 5.12 -18.12
N GLY A 41 2.18 5.65 -16.97
CA GLY A 41 2.83 6.78 -16.35
C GLY A 41 2.64 8.08 -17.14
N PHE A 42 1.52 8.15 -17.89
CA PHE A 42 1.04 9.41 -18.44
C PHE A 42 0.59 10.31 -17.31
N GLU A 43 0.80 11.63 -17.49
CA GLU A 43 0.37 12.62 -16.52
C GLU A 43 -1.16 12.64 -16.48
N SER A 44 -1.79 12.60 -17.66
CA SER A 44 -3.17 13.02 -17.80
C SER A 44 -3.85 12.20 -18.90
N ALA A 45 -5.19 12.17 -18.85
CA ALA A 45 -6.00 11.77 -19.98
C ALA A 45 -7.04 12.86 -20.28
N TRP A 46 -7.51 12.91 -21.54
CA TRP A 46 -8.22 14.07 -22.04
C TRP A 46 -9.42 13.62 -22.88
N MET A 47 -10.54 14.34 -22.71
CA MET A 47 -11.78 14.00 -23.41
C MET A 47 -12.27 15.23 -24.17
N LEU A 48 -13.02 14.98 -25.25
CA LEU A 48 -13.50 16.04 -26.12
C LEU A 48 -15.02 16.09 -26.07
N GLU A 49 -15.59 17.14 -26.68
CA GLU A 49 -17.04 17.29 -26.75
C GLU A 49 -17.46 17.46 -28.20
N HIS A 50 -18.33 16.55 -28.67
CA HIS A 50 -18.87 16.62 -30.02
C HIS A 50 -20.34 16.18 -30.01
N HIS A 51 -21.13 16.75 -30.92
CA HIS A 51 -22.56 16.52 -30.95
C HIS A 51 -22.99 16.07 -32.35
N PHE A 52 -23.86 15.06 -32.40
CA PHE A 52 -24.69 14.80 -33.56
C PHE A 52 -23.84 14.27 -34.72
N THR A 53 -22.68 13.70 -34.38
CA THR A 53 -21.67 13.39 -35.38
C THR A 53 -20.84 12.19 -34.92
N ASP A 54 -20.29 11.45 -35.89
CA ASP A 54 -19.57 10.22 -35.62
C ASP A 54 -18.08 10.52 -35.41
N TYR A 55 -17.69 11.77 -35.68
CA TYR A 55 -16.30 12.18 -35.56
C TYR A 55 -16.01 12.49 -34.10
N GLY A 56 -17.04 12.42 -33.26
CA GLY A 56 -16.87 12.17 -31.84
C GLY A 56 -18.20 11.88 -31.15
N LEU A 57 -18.23 10.81 -30.34
CA LEU A 57 -19.47 10.29 -29.79
C LEU A 57 -19.78 10.99 -28.48
N CYS A 58 -18.74 11.30 -27.70
CA CYS A 58 -18.90 11.85 -26.37
C CYS A 58 -19.41 13.29 -26.46
N GLY A 59 -20.67 13.48 -26.08
CA GLY A 59 -21.27 14.81 -26.04
C GLY A 59 -21.16 15.46 -24.67
N SER A 60 -20.68 14.69 -23.69
CA SER A 60 -20.53 15.17 -22.33
C SER A 60 -19.14 14.82 -21.79
N PRO A 61 -18.15 15.73 -21.88
CA PRO A 61 -16.82 15.48 -21.34
C PRO A 61 -16.81 15.41 -19.82
N MET A 62 -17.80 16.03 -19.18
CA MET A 62 -17.85 16.10 -17.73
C MET A 62 -18.24 14.73 -17.17
N VAL A 63 -19.10 14.01 -17.90
CA VAL A 63 -19.53 12.69 -17.47
C VAL A 63 -18.39 11.70 -17.71
N MET A 64 -17.79 11.77 -18.89
CA MET A 64 -16.78 10.81 -19.29
C MET A 64 -15.50 11.06 -18.52
N ALA A 65 -15.23 12.33 -18.22
CA ALA A 65 -14.12 12.71 -17.35
C ALA A 65 -14.36 12.18 -15.94
N SER A 66 -15.61 12.32 -15.48
CA SER A 66 -15.99 11.91 -14.14
C SER A 66 -15.78 10.40 -13.98
N TYR A 67 -16.15 9.65 -15.03
CA TYR A 67 -16.04 8.19 -15.01
C TYR A 67 -14.58 7.78 -14.86
N ILE A 68 -13.71 8.40 -15.67
CA ILE A 68 -12.35 7.94 -15.81
C ILE A 68 -11.56 8.28 -14.55
N LEU A 69 -12.01 9.33 -13.85
CA LEU A 69 -11.38 9.75 -12.60
C LEU A 69 -11.74 8.76 -11.49
N GLY A 70 -12.95 8.21 -11.56
CA GLY A 70 -13.34 7.12 -10.69
C GLY A 70 -12.50 5.86 -10.91
N ALA A 71 -12.14 5.63 -12.18
CA ALA A 71 -11.57 4.36 -12.59
C ALA A 71 -10.04 4.44 -12.54
N THR A 72 -9.52 5.51 -11.94
CA THR A 72 -8.08 5.75 -11.87
C THR A 72 -7.72 6.36 -10.53
N ARG A 73 -6.45 6.21 -10.14
CA ARG A 73 -5.98 6.60 -8.82
C ARG A 73 -5.21 7.91 -8.91
N ARG A 74 -4.37 8.04 -9.94
CA ARG A 74 -3.23 8.93 -9.88
C ARG A 74 -3.25 9.91 -11.06
N ILE A 75 -3.72 9.44 -12.21
CA ILE A 75 -3.71 10.23 -13.42
C ILE A 75 -4.64 11.42 -13.24
N LYS A 76 -4.30 12.55 -13.88
CA LYS A 76 -5.21 13.68 -14.00
C LYS A 76 -6.04 13.52 -15.28
N VAL A 77 -7.24 14.11 -15.26
CA VAL A 77 -8.13 14.05 -16.41
C VAL A 77 -8.59 15.46 -16.75
N GLY A 78 -8.31 15.88 -17.99
CA GLY A 78 -8.76 17.17 -18.48
C GLY A 78 -9.80 17.00 -19.60
N THR A 79 -10.53 18.08 -19.88
CA THR A 79 -11.39 18.15 -21.04
C THR A 79 -10.79 19.10 -22.07
N ALA A 80 -11.14 18.89 -23.34
CA ALA A 80 -10.59 19.66 -24.44
C ALA A 80 -11.55 19.62 -25.63
N ILE A 81 -12.65 20.38 -25.54
CA ILE A 81 -12.89 21.31 -24.44
C ILE A 81 -14.37 21.29 -24.12
N ASN A 82 -14.74 21.86 -22.97
CA ASN A 82 -16.12 22.17 -22.66
C ASN A 82 -16.56 23.37 -23.49
N ILE A 83 -17.54 23.14 -24.38
CA ILE A 83 -18.16 24.21 -25.13
C ILE A 83 -19.10 24.97 -24.20
N LEU A 84 -18.66 26.17 -23.78
CA LEU A 84 -19.20 26.83 -22.61
C LEU A 84 -20.59 27.39 -22.93
N PRO A 85 -20.75 28.12 -24.06
CA PRO A 85 -22.04 28.73 -24.40
C PRO A 85 -23.23 27.81 -24.23
N LEU A 86 -22.98 26.49 -24.27
CA LEU A 86 -24.03 25.51 -24.48
C LEU A 86 -24.62 25.08 -23.14
N GLU A 87 -23.94 25.44 -22.05
CA GLU A 87 -24.33 25.00 -20.72
C GLU A 87 -24.41 26.20 -19.79
N HIS A 88 -25.39 26.16 -18.87
CA HIS A 88 -25.49 27.17 -17.84
C HIS A 88 -24.21 27.17 -16.99
N PRO A 89 -23.63 28.35 -16.70
CA PRO A 89 -22.35 28.43 -15.99
C PRO A 89 -22.46 28.05 -14.51
N VAL A 90 -23.68 28.13 -13.97
CA VAL A 90 -23.91 27.79 -12.58
C VAL A 90 -23.95 26.28 -12.45
N ARG A 91 -24.36 25.60 -13.52
CA ARG A 91 -24.50 24.16 -13.53
C ARG A 91 -23.12 23.51 -13.65
N LEU A 92 -22.27 24.10 -14.52
CA LEU A 92 -20.95 23.56 -14.76
C LEU A 92 -20.03 23.90 -13.60
N ALA A 93 -20.28 25.04 -12.96
CA ALA A 93 -19.63 25.39 -11.71
C ALA A 93 -19.84 24.27 -10.70
N GLU A 94 -21.11 23.89 -10.50
CA GLU A 94 -21.46 22.81 -9.60
C GLU A 94 -20.70 21.54 -10.01
N GLN A 95 -20.63 21.29 -11.32
CA GLN A 95 -20.12 20.03 -11.85
C GLN A 95 -18.63 19.94 -11.56
N ALA A 96 -17.90 21.02 -11.85
CA ALA A 96 -16.44 21.01 -11.83
C ALA A 96 -15.95 21.01 -10.37
N ALA A 97 -16.65 21.77 -9.52
CA ALA A 97 -16.28 21.88 -8.12
C ALA A 97 -16.45 20.52 -7.43
N LEU A 98 -17.55 19.84 -7.76
CA LEU A 98 -17.84 18.52 -7.21
C LEU A 98 -16.75 17.54 -7.65
N LEU A 99 -16.41 17.59 -8.93
CA LEU A 99 -15.49 16.63 -9.51
C LEU A 99 -14.07 16.93 -9.04
N ASP A 100 -13.83 18.20 -8.70
CA ASP A 100 -12.59 18.61 -8.06
C ASP A 100 -12.49 17.93 -6.69
N GLN A 101 -13.61 17.94 -5.96
CA GLN A 101 -13.67 17.34 -4.64
C GLN A 101 -13.59 15.81 -4.75
N LEU A 102 -14.40 15.25 -5.66
CA LEU A 102 -14.53 13.81 -5.79
C LEU A 102 -13.19 13.22 -6.22
N SER A 103 -12.50 13.93 -7.12
CA SER A 103 -11.31 13.40 -7.78
C SER A 103 -10.05 13.71 -6.98
N ASP A 104 -10.20 14.61 -5.99
CA ASP A 104 -9.08 15.01 -5.15
C ASP A 104 -8.14 15.89 -5.97
N GLY A 105 -8.72 16.86 -6.70
CA GLY A 105 -7.94 17.88 -7.39
C GLY A 105 -7.15 17.31 -8.57
N ARG A 106 -7.71 16.30 -9.22
CA ARG A 106 -7.06 15.65 -10.35
C ARG A 106 -7.77 16.02 -11.65
N PHE A 107 -8.67 17.00 -11.58
CA PHE A 107 -9.48 17.39 -12.73
C PHE A 107 -8.91 18.67 -13.34
N ILE A 108 -9.09 18.82 -14.66
CA ILE A 108 -8.70 20.03 -15.37
C ILE A 108 -9.80 20.39 -16.36
N LEU A 109 -10.45 21.54 -16.12
CA LEU A 109 -11.59 21.96 -16.92
C LEU A 109 -11.10 22.77 -18.12
N GLY A 110 -11.02 22.12 -19.28
CA GLY A 110 -10.86 22.81 -20.55
C GLY A 110 -12.14 23.53 -20.95
N ILE A 111 -12.00 24.81 -21.33
CA ILE A 111 -13.11 25.60 -21.82
C ILE A 111 -12.81 26.05 -23.25
N GLY A 112 -13.87 26.30 -24.02
CA GLY A 112 -13.75 26.92 -25.33
C GLY A 112 -15.06 27.55 -25.78
N ARG A 113 -15.09 28.02 -27.03
CA ARG A 113 -16.21 28.79 -27.54
C ARG A 113 -17.13 27.88 -28.35
N GLY A 114 -16.53 26.87 -29.00
CA GLY A 114 -17.24 26.04 -29.97
C GLY A 114 -17.54 26.80 -31.26
N PHE A 115 -17.42 26.09 -32.39
CA PHE A 115 -17.46 26.73 -33.69
C PHE A 115 -18.39 25.97 -34.64
N PHE A 116 -19.12 24.99 -34.09
CA PHE A 116 -20.06 24.22 -34.88
C PHE A 116 -21.46 24.83 -34.75
N ASP A 117 -22.07 25.12 -35.90
CA ASP A 117 -23.30 25.88 -35.95
C ASP A 117 -24.46 25.01 -35.49
N LYS A 118 -24.45 23.75 -35.92
CA LYS A 118 -25.51 22.80 -35.61
C LYS A 118 -25.74 22.79 -34.10
N ASP A 119 -24.65 22.88 -33.34
CA ASP A 119 -24.70 22.77 -31.89
C ASP A 119 -25.58 23.90 -31.34
N PHE A 120 -25.25 25.14 -31.73
CA PHE A 120 -25.87 26.32 -31.14
C PHE A 120 -27.31 26.43 -31.64
N THR A 121 -27.60 25.78 -32.78
CA THR A 121 -28.93 25.77 -33.34
C THR A 121 -29.83 24.88 -32.48
N VAL A 122 -29.29 23.75 -32.02
CA VAL A 122 -30.09 22.69 -31.43
C VAL A 122 -30.35 23.02 -29.97
N PHE A 123 -29.35 23.63 -29.32
CA PHE A 123 -29.44 23.97 -27.90
C PHE A 123 -29.91 25.41 -27.76
N GLY A 124 -30.20 26.06 -28.89
CA GLY A 124 -30.91 27.32 -28.90
C GLY A 124 -30.02 28.47 -28.41
N VAL A 125 -28.85 28.60 -29.02
CA VAL A 125 -27.89 29.63 -28.65
C VAL A 125 -27.49 30.40 -29.91
N ASP A 126 -27.32 31.72 -29.77
CA ASP A 126 -26.89 32.57 -30.87
C ASP A 126 -25.39 32.40 -31.06
N ILE A 127 -24.99 31.91 -32.23
CA ILE A 127 -23.60 31.60 -32.51
C ILE A 127 -22.81 32.89 -32.62
N HIS A 128 -23.53 34.02 -32.69
CA HIS A 128 -22.91 35.32 -32.86
C HIS A 128 -22.41 35.84 -31.52
N ASP A 129 -22.94 35.29 -30.43
CA ASP A 129 -22.83 35.89 -29.11
C ASP A 129 -21.76 35.14 -28.31
N THR A 130 -21.05 34.21 -28.97
CA THR A 130 -20.51 33.04 -28.30
C THR A 130 -19.28 33.42 -27.49
N ARG A 131 -18.55 34.43 -27.98
CA ARG A 131 -17.31 34.85 -27.33
C ARG A 131 -17.65 35.58 -26.04
N ALA A 132 -18.59 36.53 -26.12
CA ALA A 132 -19.02 37.29 -24.95
C ALA A 132 -19.60 36.35 -23.91
N LEU A 133 -20.44 35.40 -24.37
CA LEU A 133 -21.04 34.41 -23.49
C LEU A 133 -19.95 33.64 -22.76
N THR A 134 -18.96 33.16 -23.53
CA THR A 134 -17.88 32.36 -22.99
C THR A 134 -17.19 33.13 -21.87
N HIS A 135 -16.97 34.43 -22.08
CA HIS A 135 -16.27 35.27 -21.13
C HIS A 135 -17.18 35.52 -19.92
N ASN A 136 -18.42 35.92 -20.18
CA ASN A 136 -19.39 36.16 -19.14
C ASN A 136 -19.50 34.91 -18.26
N TYR A 137 -19.65 33.75 -18.91
CA TYR A 137 -19.91 32.50 -18.23
C TYR A 137 -18.72 32.14 -17.35
N TYR A 138 -17.51 32.40 -17.86
CA TYR A 138 -16.28 32.18 -17.10
C TYR A 138 -16.32 32.99 -15.81
N ASP A 139 -16.58 34.30 -15.94
CA ASP A 139 -16.60 35.20 -14.80
C ASP A 139 -17.49 34.61 -13.71
N ILE A 140 -18.67 34.14 -14.11
CA ILE A 140 -19.70 33.70 -13.18
C ILE A 140 -19.19 32.47 -12.42
N MET A 141 -18.60 31.53 -13.16
CA MET A 141 -18.09 30.30 -12.59
C MET A 141 -16.96 30.61 -11.61
N GLN A 142 -16.06 31.50 -12.04
CA GLN A 142 -14.94 31.93 -11.22
C GLN A 142 -15.44 32.55 -9.93
N GLU A 143 -16.44 33.43 -10.06
CA GLU A 143 -17.00 34.14 -8.92
C GLU A 143 -17.65 33.16 -7.96
N ALA A 144 -18.23 32.09 -8.51
CA ALA A 144 -18.92 31.08 -7.74
C ALA A 144 -17.90 30.29 -6.90
N TRP A 145 -16.69 30.13 -7.45
CA TRP A 145 -15.69 29.26 -6.85
C TRP A 145 -14.94 30.02 -5.76
N THR A 146 -14.78 31.33 -5.95
CA THR A 146 -13.84 32.12 -5.18
C THR A 146 -14.56 32.81 -4.03
N LYS A 147 -15.83 33.17 -4.25
CA LYS A 147 -16.62 33.90 -3.26
C LYS A 147 -17.67 32.99 -2.65
N GLY A 148 -18.12 32.00 -3.43
CA GLY A 148 -19.03 30.99 -2.94
C GLY A 148 -20.49 31.39 -3.15
N VAL A 149 -20.69 32.58 -3.70
CA VAL A 149 -22.02 33.08 -4.04
C VAL A 149 -21.92 33.91 -5.32
N VAL A 150 -22.97 33.84 -6.14
CA VAL A 150 -22.95 34.47 -7.46
C VAL A 150 -24.38 34.74 -7.89
N GLY A 151 -24.63 35.98 -8.33
CA GLY A 151 -25.82 36.31 -9.10
C GLY A 151 -25.46 36.89 -10.47
N SER A 152 -26.48 37.35 -11.20
CA SER A 152 -26.28 37.96 -12.50
C SER A 152 -27.53 38.75 -12.89
N ASP A 153 -27.41 40.09 -12.84
CA ASP A 153 -28.21 40.95 -13.69
C ASP A 153 -27.40 41.31 -14.94
N GLY A 154 -26.76 40.29 -15.51
CA GLY A 154 -25.77 40.50 -16.57
C GLY A 154 -26.43 40.64 -17.93
N PRO A 155 -25.64 40.64 -19.02
CA PRO A 155 -26.18 40.88 -20.37
C PRO A 155 -26.92 39.70 -20.96
N PHE A 156 -26.77 38.52 -20.33
CA PHE A 156 -27.23 37.27 -20.91
C PHE A 156 -28.16 36.56 -19.92
N LEU A 157 -27.68 36.39 -18.68
CA LEU A 157 -28.44 35.68 -17.66
C LEU A 157 -28.86 36.66 -16.56
N ASN A 158 -30.05 36.45 -16.03
CA ASN A 158 -30.59 37.27 -14.95
C ASN A 158 -31.10 36.37 -13.84
N PHE A 159 -30.34 36.28 -12.74
CA PHE A 159 -30.77 35.53 -11.58
C PHE A 159 -30.17 36.15 -10.33
N PRO A 160 -30.86 36.07 -9.16
CA PRO A 160 -30.37 36.67 -7.93
C PRO A 160 -29.15 35.94 -7.38
N PRO A 161 -28.35 36.59 -6.50
CA PRO A 161 -27.22 35.92 -5.85
C PRO A 161 -27.66 34.68 -5.05
N VAL A 162 -26.98 33.56 -5.30
CA VAL A 162 -27.20 32.34 -4.54
C VAL A 162 -25.86 31.65 -4.32
N PRO A 163 -25.68 30.97 -3.16
CA PRO A 163 -24.49 30.16 -2.93
C PRO A 163 -24.43 28.95 -3.87
N VAL A 164 -23.23 28.66 -4.37
CA VAL A 164 -23.01 27.51 -5.23
C VAL A 164 -22.09 26.54 -4.49
N ASN A 165 -22.56 25.29 -4.32
CA ASN A 165 -21.83 24.28 -3.60
C ASN A 165 -21.50 23.12 -4.55
N PRO A 166 -20.49 22.28 -4.23
CA PRO A 166 -19.56 22.57 -3.15
C PRO A 166 -18.52 23.63 -3.52
N ARG A 167 -17.68 23.99 -2.55
CA ARG A 167 -16.45 24.71 -2.82
C ARG A 167 -15.44 23.76 -3.46
N PRO A 168 -14.62 24.23 -4.43
CA PRO A 168 -13.50 23.46 -4.95
C PRO A 168 -12.62 22.88 -3.84
N TYR A 169 -12.02 21.72 -4.14
CA TYR A 169 -10.95 21.16 -3.32
C TYR A 169 -9.68 21.98 -3.54
N SER A 170 -9.39 22.31 -4.80
CA SER A 170 -8.24 23.11 -5.16
C SER A 170 -8.42 24.54 -4.67
N ASP A 171 -7.30 25.19 -4.31
CA ASP A 171 -7.30 26.60 -3.98
C ASP A 171 -7.75 27.41 -5.19
N LYS A 172 -7.38 26.92 -6.38
CA LYS A 172 -7.82 27.50 -7.63
C LYS A 172 -8.19 26.37 -8.59
N MET A 173 -9.32 26.55 -9.29
CA MET A 173 -9.83 25.54 -10.22
C MET A 173 -8.84 25.39 -11.37
N PRO A 174 -8.18 24.22 -11.52
CA PRO A 174 -7.32 23.95 -12.67
C PRO A 174 -8.11 24.00 -13.98
N MET A 175 -7.61 24.79 -14.93
CA MET A 175 -8.32 25.01 -16.19
C MET A 175 -7.30 25.14 -17.32
N VAL A 176 -7.78 24.92 -18.56
CA VAL A 176 -7.09 25.39 -19.74
C VAL A 176 -8.11 26.05 -20.67
N CYS A 177 -7.60 26.75 -21.69
CA CYS A 177 -8.43 27.52 -22.59
C CYS A 177 -8.01 27.25 -24.03
N ALA A 178 -8.99 26.86 -24.85
CA ALA A 178 -8.80 26.78 -26.29
C ALA A 178 -8.73 28.19 -26.88
N ALA A 179 -7.65 28.46 -27.63
CA ALA A 179 -7.38 29.79 -28.14
C ALA A 179 -6.74 29.68 -29.52
N MET A 180 -7.53 30.04 -30.55
CA MET A 180 -7.05 30.05 -31.92
C MET A 180 -6.71 31.47 -32.33
N SER A 181 -7.61 32.41 -32.01
CA SER A 181 -7.52 33.77 -32.51
C SER A 181 -6.76 34.65 -31.53
N PRO A 182 -6.14 35.76 -32.00
CA PRO A 182 -5.41 36.67 -31.12
C PRO A 182 -6.27 37.22 -29.98
N SER A 183 -7.50 37.62 -30.29
CA SER A 183 -8.35 38.34 -29.36
C SER A 183 -8.64 37.47 -28.14
N THR A 184 -8.77 36.16 -28.37
CA THR A 184 -8.99 35.21 -27.28
C THR A 184 -7.69 35.00 -26.53
N ILE A 185 -6.59 34.80 -27.27
CA ILE A 185 -5.27 34.61 -26.69
C ILE A 185 -5.00 35.73 -25.69
N GLU A 186 -5.43 36.94 -26.05
CA GLU A 186 -5.30 38.11 -25.18
C GLU A 186 -6.10 37.88 -23.90
N TRP A 187 -7.35 37.41 -24.06
CA TRP A 187 -8.23 37.20 -22.93
C TRP A 187 -7.66 36.13 -22.00
N ALA A 188 -7.28 34.99 -22.59
CA ALA A 188 -6.64 33.92 -21.84
C ALA A 188 -5.55 34.50 -20.94
N ALA A 189 -4.56 35.15 -21.58
CA ALA A 189 -3.41 35.67 -20.87
C ALA A 189 -3.87 36.61 -19.77
N LYS A 190 -4.78 37.53 -20.11
CA LYS A 190 -5.26 38.54 -19.18
C LYS A 190 -5.79 37.85 -17.92
N ASN A 191 -6.27 36.61 -18.08
CA ASN A 191 -6.96 35.90 -17.02
C ASN A 191 -6.06 34.79 -16.47
N GLY A 192 -4.77 34.88 -16.78
CA GLY A 192 -3.79 33.92 -16.28
C GLY A 192 -4.18 32.48 -16.63
N LEU A 193 -4.66 32.29 -17.88
CA LEU A 193 -5.34 31.07 -18.26
C LEU A 193 -4.50 30.32 -19.29
N PRO A 194 -3.90 29.17 -18.93
CA PRO A 194 -3.12 28.36 -19.86
C PRO A 194 -3.86 28.06 -21.16
N MET A 195 -3.10 27.94 -22.26
CA MET A 195 -3.66 27.63 -23.56
C MET A 195 -3.59 26.12 -23.79
N ILE A 196 -4.56 25.60 -24.54
CA ILE A 196 -4.43 24.29 -25.16
C ILE A 196 -4.70 24.43 -26.65
N MET A 197 -3.75 23.96 -27.47
CA MET A 197 -3.76 24.22 -28.89
C MET A 197 -4.06 22.92 -29.64
N GLN A 198 -4.84 23.04 -30.72
CA GLN A 198 -5.19 21.89 -31.55
C GLN A 198 -3.98 21.50 -32.40
N HIS A 199 -4.14 20.43 -33.18
CA HIS A 199 -3.00 19.69 -33.72
C HIS A 199 -2.83 20.00 -35.21
N ASP A 200 -3.41 21.12 -35.65
CA ASP A 200 -3.45 21.47 -37.06
C ASP A 200 -2.92 22.89 -37.25
N ILE A 201 -2.06 23.33 -36.34
CA ILE A 201 -1.51 24.67 -36.37
C ILE A 201 -0.08 24.60 -36.92
N GLU A 202 0.20 25.43 -37.92
CA GLU A 202 1.53 25.55 -38.49
C GLU A 202 2.52 25.92 -37.38
N HIS A 203 3.77 25.47 -37.52
CA HIS A 203 4.77 25.64 -36.49
C HIS A 203 5.03 27.12 -36.23
N ASN A 204 5.02 27.91 -37.31
CA ASN A 204 5.27 29.34 -37.22
C ASN A 204 4.25 29.99 -36.29
N GLU A 205 3.02 29.46 -36.31
CA GLU A 205 1.88 30.16 -35.75
C GLU A 205 1.83 29.95 -34.24
N LYS A 206 2.12 28.73 -33.79
CA LYS A 206 2.07 28.41 -32.37
C LYS A 206 3.21 29.14 -31.66
N ALA A 207 4.33 29.32 -32.36
CA ALA A 207 5.39 30.21 -31.91
C ALA A 207 4.80 31.60 -31.66
N SER A 208 4.05 32.11 -32.64
CA SER A 208 3.45 33.44 -32.57
C SER A 208 2.47 33.50 -31.41
N ASN A 209 1.66 32.44 -31.26
CA ASN A 209 0.60 32.40 -30.26
C ASN A 209 1.20 32.55 -28.87
N VAL A 210 2.26 31.78 -28.61
CA VAL A 210 2.90 31.76 -27.30
C VAL A 210 3.54 33.12 -27.04
N GLU A 211 4.31 33.61 -28.02
CA GLU A 211 4.94 34.92 -27.94
C GLU A 211 3.89 35.96 -27.56
N LEU A 212 2.82 36.03 -28.36
CA LEU A 212 1.75 37.00 -28.14
C LEU A 212 1.21 36.84 -26.73
N TYR A 213 1.00 35.59 -26.30
CA TYR A 213 0.46 35.30 -24.99
C TYR A 213 1.35 35.91 -23.92
N ARG A 214 2.65 35.57 -23.97
CA ARG A 214 3.62 36.06 -23.02
C ARG A 214 3.53 37.59 -22.94
N ALA A 215 3.57 38.24 -24.11
CA ALA A 215 3.63 39.68 -24.20
C ALA A 215 2.44 40.30 -23.46
N LEU A 216 1.26 39.71 -23.67
CA LEU A 216 0.03 40.26 -23.12
C LEU A 216 -0.09 39.86 -21.65
N ALA A 217 0.43 38.68 -21.31
CA ALA A 217 0.45 38.22 -19.94
C ALA A 217 1.19 39.22 -19.06
N GLU A 218 2.45 39.49 -19.41
CA GLU A 218 3.32 40.32 -18.59
C GLU A 218 2.69 41.70 -18.43
N GLU A 219 2.19 42.24 -19.54
CA GLU A 219 1.49 43.53 -19.53
C GLU A 219 0.48 43.54 -18.38
N HIS A 220 -0.36 42.50 -18.32
CA HIS A 220 -1.44 42.43 -17.36
C HIS A 220 -0.97 41.78 -16.06
N GLY A 221 0.34 41.90 -15.79
CA GLY A 221 0.86 41.77 -14.44
C GLY A 221 0.95 40.31 -13.98
N HIS A 222 0.83 39.38 -14.95
CA HIS A 222 0.98 37.96 -14.67
C HIS A 222 2.37 37.50 -15.07
N ASP A 223 2.89 36.50 -14.37
CA ASP A 223 4.14 35.85 -14.74
C ASP A 223 3.84 34.75 -15.74
N PRO A 224 4.40 34.84 -16.97
CA PRO A 224 4.08 33.88 -18.03
C PRO A 224 4.81 32.54 -17.89
N ASP A 225 5.88 32.55 -17.09
CA ASP A 225 6.70 31.36 -16.90
C ASP A 225 5.95 30.37 -16.00
N GLY A 226 5.05 30.90 -15.17
CA GLY A 226 4.32 30.10 -14.20
C GLY A 226 3.13 29.38 -14.84
N ILE A 227 3.00 29.51 -16.16
CA ILE A 227 1.84 29.01 -16.88
C ILE A 227 2.29 27.89 -17.81
N GLU A 228 1.54 26.78 -17.80
CA GLU A 228 1.93 25.57 -18.52
C GLU A 228 0.98 25.36 -19.69
N HIS A 229 1.48 25.61 -20.91
CA HIS A 229 0.65 25.52 -22.10
C HIS A 229 0.66 24.09 -22.63
N THR A 230 -0.32 23.77 -23.47
CA THR A 230 -0.58 22.40 -23.90
C THR A 230 -0.75 22.37 -25.41
N ILE A 231 -0.33 21.25 -26.03
CA ILE A 231 -0.39 21.10 -27.47
C ILE A 231 -0.85 19.68 -27.78
N ALA A 232 -1.76 19.57 -28.76
CA ALA A 232 -2.29 18.28 -29.19
C ALA A 232 -1.49 17.78 -30.40
N MET A 233 -1.30 16.45 -30.46
CA MET A 233 -0.42 15.85 -31.44
C MET A 233 -0.89 14.44 -31.75
N ILE A 234 -1.16 14.17 -33.03
CA ILE A 234 -1.46 12.82 -33.49
C ILE A 234 -0.17 12.03 -33.56
N VAL A 235 -0.11 10.93 -32.80
CA VAL A 235 1.05 10.05 -32.80
C VAL A 235 0.68 8.73 -33.47
N ALA A 236 1.55 8.28 -34.38
CA ALA A 236 1.41 6.96 -34.97
C ALA A 236 2.78 6.47 -35.46
N VAL A 237 3.35 5.51 -34.73
CA VAL A 237 4.77 5.20 -34.83
C VAL A 237 4.92 3.76 -35.32
N ASP A 238 5.72 3.57 -36.37
CA ASP A 238 5.90 2.27 -36.98
C ASP A 238 7.24 2.23 -37.72
N PRO A 239 7.96 1.10 -37.69
CA PRO A 239 9.14 0.90 -38.53
C PRO A 239 8.93 1.28 -39.99
N ASP A 240 7.78 0.86 -40.54
CA ASP A 240 7.48 1.06 -41.95
C ASP A 240 6.79 2.41 -42.12
N ARG A 241 7.54 3.40 -42.60
CA ARG A 241 7.07 4.77 -42.68
C ARG A 241 5.74 4.80 -43.44
N GLU A 242 5.67 4.05 -44.54
CA GLU A 242 4.66 4.27 -45.56
C GLU A 242 3.44 3.40 -45.29
N ARG A 243 3.60 2.41 -44.40
CA ARG A 243 2.47 1.65 -43.90
C ARG A 243 1.67 2.52 -42.93
N VAL A 244 2.34 3.03 -41.89
CA VAL A 244 1.69 3.81 -40.86
C VAL A 244 1.07 5.04 -41.50
N ARG A 245 1.78 5.64 -42.46
CA ARG A 245 1.34 6.87 -43.09
C ARG A 245 0.07 6.60 -43.90
N GLU A 246 0.05 5.48 -44.61
CA GLU A 246 -1.11 5.10 -45.40
C GLU A 246 -2.29 4.81 -44.48
N GLU A 247 -2.01 4.20 -43.33
CA GLU A 247 -3.04 3.80 -42.38
C GLU A 247 -3.73 5.06 -41.86
N CYS A 248 -2.94 6.07 -41.50
CA CYS A 248 -3.44 7.28 -40.87
C CYS A 248 -4.11 8.16 -41.93
N ARG A 249 -3.64 8.06 -43.17
CA ARG A 249 -4.18 8.82 -44.28
C ARG A 249 -5.62 8.38 -44.54
N HIS A 250 -5.84 7.06 -44.57
CA HIS A 250 -7.15 6.50 -44.82
C HIS A 250 -8.11 6.94 -43.72
N TYR A 251 -7.65 6.88 -42.47
CA TYR A 251 -8.46 7.24 -41.32
C TYR A 251 -8.84 8.72 -41.41
N LEU A 252 -7.84 9.56 -41.68
CA LEU A 252 -8.00 11.01 -41.55
C LEU A 252 -8.78 11.55 -42.74
N ASN A 253 -8.69 10.85 -43.87
CA ASN A 253 -9.57 11.10 -45.00
C ASN A 253 -11.01 11.12 -44.52
N TRP A 254 -11.45 9.99 -43.94
CA TRP A 254 -12.78 9.88 -43.37
C TRP A 254 -12.99 11.01 -42.37
N PHE A 255 -12.03 11.17 -41.44
CA PHE A 255 -12.20 12.02 -40.28
C PHE A 255 -12.59 13.42 -40.74
N GLU A 256 -11.75 14.02 -41.60
CA GLU A 256 -11.89 15.42 -41.97
C GLU A 256 -13.01 15.56 -42.99
N ASP A 257 -13.41 14.44 -43.59
CA ASP A 257 -14.61 14.39 -44.41
C ASP A 257 -15.83 14.50 -43.49
N ALA A 258 -15.77 13.81 -42.35
CA ALA A 258 -16.85 13.81 -41.39
C ALA A 258 -16.98 15.18 -40.75
N VAL A 259 -15.85 15.86 -40.55
CA VAL A 259 -15.81 17.17 -39.94
C VAL A 259 -16.49 18.16 -40.88
N GLU A 260 -16.39 17.91 -42.20
CA GLU A 260 -16.99 18.76 -43.20
C GLU A 260 -18.51 18.62 -43.15
N LYS A 261 -18.98 17.36 -43.12
CA LYS A 261 -20.40 17.07 -43.17
C LYS A 261 -21.08 17.59 -41.92
N ALA A 262 -20.31 17.72 -40.84
CA ALA A 262 -20.83 18.17 -39.55
C ALA A 262 -21.29 19.62 -39.66
N GLN A 263 -20.55 20.41 -40.43
CA GLN A 263 -20.88 21.81 -40.65
C GLN A 263 -22.26 21.91 -41.31
N ASN A 264 -22.54 20.95 -42.21
CA ASN A 264 -23.80 20.91 -42.93
C ASN A 264 -24.80 20.04 -42.15
N TRP A 279 -27.83 15.99 -65.33
CA TRP A 279 -27.63 17.47 -65.21
C TRP A 279 -27.11 17.81 -63.83
N HIS A 280 -27.79 17.27 -62.80
CA HIS A 280 -27.38 17.44 -61.42
C HIS A 280 -26.49 16.28 -60.99
N LEU A 281 -26.29 15.32 -61.90
CA LEU A 281 -25.33 14.25 -61.71
C LEU A 281 -23.92 14.77 -62.00
N ARG A 282 -23.84 15.78 -62.88
CA ARG A 282 -22.58 16.37 -63.27
C ARG A 282 -22.14 17.37 -62.21
N LYS A 283 -23.12 17.95 -61.51
CA LYS A 283 -22.88 19.03 -60.56
C LYS A 283 -22.50 18.44 -59.20
N TRP A 284 -22.92 17.20 -58.97
CA TRP A 284 -22.55 16.47 -57.76
C TRP A 284 -21.18 15.82 -57.95
N ARG A 285 -20.90 15.38 -59.19
CA ARG A 285 -19.67 14.67 -59.50
C ARG A 285 -18.50 15.66 -59.53
N GLU A 286 -18.83 16.95 -59.66
CA GLU A 286 -17.84 18.01 -59.58
C GLU A 286 -17.77 18.54 -58.15
N ALA A 287 -18.46 17.86 -57.23
CA ALA A 287 -18.44 18.21 -55.82
C ALA A 287 -17.64 17.16 -55.04
N VAL A 288 -17.59 15.93 -55.59
CA VAL A 288 -16.86 14.85 -54.95
C VAL A 288 -15.36 15.03 -55.20
N ILE A 289 -15.03 15.48 -56.43
CA ILE A 289 -13.64 15.71 -56.80
C ILE A 289 -13.14 16.95 -56.06
N LYS A 290 -13.98 18.00 -56.02
CA LYS A 290 -13.59 19.28 -55.46
C LYS A 290 -13.49 19.16 -53.94
N GLY A 291 -14.32 18.29 -53.37
CA GLY A 291 -14.26 17.97 -51.95
C GLY A 291 -13.04 17.12 -51.61
N ASP A 292 -12.74 16.15 -52.47
CA ASP A 292 -11.80 15.08 -52.15
C ASP A 292 -10.38 15.62 -52.24
N THR A 293 -10.22 16.78 -52.89
CA THR A 293 -8.93 17.43 -53.00
C THR A 293 -8.74 18.39 -51.83
N ALA A 294 -9.82 19.09 -51.47
CA ALA A 294 -9.82 19.97 -50.32
C ALA A 294 -9.52 19.19 -49.05
N ILE A 295 -10.03 17.96 -48.98
CA ILE A 295 -9.81 17.09 -47.84
C ILE A 295 -8.39 16.52 -47.91
N SER A 296 -7.92 16.29 -49.12
CA SER A 296 -6.58 15.75 -49.34
C SER A 296 -5.54 16.73 -48.83
N LYS A 297 -5.86 18.03 -48.94
CA LYS A 297 -4.91 19.09 -48.60
C LYS A 297 -4.79 19.20 -47.08
N VAL A 298 -5.91 19.01 -46.39
CA VAL A 298 -5.95 19.08 -44.93
C VAL A 298 -5.19 17.88 -44.36
N VAL A 299 -5.28 16.74 -45.04
CA VAL A 299 -4.75 15.49 -44.53
C VAL A 299 -3.25 15.45 -44.78
N ASP A 300 -2.80 16.13 -45.83
CA ASP A 300 -1.38 16.26 -46.12
C ASP A 300 -0.71 17.09 -45.02
N ASN A 301 -1.43 18.12 -44.55
CA ASN A 301 -0.92 18.99 -43.51
C ASN A 301 -0.78 18.21 -42.20
N LEU A 302 -1.76 17.35 -41.93
CA LEU A 302 -1.85 16.65 -40.66
C LEU A 302 -0.69 15.66 -40.53
N LEU A 303 -0.34 15.02 -41.65
CA LEU A 303 0.72 14.02 -41.67
C LEU A 303 2.06 14.72 -41.51
N ARG A 304 2.14 15.97 -41.98
CA ARG A 304 3.37 16.75 -41.93
C ARG A 304 3.57 17.30 -40.53
N LEU A 305 2.47 17.75 -39.92
CA LEU A 305 2.52 18.55 -38.70
C LEU A 305 2.68 17.64 -37.49
N ASN A 306 2.36 16.35 -37.68
CA ASN A 306 2.11 15.45 -36.56
C ASN A 306 3.08 14.28 -36.64
N ALA A 307 3.18 13.55 -35.51
CA ALA A 307 4.27 12.61 -35.30
C ALA A 307 3.90 11.24 -35.86
N ILE A 308 3.93 11.12 -37.20
CA ILE A 308 3.46 9.94 -37.88
C ILE A 308 4.57 9.41 -38.79
N GLY A 309 5.30 8.40 -38.30
CA GLY A 309 6.28 7.72 -39.11
C GLY A 309 7.05 6.68 -38.30
N THR A 310 8.38 6.64 -38.50
CA THR A 310 9.26 5.85 -37.67
C THR A 310 9.53 6.60 -36.36
N PRO A 311 10.04 5.92 -35.31
CA PRO A 311 10.38 6.58 -34.05
C PRO A 311 11.19 7.86 -34.28
N GLU A 312 11.99 7.88 -35.34
CA GLU A 312 12.91 8.97 -35.60
C GLU A 312 12.13 10.19 -36.09
N ASP A 313 11.19 9.96 -37.02
CA ASP A 313 10.32 11.01 -37.51
C ASP A 313 9.58 11.65 -36.34
N ALA A 314 9.03 10.80 -35.46
CA ALA A 314 8.26 11.27 -34.33
C ALA A 314 9.14 12.15 -33.44
N ILE A 315 10.32 11.63 -33.08
CA ILE A 315 11.22 12.32 -32.16
C ILE A 315 11.53 13.70 -32.73
N GLU A 316 11.73 13.77 -34.05
CA GLU A 316 12.13 15.00 -34.71
C GLU A 316 11.00 16.01 -34.65
N THR A 317 9.77 15.53 -34.88
CA THR A 317 8.61 16.40 -35.02
C THR A 317 8.19 16.91 -33.64
N ILE A 318 8.16 16.00 -32.67
CA ILE A 318 7.69 16.33 -31.32
C ILE A 318 8.62 17.37 -30.72
N GLN A 319 9.93 17.12 -30.82
CA GLN A 319 10.91 17.92 -30.12
C GLN A 319 10.94 19.32 -30.72
N HIS A 320 10.73 19.41 -32.03
CA HIS A 320 10.71 20.69 -32.71
C HIS A 320 9.53 21.52 -32.21
N VAL A 321 8.38 20.87 -32.05
CA VAL A 321 7.16 21.55 -31.65
C VAL A 321 7.32 22.07 -30.22
N ILE A 322 8.06 21.31 -29.41
CA ILE A 322 8.33 21.69 -28.03
C ILE A 322 9.28 22.88 -28.01
N ASP A 323 10.25 22.87 -28.94
CA ASP A 323 11.35 23.84 -28.94
C ASP A 323 10.79 25.23 -29.24
N VAL A 324 9.82 25.29 -30.17
CA VAL A 324 9.41 26.55 -30.75
C VAL A 324 8.23 27.12 -29.95
N THR A 325 7.72 26.32 -29.01
CA THR A 325 6.51 26.67 -28.27
C THR A 325 6.83 26.80 -26.79
N GLY A 326 7.60 25.83 -26.27
CA GLY A 326 7.93 25.78 -24.86
C GLY A 326 6.76 25.26 -24.01
N VAL A 327 5.99 24.33 -24.58
CA VAL A 327 4.87 23.71 -23.88
C VAL A 327 5.41 22.64 -22.94
N LYS A 328 4.75 22.49 -21.79
CA LYS A 328 5.19 21.55 -20.77
C LYS A 328 4.25 20.33 -20.78
N ARG A 329 3.14 20.46 -21.51
CA ARG A 329 2.17 19.38 -21.65
C ARG A 329 1.91 19.13 -23.13
N VAL A 330 2.21 17.90 -23.57
CA VAL A 330 1.83 17.45 -24.90
C VAL A 330 0.85 16.29 -24.78
N VAL A 331 -0.28 16.42 -25.48
CA VAL A 331 -1.35 15.43 -25.41
C VAL A 331 -1.44 14.71 -26.74
N VAL A 332 -1.33 13.38 -26.70
CA VAL A 332 -1.17 12.57 -27.90
C VAL A 332 -2.42 11.73 -28.11
N GLY A 333 -2.80 11.55 -29.37
CA GLY A 333 -3.85 10.63 -29.75
C GLY A 333 -3.35 9.53 -30.69
N PHE A 334 -3.77 8.30 -30.43
CA PHE A 334 -3.11 7.12 -30.97
C PHE A 334 -4.03 6.40 -31.94
N GLU A 335 -5.26 6.91 -32.09
CA GLU A 335 -6.38 6.10 -32.54
C GLU A 335 -6.35 5.94 -34.05
N ALA A 336 -5.61 6.84 -34.72
CA ALA A 336 -5.68 6.98 -36.16
C ALA A 336 -5.18 5.70 -36.84
N ILE A 337 -4.31 4.96 -36.14
CA ILE A 337 -3.49 3.94 -36.78
C ILE A 337 -4.33 2.68 -36.97
N GLY A 338 -5.47 2.60 -36.29
CA GLY A 338 -6.40 1.50 -36.44
C GLY A 338 -7.03 1.09 -35.11
N ASP A 339 -7.19 -0.22 -34.92
CA ASP A 339 -7.91 -0.75 -33.78
C ASP A 339 -6.93 -0.98 -32.63
N ARG A 340 -7.40 -1.69 -31.59
CA ARG A 340 -6.69 -1.80 -30.33
C ARG A 340 -5.33 -2.48 -30.56
N ASP A 341 -5.31 -3.49 -31.44
CA ASP A 341 -4.13 -4.29 -31.68
C ASP A 341 -3.01 -3.38 -32.20
N ARG A 342 -3.36 -2.49 -33.13
CA ARG A 342 -2.37 -1.66 -33.81
C ARG A 342 -1.97 -0.49 -32.91
N VAL A 343 -2.95 0.00 -32.14
CA VAL A 343 -2.72 1.14 -31.26
C VAL A 343 -1.72 0.74 -30.18
N LEU A 344 -1.82 -0.53 -29.73
CA LEU A 344 -1.02 -1.01 -28.62
C LEU A 344 0.43 -1.20 -29.09
N GLU A 345 0.60 -1.62 -30.34
CA GLU A 345 1.91 -1.68 -30.97
C GLU A 345 2.50 -0.27 -31.06
N SER A 346 1.68 0.66 -31.56
CA SER A 346 2.09 2.04 -31.75
C SER A 346 2.47 2.67 -30.41
N MET A 347 1.71 2.34 -29.36
CA MET A 347 1.88 2.95 -28.05
C MET A 347 3.15 2.43 -27.41
N LYS A 348 3.57 1.22 -27.82
CA LYS A 348 4.71 0.55 -27.22
C LYS A 348 6.01 1.11 -27.81
N LEU A 349 5.98 1.40 -29.12
CA LEU A 349 7.11 2.03 -29.79
C LEU A 349 7.31 3.45 -29.25
N PHE A 350 6.20 4.19 -29.16
CA PHE A 350 6.25 5.54 -28.61
C PHE A 350 6.97 5.52 -27.26
N ASP A 351 6.54 4.59 -26.40
CA ASP A 351 6.95 4.60 -25.00
C ASP A 351 8.45 4.35 -24.92
N GLU A 352 8.94 3.47 -25.80
CA GLU A 352 10.24 2.85 -25.61
C GLU A 352 11.28 3.59 -26.46
N GLN A 353 10.87 4.05 -27.64
CA GLN A 353 11.82 4.41 -28.69
C GLN A 353 11.67 5.88 -29.07
N VAL A 354 10.67 6.55 -28.48
CA VAL A 354 10.37 7.93 -28.80
C VAL A 354 10.37 8.75 -27.50
N ARG A 355 9.49 8.36 -26.58
CA ARG A 355 9.24 9.14 -25.36
C ARG A 355 10.55 9.48 -24.67
N PRO A 356 11.45 8.48 -24.46
CA PRO A 356 12.63 8.68 -23.61
C PRO A 356 13.66 9.65 -24.20
N HIS A 357 13.36 10.20 -25.38
CA HIS A 357 14.32 11.00 -26.12
C HIS A 357 13.74 12.39 -26.43
N ILE A 358 12.82 12.84 -25.57
CA ILE A 358 12.16 14.12 -25.74
C ILE A 358 12.43 14.99 -24.52
N ARG A 359 12.83 16.24 -24.76
CA ARG A 359 13.28 17.13 -23.70
C ARG A 359 12.34 18.33 -23.62
N GLY A 360 12.49 19.11 -22.55
CA GLY A 360 11.77 20.37 -22.39
C GLY A 360 12.35 21.47 -23.27
N ALA A 361 12.15 22.72 -22.86
CA ALA A 361 12.28 23.87 -23.75
C ALA A 361 13.73 23.97 -24.24
N GLU B 5 -38.55 -13.86 -2.74
CA GLU B 5 -38.38 -13.25 -1.40
C GLU B 5 -36.96 -12.71 -1.26
N ASP B 6 -36.51 -11.95 -2.26
CA ASP B 6 -35.21 -11.31 -2.23
C ASP B 6 -35.37 -9.84 -2.58
N ILE B 7 -35.09 -8.97 -1.60
CA ILE B 7 -35.14 -7.53 -1.80
C ILE B 7 -33.80 -7.05 -2.35
N LYS B 8 -33.86 -6.29 -3.45
CA LYS B 8 -32.72 -5.51 -3.91
C LYS B 8 -32.49 -4.35 -2.96
N TRP B 9 -31.26 -4.25 -2.44
CA TRP B 9 -30.96 -3.31 -1.37
C TRP B 9 -30.17 -2.12 -1.93
N GLY B 10 -30.76 -0.93 -1.82
CA GLY B 10 -30.12 0.29 -2.27
C GLY B 10 -29.42 1.01 -1.11
N MET B 11 -28.53 1.95 -1.46
CA MET B 11 -27.78 2.71 -0.48
C MET B 11 -27.59 4.13 -0.98
N PHE B 12 -28.21 5.08 -0.29
CA PHE B 12 -28.08 6.50 -0.61
C PHE B 12 -26.67 6.95 -0.27
N LEU B 13 -26.06 7.72 -1.19
CA LEU B 13 -24.89 8.51 -0.87
C LEU B 13 -25.31 9.97 -0.68
N ASN B 14 -25.68 10.29 0.57
CA ASN B 14 -26.14 11.63 0.93
C ASN B 14 -24.95 12.58 0.89
N THR B 15 -25.23 13.83 0.48
CA THR B 15 -24.25 14.90 0.57
C THR B 15 -24.84 16.05 1.38
N ALA B 16 -25.78 15.72 2.28
CA ALA B 16 -26.25 16.66 3.28
C ALA B 16 -25.08 17.06 4.18
N ARG B 17 -25.07 18.33 4.58
CA ARG B 17 -23.97 18.88 5.37
C ARG B 17 -24.53 19.58 6.60
N PRO B 18 -24.75 18.84 7.70
CA PRO B 18 -24.92 19.45 9.02
C PRO B 18 -23.80 20.43 9.37
N PRO B 19 -24.03 21.34 10.34
CA PRO B 19 -23.02 22.34 10.71
C PRO B 19 -21.70 21.73 11.17
N GLN B 20 -21.77 20.52 11.74
CA GLN B 20 -20.66 19.96 12.49
C GLN B 20 -19.77 19.13 11.57
N PHE B 21 -20.07 19.16 10.27
CA PHE B 21 -19.24 18.50 9.27
C PHE B 21 -18.72 19.54 8.28
N THR B 22 -17.56 19.22 7.67
CA THR B 22 -17.04 19.99 6.55
C THR B 22 -17.55 19.37 5.24
N GLU B 23 -17.49 20.17 4.17
CA GLU B 23 -17.84 19.69 2.84
C GLU B 23 -17.02 18.45 2.51
N ARG B 24 -15.70 18.53 2.74
CA ARG B 24 -14.78 17.44 2.46
C ARG B 24 -15.27 16.16 3.15
N ARG B 25 -15.53 16.27 4.45
CA ARG B 25 -15.89 15.11 5.26
C ARG B 25 -17.11 14.43 4.63
N VAL B 26 -18.15 15.23 4.37
CA VAL B 26 -19.41 14.73 3.87
C VAL B 26 -19.19 14.04 2.53
N LEU B 27 -18.35 14.64 1.69
CA LEU B 27 -18.13 14.16 0.33
C LEU B 27 -17.24 12.91 0.37
N GLU B 28 -16.22 12.94 1.22
CA GLU B 28 -15.34 11.79 1.43
C GLU B 28 -16.16 10.62 1.97
N ASN B 29 -17.05 10.93 2.91
CA ASN B 29 -17.91 9.93 3.51
C ASN B 29 -18.77 9.29 2.43
N ALA B 30 -19.33 10.13 1.55
CA ALA B 30 -20.19 9.66 0.47
C ALA B 30 -19.42 8.69 -0.42
N LYS B 31 -18.21 9.09 -0.82
CA LYS B 31 -17.33 8.27 -1.63
C LYS B 31 -17.08 6.94 -0.93
N PHE B 32 -16.93 7.00 0.40
CA PHE B 32 -16.49 5.86 1.18
C PHE B 32 -17.64 4.86 1.32
N TYR B 33 -18.86 5.39 1.51
CA TYR B 33 -20.04 4.55 1.62
C TYR B 33 -20.32 3.88 0.27
N GLY B 34 -19.94 4.57 -0.81
CA GLY B 34 -20.05 4.01 -2.15
C GLY B 34 -19.21 2.74 -2.30
N GLN B 35 -18.09 2.68 -1.57
CA GLN B 35 -17.19 1.54 -1.64
C GLN B 35 -17.64 0.47 -0.66
N VAL B 36 -18.21 0.91 0.47
CA VAL B 36 -18.80 0.00 1.44
C VAL B 36 -19.95 -0.75 0.78
N ALA B 37 -20.70 -0.03 -0.07
CA ALA B 37 -21.86 -0.60 -0.74
C ALA B 37 -21.42 -1.71 -1.69
N GLU B 38 -20.29 -1.47 -2.38
CA GLU B 38 -19.71 -2.47 -3.26
C GLU B 38 -19.32 -3.69 -2.44
N GLU B 39 -18.57 -3.47 -1.36
CA GLU B 39 -17.98 -4.55 -0.57
C GLU B 39 -19.09 -5.45 -0.03
N MET B 40 -20.19 -4.83 0.42
CA MET B 40 -21.14 -5.48 1.30
C MET B 40 -22.36 -5.92 0.50
N GLY B 41 -22.21 -5.92 -0.84
CA GLY B 41 -23.15 -6.61 -1.70
C GLY B 41 -24.52 -5.92 -1.71
N PHE B 42 -24.50 -4.60 -1.80
CA PHE B 42 -25.70 -3.83 -2.11
C PHE B 42 -25.97 -3.93 -3.61
N GLU B 43 -27.26 -3.91 -3.96
CA GLU B 43 -27.68 -3.92 -5.36
C GLU B 43 -27.19 -2.64 -6.03
N SER B 44 -27.29 -1.51 -5.32
CA SER B 44 -27.30 -0.20 -5.94
C SER B 44 -26.80 0.86 -4.97
N ALA B 45 -26.28 1.96 -5.53
CA ALA B 45 -26.07 3.20 -4.79
C ALA B 45 -26.69 4.36 -5.56
N TRP B 46 -27.16 5.37 -4.81
CA TRP B 46 -28.12 6.32 -5.34
C TRP B 46 -27.69 7.75 -5.00
N MET B 47 -27.92 8.66 -5.96
CA MET B 47 -27.44 10.03 -5.86
C MET B 47 -28.62 10.99 -5.87
N LEU B 48 -28.41 12.18 -5.31
CA LEU B 48 -29.45 13.20 -5.22
C LEU B 48 -28.98 14.47 -5.90
N GLU B 49 -29.95 15.31 -6.29
CA GLU B 49 -29.67 16.61 -6.87
C GLU B 49 -30.26 17.70 -5.97
N HIS B 50 -29.43 18.69 -5.63
CA HIS B 50 -29.90 19.84 -4.87
C HIS B 50 -28.99 21.04 -5.14
N HIS B 51 -29.56 22.24 -4.99
CA HIS B 51 -28.91 23.47 -5.41
C HIS B 51 -29.00 24.51 -4.30
N PHE B 52 -27.83 24.95 -3.82
CA PHE B 52 -27.66 26.29 -3.28
C PHE B 52 -27.82 26.28 -1.76
N THR B 53 -27.87 25.07 -1.18
CA THR B 53 -28.03 24.93 0.27
C THR B 53 -27.30 23.69 0.75
N ASP B 54 -27.18 23.56 2.07
CA ASP B 54 -26.44 22.47 2.69
C ASP B 54 -27.37 21.28 2.90
N TYR B 55 -28.64 21.45 2.50
CA TYR B 55 -29.56 20.34 2.39
C TYR B 55 -28.92 19.21 1.58
N GLY B 56 -28.15 19.60 0.54
CA GLY B 56 -27.35 18.66 -0.22
C GLY B 56 -26.39 19.38 -1.16
N LEU B 57 -25.12 18.94 -1.14
CA LEU B 57 -24.05 19.67 -1.78
C LEU B 57 -23.97 19.29 -3.27
N CYS B 58 -24.31 18.04 -3.57
CA CYS B 58 -24.31 17.55 -4.93
C CYS B 58 -25.45 18.21 -5.71
N GLY B 59 -25.09 18.92 -6.78
CA GLY B 59 -26.07 19.49 -7.70
C GLY B 59 -26.02 18.81 -9.07
N SER B 60 -25.11 17.83 -9.21
CA SER B 60 -25.00 17.06 -10.44
C SER B 60 -24.93 15.57 -10.10
N PRO B 61 -26.09 14.89 -9.98
CA PRO B 61 -26.11 13.43 -9.78
C PRO B 61 -25.48 12.67 -10.94
N MET B 62 -25.54 13.25 -12.15
CA MET B 62 -24.98 12.62 -13.34
C MET B 62 -23.47 12.52 -13.20
N VAL B 63 -22.85 13.58 -12.67
CA VAL B 63 -21.41 13.63 -12.50
C VAL B 63 -21.00 12.72 -11.35
N MET B 64 -21.77 12.78 -10.26
CA MET B 64 -21.45 12.00 -9.08
C MET B 64 -21.65 10.52 -9.38
N ALA B 65 -22.76 10.21 -10.06
CA ALA B 65 -23.08 8.84 -10.44
C ALA B 65 -22.00 8.30 -11.37
N SER B 66 -21.54 9.16 -12.29
CA SER B 66 -20.57 8.78 -13.30
C SER B 66 -19.24 8.44 -12.62
N TYR B 67 -18.92 9.17 -11.54
CA TYR B 67 -17.72 8.90 -10.76
C TYR B 67 -17.83 7.53 -10.09
N ILE B 68 -18.92 7.33 -9.35
CA ILE B 68 -19.09 6.16 -8.51
C ILE B 68 -19.05 4.91 -9.38
N LEU B 69 -19.62 5.02 -10.59
CA LEU B 69 -19.63 3.90 -11.52
C LEU B 69 -18.21 3.58 -11.96
N GLY B 70 -17.41 4.63 -12.18
CA GLY B 70 -16.01 4.46 -12.52
C GLY B 70 -15.23 3.77 -11.40
N ALA B 71 -15.64 4.04 -10.15
CA ALA B 71 -14.89 3.64 -8.98
C ALA B 71 -15.35 2.26 -8.49
N THR B 72 -16.26 1.65 -9.26
CA THR B 72 -16.85 0.37 -8.88
C THR B 72 -16.89 -0.57 -10.09
N ARG B 73 -17.38 -1.78 -9.87
CA ARG B 73 -17.30 -2.83 -10.87
C ARG B 73 -18.67 -3.51 -11.04
N ARG B 74 -19.36 -3.73 -9.91
CA ARG B 74 -20.47 -4.66 -9.85
C ARG B 74 -21.78 -3.91 -9.64
N ILE B 75 -21.72 -2.87 -8.79
CA ILE B 75 -22.93 -2.30 -8.21
C ILE B 75 -23.59 -1.38 -9.23
N LYS B 76 -24.93 -1.33 -9.18
CA LYS B 76 -25.68 -0.39 -10.00
C LYS B 76 -25.77 0.95 -9.29
N VAL B 77 -25.85 2.02 -10.07
CA VAL B 77 -25.93 3.37 -9.53
C VAL B 77 -27.07 4.11 -10.21
N GLY B 78 -27.91 4.76 -9.40
CA GLY B 78 -29.09 5.45 -9.90
C GLY B 78 -29.20 6.86 -9.34
N THR B 79 -30.07 7.66 -9.96
CA THR B 79 -30.30 9.04 -9.53
C THR B 79 -31.71 9.15 -8.96
N ALA B 80 -31.83 9.90 -7.85
CA ALA B 80 -33.10 10.10 -7.19
C ALA B 80 -33.21 11.55 -6.71
N ILE B 81 -33.66 12.45 -7.60
CA ILE B 81 -33.80 12.15 -9.02
C ILE B 81 -33.08 13.23 -9.82
N ASN B 82 -33.11 13.09 -11.15
CA ASN B 82 -32.73 14.17 -12.05
C ASN B 82 -33.92 15.09 -12.28
N ILE B 83 -33.74 16.37 -11.97
CA ILE B 83 -34.78 17.37 -12.15
C ILE B 83 -34.78 17.81 -13.62
N LEU B 84 -35.76 17.32 -14.38
CA LEU B 84 -35.68 17.29 -15.83
C LEU B 84 -35.83 18.70 -16.40
N PRO B 85 -36.76 19.52 -15.85
CA PRO B 85 -36.99 20.87 -16.39
C PRO B 85 -35.72 21.72 -16.52
N LEU B 86 -34.73 21.43 -15.66
CA LEU B 86 -33.58 22.30 -15.50
C LEU B 86 -32.53 21.97 -16.57
N GLU B 87 -32.75 20.85 -17.27
CA GLU B 87 -31.81 20.34 -18.25
C GLU B 87 -32.45 20.34 -19.63
N HIS B 88 -31.65 20.67 -20.65
CA HIS B 88 -32.05 20.41 -22.03
C HIS B 88 -32.10 18.90 -22.25
N PRO B 89 -33.22 18.38 -22.81
CA PRO B 89 -33.45 16.94 -22.88
C PRO B 89 -32.39 16.21 -23.70
N VAL B 90 -31.83 16.90 -24.70
CA VAL B 90 -30.90 16.28 -25.64
C VAL B 90 -29.53 16.16 -24.96
N ARG B 91 -29.28 17.03 -23.98
CA ARG B 91 -28.03 17.02 -23.23
CA ARG B 91 -28.03 17.02 -23.23
C ARG B 91 -28.02 15.83 -22.27
N LEU B 92 -29.17 15.62 -21.60
CA LEU B 92 -29.27 14.54 -20.63
C LEU B 92 -29.36 13.20 -21.35
N ALA B 93 -29.93 13.23 -22.57
CA ALA B 93 -29.99 12.05 -23.42
C ALA B 93 -28.57 11.58 -23.76
N GLU B 94 -27.74 12.52 -24.21
CA GLU B 94 -26.34 12.24 -24.52
C GLU B 94 -25.64 11.72 -23.27
N GLN B 95 -25.97 12.31 -22.12
CA GLN B 95 -25.28 12.02 -20.87
C GLN B 95 -25.58 10.59 -20.44
N ALA B 96 -26.88 10.27 -20.33
CA ALA B 96 -27.33 9.01 -19.78
C ALA B 96 -26.88 7.86 -20.69
N ALA B 97 -26.92 8.09 -22.00
CA ALA B 97 -26.63 7.06 -22.97
C ALA B 97 -25.14 6.74 -22.98
N LEU B 98 -24.32 7.77 -22.72
CA LEU B 98 -22.87 7.61 -22.67
C LEU B 98 -22.50 6.83 -21.42
N LEU B 99 -23.16 7.14 -20.30
CA LEU B 99 -22.85 6.54 -19.02
C LEU B 99 -23.38 5.11 -18.97
N ASP B 100 -24.46 4.86 -19.72
CA ASP B 100 -24.98 3.52 -19.90
C ASP B 100 -23.94 2.67 -20.62
N GLN B 101 -23.28 3.28 -21.61
CA GLN B 101 -22.25 2.61 -22.39
C GLN B 101 -21.02 2.40 -21.51
N LEU B 102 -20.57 3.48 -20.86
CA LEU B 102 -19.37 3.43 -20.03
C LEU B 102 -19.56 2.40 -18.92
N SER B 103 -20.76 2.38 -18.33
CA SER B 103 -21.02 1.66 -17.10
C SER B 103 -21.47 0.24 -17.42
N ASP B 104 -21.56 -0.08 -18.71
CA ASP B 104 -21.99 -1.39 -19.16
C ASP B 104 -23.40 -1.67 -18.64
N GLY B 105 -24.21 -0.60 -18.58
CA GLY B 105 -25.63 -0.74 -18.28
C GLY B 105 -25.89 -0.91 -16.79
N ARG B 106 -25.08 -0.23 -15.97
CA ARG B 106 -25.19 -0.33 -14.52
C ARG B 106 -25.86 0.92 -13.97
N PHE B 107 -26.41 1.74 -14.86
CA PHE B 107 -26.87 3.07 -14.50
C PHE B 107 -28.40 3.12 -14.59
N ILE B 108 -29.01 3.80 -13.62
CA ILE B 108 -30.46 4.02 -13.62
C ILE B 108 -30.71 5.52 -13.55
N LEU B 109 -31.29 6.07 -14.63
CA LEU B 109 -31.67 7.47 -14.66
C LEU B 109 -33.04 7.65 -14.01
N GLY B 110 -33.07 8.36 -12.88
CA GLY B 110 -34.31 8.75 -12.24
C GLY B 110 -34.68 10.19 -12.58
N ILE B 111 -35.98 10.44 -12.73
CA ILE B 111 -36.46 11.72 -13.21
C ILE B 111 -37.57 12.22 -12.29
N GLY B 112 -37.66 13.54 -12.14
CA GLY B 112 -38.79 14.17 -11.46
C GLY B 112 -38.97 15.62 -11.90
N ARG B 113 -39.97 16.28 -11.30
CA ARG B 113 -40.35 17.62 -11.71
C ARG B 113 -39.52 18.64 -10.95
N GLY B 114 -39.35 18.41 -9.64
CA GLY B 114 -38.71 19.37 -8.76
C GLY B 114 -39.72 20.34 -8.15
N PHE B 115 -39.38 20.90 -6.99
CA PHE B 115 -40.36 21.58 -6.15
C PHE B 115 -39.69 22.70 -5.36
N PHE B 116 -38.51 23.15 -5.84
CA PHE B 116 -37.82 24.27 -5.24
C PHE B 116 -37.83 25.46 -6.20
N ASP B 117 -38.40 26.58 -5.74
CA ASP B 117 -38.66 27.72 -6.60
C ASP B 117 -37.33 28.41 -6.92
N LYS B 118 -36.37 28.28 -6.01
CA LYS B 118 -35.03 28.82 -6.20
C LYS B 118 -34.41 28.22 -7.46
N ASP B 119 -34.64 26.92 -7.67
CA ASP B 119 -33.97 26.17 -8.72
C ASP B 119 -34.38 26.73 -10.08
N PHE B 120 -35.68 27.06 -10.22
CA PHE B 120 -36.24 27.42 -11.50
C PHE B 120 -35.95 28.89 -11.78
N THR B 121 -35.86 29.70 -10.71
CA THR B 121 -35.52 31.11 -10.83
C THR B 121 -34.13 31.25 -11.41
N VAL B 122 -33.18 30.46 -10.91
CA VAL B 122 -31.77 30.67 -11.16
C VAL B 122 -31.43 30.18 -12.57
N PHE B 123 -32.01 29.04 -12.96
CA PHE B 123 -31.72 28.41 -14.22
C PHE B 123 -32.69 28.92 -15.30
N GLY B 124 -33.63 29.76 -14.87
CA GLY B 124 -34.48 30.49 -15.79
C GLY B 124 -35.54 29.59 -16.42
N VAL B 125 -36.33 28.93 -15.56
CA VAL B 125 -37.39 28.04 -16.01
C VAL B 125 -38.71 28.47 -15.37
N ASP B 126 -39.80 28.26 -16.10
CA ASP B 126 -41.13 28.59 -15.61
C ASP B 126 -41.68 27.40 -14.82
N ILE B 127 -42.09 27.67 -13.57
CA ILE B 127 -42.31 26.61 -12.59
C ILE B 127 -43.74 26.07 -12.76
N HIS B 128 -44.51 26.70 -13.65
CA HIS B 128 -45.89 26.32 -13.88
C HIS B 128 -45.98 25.31 -15.03
N ASP B 129 -44.86 25.15 -15.75
CA ASP B 129 -44.83 24.36 -16.97
C ASP B 129 -44.27 22.97 -16.66
N THR B 130 -43.80 22.78 -15.43
CA THR B 130 -42.79 21.79 -15.13
C THR B 130 -43.32 20.40 -15.45
N ARG B 131 -44.65 20.24 -15.35
CA ARG B 131 -45.30 18.97 -15.64
C ARG B 131 -45.17 18.67 -17.13
N ALA B 132 -45.62 19.61 -17.96
CA ALA B 132 -45.56 19.45 -19.41
C ALA B 132 -44.09 19.37 -19.85
N LEU B 133 -43.25 20.19 -19.23
CA LEU B 133 -41.82 20.20 -19.54
C LEU B 133 -41.26 18.79 -19.38
N THR B 134 -41.54 18.18 -18.21
CA THR B 134 -40.94 16.92 -17.82
C THR B 134 -41.40 15.82 -18.79
N HIS B 135 -42.69 15.83 -19.12
CA HIS B 135 -43.28 14.83 -19.99
C HIS B 135 -42.68 14.96 -21.40
N ASN B 136 -42.48 16.20 -21.83
CA ASN B 136 -41.99 16.50 -23.17
C ASN B 136 -40.51 16.11 -23.25
N TYR B 137 -39.76 16.43 -22.19
CA TYR B 137 -38.33 16.18 -22.16
C TYR B 137 -38.09 14.67 -22.13
N TYR B 138 -38.98 13.94 -21.45
CA TYR B 138 -38.93 12.49 -21.43
C TYR B 138 -39.15 11.94 -22.84
N ASP B 139 -40.21 12.43 -23.50
CA ASP B 139 -40.56 11.98 -24.84
C ASP B 139 -39.36 12.18 -25.76
N ILE B 140 -38.72 13.35 -25.65
CA ILE B 140 -37.64 13.71 -26.55
C ILE B 140 -36.48 12.74 -26.33
N MET B 141 -36.08 12.58 -25.06
CA MET B 141 -34.97 11.71 -24.71
C MET B 141 -35.26 10.30 -25.21
N GLN B 142 -36.51 9.85 -25.01
CA GLN B 142 -36.89 8.48 -25.33
C GLN B 142 -36.66 8.21 -26.81
N GLU B 143 -36.97 9.18 -27.66
CA GLU B 143 -36.89 9.02 -29.10
C GLU B 143 -35.42 9.01 -29.51
N ALA B 144 -34.62 9.84 -28.85
CA ALA B 144 -33.19 9.91 -29.10
C ALA B 144 -32.57 8.53 -28.87
N TRP B 145 -33.06 7.83 -27.85
CA TRP B 145 -32.49 6.56 -27.43
C TRP B 145 -32.97 5.43 -28.35
N THR B 146 -34.28 5.42 -28.61
CA THR B 146 -34.93 4.26 -29.20
C THR B 146 -34.76 4.29 -30.71
N LYS B 147 -34.68 5.49 -31.28
CA LYS B 147 -34.70 5.67 -32.73
C LYS B 147 -33.33 6.14 -33.19
N GLY B 148 -32.65 6.93 -32.35
CA GLY B 148 -31.29 7.36 -32.62
C GLY B 148 -31.24 8.75 -33.23
N VAL B 149 -32.43 9.32 -33.49
CA VAL B 149 -32.56 10.65 -34.07
C VAL B 149 -33.82 11.30 -33.53
N VAL B 150 -33.73 12.60 -33.23
CA VAL B 150 -34.84 13.34 -32.67
C VAL B 150 -34.75 14.80 -33.10
N GLY B 151 -35.90 15.38 -33.44
CA GLY B 151 -36.08 16.82 -33.40
C GLY B 151 -37.32 17.21 -32.59
N SER B 152 -37.56 18.52 -32.49
CA SER B 152 -38.73 19.04 -31.81
C SER B 152 -39.29 20.23 -32.58
N ASP B 153 -40.60 20.19 -32.85
CA ASP B 153 -41.36 21.39 -33.13
C ASP B 153 -42.27 21.69 -31.94
N GLY B 154 -42.19 20.83 -30.91
CA GLY B 154 -43.13 20.84 -29.81
C GLY B 154 -43.05 22.13 -29.01
N PRO B 155 -43.86 22.27 -27.93
CA PRO B 155 -44.27 23.58 -27.44
C PRO B 155 -43.14 24.37 -26.78
N PHE B 156 -42.08 23.66 -26.37
CA PHE B 156 -41.10 24.22 -25.47
C PHE B 156 -39.77 24.42 -26.22
N LEU B 157 -39.44 23.47 -27.09
CA LEU B 157 -38.21 23.54 -27.86
C LEU B 157 -38.55 23.44 -29.35
N ASN B 158 -37.86 24.26 -30.15
CA ASN B 158 -37.85 24.10 -31.59
C ASN B 158 -36.42 23.86 -32.05
N PHE B 159 -36.18 22.69 -32.68
CA PHE B 159 -34.90 22.40 -33.30
C PHE B 159 -35.07 21.21 -34.25
N PRO B 160 -34.28 21.14 -35.34
CA PRO B 160 -34.50 20.16 -36.40
C PRO B 160 -34.02 18.77 -36.00
N PRO B 161 -34.37 17.72 -36.77
CA PRO B 161 -33.90 16.36 -36.51
C PRO B 161 -32.38 16.26 -36.52
N VAL B 162 -31.81 15.73 -35.43
CA VAL B 162 -30.41 15.36 -35.40
C VAL B 162 -30.26 13.99 -34.74
N PRO B 163 -29.27 13.18 -35.16
CA PRO B 163 -28.88 12.00 -34.40
C PRO B 163 -28.23 12.36 -33.07
N VAL B 164 -28.45 11.52 -32.06
CA VAL B 164 -27.91 11.74 -30.73
C VAL B 164 -27.11 10.52 -30.30
N ASN B 165 -25.82 10.74 -30.01
CA ASN B 165 -24.88 9.65 -29.82
C ASN B 165 -24.36 9.68 -28.38
N PRO B 166 -23.92 8.53 -27.84
CA PRO B 166 -24.16 7.23 -28.46
C PRO B 166 -25.57 6.72 -28.24
N ARG B 167 -25.90 5.60 -28.90
CA ARG B 167 -27.03 4.76 -28.51
C ARG B 167 -26.72 4.11 -27.16
N PRO B 168 -27.74 3.88 -26.31
CA PRO B 168 -27.58 3.07 -25.11
C PRO B 168 -26.92 1.73 -25.40
N TYR B 169 -26.21 1.20 -24.40
CA TYR B 169 -25.79 -0.19 -24.36
C TYR B 169 -27.01 -1.08 -24.12
N SER B 170 -27.90 -0.62 -23.24
CA SER B 170 -29.09 -1.37 -22.86
C SER B 170 -30.13 -1.27 -23.97
N ASP B 171 -30.93 -2.34 -24.12
CA ASP B 171 -32.07 -2.34 -25.01
C ASP B 171 -32.98 -1.16 -24.65
N LYS B 172 -33.32 -1.08 -23.37
CA LYS B 172 -34.07 0.05 -22.83
C LYS B 172 -33.25 0.72 -21.73
N MET B 173 -33.17 2.04 -21.79
CA MET B 173 -32.52 2.82 -20.74
C MET B 173 -33.22 2.57 -19.42
N PRO B 174 -32.52 1.98 -18.42
CA PRO B 174 -33.09 1.79 -17.08
C PRO B 174 -33.42 3.13 -16.43
N MET B 175 -34.64 3.23 -15.88
CA MET B 175 -35.13 4.50 -15.37
C MET B 175 -36.03 4.26 -14.16
N VAL B 176 -36.23 5.32 -13.36
CA VAL B 176 -37.31 5.37 -12.39
C VAL B 176 -37.94 6.75 -12.43
N CYS B 177 -39.07 6.90 -11.74
CA CYS B 177 -39.80 8.14 -11.71
C CYS B 177 -40.26 8.44 -10.29
N ALA B 178 -39.82 9.60 -9.76
CA ALA B 178 -40.44 10.19 -8.59
C ALA B 178 -41.87 10.60 -8.93
N ALA B 179 -42.83 10.06 -8.17
CA ALA B 179 -44.23 10.24 -8.47
C ALA B 179 -45.03 10.28 -7.17
N MET B 180 -45.47 11.48 -6.78
CA MET B 180 -46.09 11.69 -5.49
C MET B 180 -47.59 11.93 -5.68
N SER B 181 -47.99 12.20 -6.93
CA SER B 181 -49.33 12.68 -7.24
C SER B 181 -49.99 11.75 -8.25
N PRO B 182 -51.34 11.72 -8.30
CA PRO B 182 -52.07 10.73 -9.10
C PRO B 182 -51.83 10.89 -10.61
N SER B 183 -51.60 12.13 -11.05
CA SER B 183 -51.50 12.44 -12.46
C SER B 183 -50.14 12.00 -12.99
N THR B 184 -49.12 12.10 -12.14
CA THR B 184 -47.80 11.59 -12.46
C THR B 184 -47.82 10.06 -12.45
N ILE B 185 -48.54 9.49 -11.48
CA ILE B 185 -48.59 8.05 -11.31
C ILE B 185 -49.22 7.42 -12.55
N GLU B 186 -50.26 8.06 -13.08
CA GLU B 186 -50.88 7.64 -14.32
C GLU B 186 -49.86 7.74 -15.46
N TRP B 187 -49.14 8.86 -15.51
CA TRP B 187 -48.21 9.11 -16.60
C TRP B 187 -47.12 8.04 -16.61
N ALA B 188 -46.57 7.76 -15.42
CA ALA B 188 -45.52 6.77 -15.27
C ALA B 188 -46.06 5.39 -15.65
N ALA B 189 -47.21 5.03 -15.07
CA ALA B 189 -47.86 3.77 -15.37
C ALA B 189 -48.04 3.62 -16.87
N LYS B 190 -48.37 4.74 -17.53
CA LYS B 190 -48.66 4.75 -18.96
C LYS B 190 -47.37 4.46 -19.73
N ASN B 191 -46.24 4.96 -19.22
CA ASN B 191 -44.99 4.97 -19.94
C ASN B 191 -44.08 3.85 -19.43
N GLY B 192 -44.66 2.93 -18.65
CA GLY B 192 -43.95 1.75 -18.20
C GLY B 192 -42.81 2.10 -17.26
N LEU B 193 -43.08 3.05 -16.36
CA LEU B 193 -42.03 3.76 -15.65
C LEU B 193 -42.14 3.46 -14.16
N PRO B 194 -41.18 2.71 -13.57
CA PRO B 194 -41.20 2.40 -12.15
C PRO B 194 -41.17 3.67 -11.29
N MET B 195 -41.80 3.59 -10.11
CA MET B 195 -41.80 4.69 -9.17
C MET B 195 -40.64 4.52 -8.19
N ILE B 196 -40.07 5.65 -7.77
CA ILE B 196 -39.31 5.71 -6.52
C ILE B 196 -40.03 6.67 -5.57
N MET B 197 -40.25 6.21 -4.34
CA MET B 197 -41.14 6.89 -3.41
C MET B 197 -40.33 7.40 -2.22
N GLN B 198 -40.61 8.64 -1.81
CA GLN B 198 -39.87 9.29 -0.74
C GLN B 198 -40.23 8.65 0.60
N HIS B 199 -39.51 9.03 1.65
CA HIS B 199 -39.52 8.29 2.91
C HIS B 199 -40.45 8.96 3.91
N ASP B 200 -41.06 10.08 3.48
CA ASP B 200 -41.84 10.92 4.38
C ASP B 200 -43.33 10.65 4.16
N ILE B 201 -43.64 9.71 3.26
CA ILE B 201 -45.00 9.38 2.90
C ILE B 201 -45.51 8.29 3.84
N GLU B 202 -46.79 8.35 4.18
CA GLU B 202 -47.42 7.37 5.05
C GLU B 202 -47.51 6.03 4.32
N HIS B 203 -47.42 4.93 5.08
CA HIS B 203 -47.17 3.61 4.53
C HIS B 203 -48.37 3.14 3.71
N ASN B 204 -49.57 3.50 4.18
CA ASN B 204 -50.81 3.09 3.54
C ASN B 204 -51.06 3.97 2.31
N GLU B 205 -50.46 5.17 2.32
CA GLU B 205 -50.47 6.05 1.16
C GLU B 205 -49.60 5.43 0.07
N LYS B 206 -48.48 4.85 0.48
CA LYS B 206 -47.59 4.13 -0.44
C LYS B 206 -48.33 2.92 -1.01
N ALA B 207 -49.09 2.23 -0.15
CA ALA B 207 -49.86 1.07 -0.55
C ALA B 207 -50.85 1.45 -1.65
N SER B 208 -51.51 2.60 -1.46
CA SER B 208 -52.54 3.06 -2.38
C SER B 208 -51.90 3.49 -3.70
N ASN B 209 -50.74 4.15 -3.61
CA ASN B 209 -50.04 4.62 -4.79
C ASN B 209 -49.75 3.43 -5.71
N VAL B 210 -49.27 2.34 -5.12
CA VAL B 210 -48.83 1.18 -5.89
C VAL B 210 -50.04 0.52 -6.52
N GLU B 211 -51.14 0.46 -5.77
CA GLU B 211 -52.39 -0.12 -6.24
C GLU B 211 -52.94 0.72 -7.40
N LEU B 212 -52.92 2.04 -7.22
CA LEU B 212 -53.36 2.97 -8.24
C LEU B 212 -52.53 2.76 -9.51
N TYR B 213 -51.22 2.62 -9.32
CA TYR B 213 -50.29 2.43 -10.44
C TYR B 213 -50.64 1.13 -11.16
N ARG B 214 -50.88 0.08 -10.38
CA ARG B 214 -51.13 -1.25 -10.92
C ARG B 214 -52.41 -1.22 -11.77
N ALA B 215 -53.37 -0.39 -11.36
CA ALA B 215 -54.64 -0.29 -12.05
C ALA B 215 -54.45 0.34 -13.42
N LEU B 216 -53.67 1.43 -13.45
CA LEU B 216 -53.60 2.31 -14.61
C LEU B 216 -52.73 1.65 -15.68
N ALA B 217 -51.70 0.92 -15.24
CA ALA B 217 -50.93 0.06 -16.11
C ALA B 217 -51.87 -0.85 -16.91
N GLU B 218 -52.61 -1.69 -16.19
CA GLU B 218 -53.48 -2.68 -16.81
C GLU B 218 -54.43 -1.99 -17.78
N GLU B 219 -54.85 -0.77 -17.43
CA GLU B 219 -55.85 -0.05 -18.18
C GLU B 219 -55.21 0.50 -19.46
N HIS B 220 -53.90 0.74 -19.42
CA HIS B 220 -53.15 1.20 -20.57
C HIS B 220 -52.38 0.04 -21.20
N GLY B 221 -52.81 -1.19 -20.88
CA GLY B 221 -52.37 -2.37 -21.61
C GLY B 221 -50.93 -2.75 -21.27
N HIS B 222 -50.58 -2.65 -19.98
CA HIS B 222 -49.25 -3.02 -19.51
C HIS B 222 -49.38 -4.04 -18.39
N ASP B 223 -48.33 -4.86 -18.23
CA ASP B 223 -48.23 -5.79 -17.11
C ASP B 223 -47.68 -5.05 -15.90
N PRO B 224 -48.48 -4.89 -14.83
CA PRO B 224 -48.02 -4.21 -13.62
C PRO B 224 -47.00 -5.03 -12.82
N ASP B 225 -47.05 -6.35 -13.01
CA ASP B 225 -46.24 -7.27 -12.22
C ASP B 225 -44.81 -7.28 -12.73
N GLY B 226 -44.62 -6.72 -13.93
CA GLY B 226 -43.31 -6.71 -14.58
C GLY B 226 -42.56 -5.40 -14.33
N ILE B 227 -43.10 -4.57 -13.44
CA ILE B 227 -42.46 -3.33 -13.03
C ILE B 227 -42.09 -3.43 -11.56
N GLU B 228 -40.89 -2.94 -11.22
CA GLU B 228 -40.33 -3.09 -9.89
C GLU B 228 -40.14 -1.72 -9.25
N HIS B 229 -40.97 -1.41 -8.26
CA HIS B 229 -40.99 -0.09 -7.65
C HIS B 229 -39.96 -0.03 -6.52
N THR B 230 -39.58 1.20 -6.17
CA THR B 230 -38.47 1.44 -5.25
C THR B 230 -38.93 2.37 -4.13
N ILE B 231 -38.44 2.12 -2.92
CA ILE B 231 -38.82 2.89 -1.75
C ILE B 231 -37.57 3.41 -1.07
N ALA B 232 -37.62 4.66 -0.60
CA ALA B 232 -36.57 5.24 0.22
C ALA B 232 -36.90 5.04 1.69
N MET B 233 -35.85 4.77 2.49
CA MET B 233 -36.01 4.57 3.92
C MET B 233 -34.78 5.10 4.64
N ILE B 234 -35.00 5.69 5.83
CA ILE B 234 -33.92 5.95 6.77
C ILE B 234 -33.79 4.73 7.69
N VAL B 235 -32.57 4.19 7.75
CA VAL B 235 -32.26 3.07 8.64
C VAL B 235 -31.19 3.50 9.63
N ALA B 236 -31.52 3.39 10.92
CA ALA B 236 -30.57 3.69 11.98
C ALA B 236 -30.78 2.71 13.13
N VAL B 237 -29.80 1.82 13.33
CA VAL B 237 -30.02 0.60 14.08
C VAL B 237 -29.05 0.56 15.27
N ASP B 238 -29.57 0.16 16.43
CA ASP B 238 -28.83 0.22 17.67
C ASP B 238 -29.54 -0.64 18.72
N PRO B 239 -28.80 -1.40 19.56
CA PRO B 239 -29.40 -2.15 20.66
C PRO B 239 -30.28 -1.30 21.57
N ASP B 240 -29.85 -0.06 21.82
CA ASP B 240 -30.57 0.85 22.70
C ASP B 240 -31.39 1.81 21.85
N ARG B 241 -32.70 1.52 21.72
CA ARG B 241 -33.56 2.24 20.80
C ARG B 241 -33.58 3.73 21.15
N GLU B 242 -33.37 4.02 22.44
CA GLU B 242 -33.49 5.38 22.95
C GLU B 242 -32.26 6.19 22.51
N ARG B 243 -31.12 5.51 22.39
CA ARG B 243 -29.87 6.17 22.00
C ARG B 243 -29.98 6.64 20.55
N VAL B 244 -30.33 5.71 19.65
CA VAL B 244 -30.27 5.96 18.22
C VAL B 244 -31.39 6.91 17.82
N ARG B 245 -32.48 6.89 18.59
CA ARG B 245 -33.64 7.73 18.30
C ARG B 245 -33.25 9.20 18.49
N GLU B 246 -32.41 9.47 19.48
CA GLU B 246 -32.10 10.84 19.88
C GLU B 246 -30.95 11.36 19.02
N GLU B 247 -30.15 10.43 18.47
CA GLU B 247 -29.10 10.78 17.53
C GLU B 247 -29.71 11.22 16.21
N CYS B 248 -30.68 10.42 15.72
CA CYS B 248 -31.34 10.70 14.46
C CYS B 248 -32.20 11.96 14.58
N ARG B 249 -32.73 12.19 15.78
CA ARG B 249 -33.64 13.30 16.00
C ARG B 249 -32.89 14.63 15.85
N HIS B 250 -31.68 14.67 16.41
CA HIS B 250 -30.80 15.82 16.25
C HIS B 250 -30.61 16.12 14.76
N TYR B 251 -30.28 15.06 14.00
CA TYR B 251 -29.99 15.21 12.58
C TYR B 251 -31.23 15.70 11.84
N LEU B 252 -32.39 15.16 12.23
CA LEU B 252 -33.62 15.35 11.48
C LEU B 252 -34.21 16.71 11.79
N ASN B 253 -33.91 17.22 12.99
CA ASN B 253 -34.31 18.57 13.39
C ASN B 253 -33.64 19.58 12.47
N TRP B 254 -32.34 19.42 12.26
CA TRP B 254 -31.59 20.26 11.33
C TRP B 254 -32.15 20.08 9.92
N PHE B 255 -32.45 18.83 9.56
CA PHE B 255 -32.79 18.47 8.19
C PHE B 255 -34.04 19.24 7.77
N GLU B 256 -34.97 19.40 8.71
CA GLU B 256 -36.28 19.97 8.42
C GLU B 256 -36.19 21.49 8.40
N ASP B 257 -35.28 22.03 9.22
CA ASP B 257 -34.98 23.46 9.22
C ASP B 257 -34.28 23.82 7.92
N ALA B 258 -33.30 22.99 7.53
CA ALA B 258 -32.56 23.20 6.30
C ALA B 258 -33.51 23.17 5.10
N VAL B 259 -34.59 22.39 5.24
CA VAL B 259 -35.60 22.28 4.19
C VAL B 259 -36.37 23.59 4.11
N GLU B 260 -36.73 24.13 5.27
CA GLU B 260 -37.42 25.41 5.36
C GLU B 260 -36.58 26.48 4.66
N LYS B 261 -35.27 26.45 4.91
CA LYS B 261 -34.37 27.51 4.48
C LYS B 261 -34.22 27.46 2.95
N ALA B 262 -34.24 26.24 2.40
CA ALA B 262 -34.02 26.04 0.98
C ALA B 262 -35.13 26.73 0.18
N GLN B 263 -36.32 26.82 0.78
CA GLN B 263 -37.47 27.40 0.13
C GLN B 263 -37.46 28.92 0.33
N ASN B 264 -36.32 29.44 0.82
CA ASN B 264 -36.26 30.81 1.33
C ASN B 264 -34.92 31.45 0.97
N ILE B 265 -34.10 30.73 0.20
CA ILE B 265 -32.68 30.99 0.14
C ILE B 265 -32.44 32.34 -0.51
N ILE B 266 -33.22 32.66 -1.54
CA ILE B 266 -32.99 33.82 -2.37
C ILE B 266 -33.23 35.08 -1.55
N ASP B 267 -34.19 34.99 -0.61
CA ASP B 267 -34.59 36.12 0.20
C ASP B 267 -33.55 36.37 1.29
N ILE B 268 -32.79 35.33 1.63
CA ILE B 268 -31.86 35.37 2.75
C ILE B 268 -30.54 35.97 2.29
N VAL B 269 -30.23 35.81 1.00
CA VAL B 269 -28.98 36.29 0.44
C VAL B 269 -29.11 37.79 0.17
N ARG B 270 -30.36 38.26 0.06
CA ARG B 270 -30.63 39.67 -0.13
C ARG B 270 -30.67 40.38 1.23
N GLU B 271 -31.04 39.62 2.27
CA GLU B 271 -31.12 40.16 3.62
C GLU B 271 -29.70 40.22 4.21
N HIS B 272 -29.07 39.05 4.36
CA HIS B 272 -27.69 38.98 4.82
C HIS B 272 -26.76 38.76 3.61
N ARG B 282 -31.50 38.93 15.01
CA ARG B 282 -30.98 37.54 15.21
C ARG B 282 -31.49 36.99 16.54
N LYS B 283 -31.64 37.88 17.53
CA LYS B 283 -31.85 37.48 18.91
C LYS B 283 -33.26 36.91 19.08
N TRP B 284 -34.25 37.62 18.53
CA TRP B 284 -35.65 37.29 18.73
C TRP B 284 -36.13 36.38 17.60
N ARG B 285 -35.29 36.22 16.57
CA ARG B 285 -35.56 35.29 15.48
C ARG B 285 -35.42 33.86 16.00
N GLU B 286 -34.27 33.56 16.61
CA GLU B 286 -33.87 32.20 16.90
C GLU B 286 -34.58 31.72 18.17
N ALA B 287 -35.06 32.67 18.97
CA ALA B 287 -35.86 32.37 20.14
C ALA B 287 -37.26 31.94 19.72
N VAL B 288 -37.91 32.79 18.92
CA VAL B 288 -39.22 32.47 18.35
C VAL B 288 -39.04 31.43 17.24
N GLY B 291 -38.29 27.41 19.88
CA GLY B 291 -39.39 26.42 19.95
C GLY B 291 -40.54 26.79 19.02
N ASP B 292 -40.98 25.81 18.21
CA ASP B 292 -42.18 25.96 17.39
C ASP B 292 -43.05 24.71 17.57
N THR B 293 -42.41 23.54 17.53
CA THR B 293 -43.07 22.27 17.75
C THR B 293 -43.78 21.82 16.47
N ALA B 294 -43.69 22.66 15.43
CA ALA B 294 -44.16 22.28 14.11
C ALA B 294 -43.17 21.33 13.45
N ILE B 295 -41.88 21.67 13.56
CA ILE B 295 -40.81 20.80 13.13
C ILE B 295 -40.83 19.53 13.98
N SER B 296 -41.01 19.71 15.29
CA SER B 296 -41.00 18.60 16.23
C SER B 296 -42.06 17.57 15.83
N LYS B 297 -43.20 18.05 15.34
CA LYS B 297 -44.29 17.19 14.90
C LYS B 297 -43.81 16.32 13.74
N VAL B 298 -43.04 16.92 12.84
CA VAL B 298 -42.63 16.25 11.61
C VAL B 298 -41.57 15.19 11.95
N VAL B 299 -40.69 15.52 12.90
CA VAL B 299 -39.54 14.69 13.20
C VAL B 299 -40.02 13.41 13.87
N ASP B 300 -41.00 13.54 14.76
CA ASP B 300 -41.60 12.40 15.42
C ASP B 300 -42.26 11.51 14.38
N ASN B 301 -42.88 12.15 13.38
CA ASN B 301 -43.51 11.44 12.27
C ASN B 301 -42.44 10.62 11.55
N LEU B 302 -41.30 11.26 11.25
CA LEU B 302 -40.26 10.65 10.45
C LEU B 302 -39.69 9.44 11.20
N LEU B 303 -39.43 9.62 12.50
CA LEU B 303 -38.93 8.55 13.35
C LEU B 303 -39.85 7.34 13.22
N ARG B 304 -41.16 7.59 13.26
CA ARG B 304 -42.15 6.54 13.33
C ARG B 304 -42.20 5.79 11.99
N LEU B 305 -42.15 6.55 10.89
CA LEU B 305 -42.30 5.99 9.56
C LEU B 305 -41.07 5.16 9.20
N ASN B 306 -39.92 5.52 9.78
CA ASN B 306 -38.64 5.04 9.29
C ASN B 306 -38.08 4.01 10.26
N ALA B 307 -37.01 3.33 9.84
CA ALA B 307 -36.55 2.11 10.49
C ALA B 307 -35.46 2.46 11.51
N ILE B 308 -35.87 3.07 12.62
CA ILE B 308 -34.95 3.73 13.53
C ILE B 308 -35.16 3.17 14.94
N GLY B 309 -34.22 2.34 15.39
CA GLY B 309 -34.32 1.68 16.68
C GLY B 309 -33.45 0.42 16.74
N THR B 310 -34.01 -0.64 17.33
CA THR B 310 -33.31 -1.91 17.46
C THR B 310 -33.46 -2.69 16.17
N PRO B 311 -32.63 -3.75 15.95
CA PRO B 311 -32.78 -4.62 14.79
C PRO B 311 -34.24 -5.00 14.52
N GLU B 312 -34.97 -5.36 15.59
CA GLU B 312 -36.31 -5.90 15.46
C GLU B 312 -37.28 -4.79 15.08
N ASP B 313 -37.06 -3.59 15.62
CA ASP B 313 -37.80 -2.41 15.21
C ASP B 313 -37.69 -2.25 13.70
N ALA B 314 -36.46 -2.32 13.19
CA ALA B 314 -36.17 -2.05 11.79
C ALA B 314 -36.78 -3.15 10.91
N ILE B 315 -36.65 -4.39 11.37
CA ILE B 315 -37.21 -5.53 10.65
C ILE B 315 -38.70 -5.32 10.48
N GLU B 316 -39.38 -4.96 11.58
CA GLU B 316 -40.82 -4.82 11.60
C GLU B 316 -41.23 -3.74 10.60
N THR B 317 -40.51 -2.60 10.63
CA THR B 317 -40.92 -1.40 9.91
C THR B 317 -40.64 -1.59 8.41
N ILE B 318 -39.47 -2.14 8.10
CA ILE B 318 -39.07 -2.37 6.72
C ILE B 318 -40.04 -3.38 6.09
N GLN B 319 -40.29 -4.46 6.83
CA GLN B 319 -41.04 -5.59 6.30
C GLN B 319 -42.51 -5.19 6.15
N HIS B 320 -42.96 -4.24 6.97
CA HIS B 320 -44.33 -3.77 6.90
C HIS B 320 -44.53 -3.01 5.59
N VAL B 321 -43.52 -2.22 5.20
CA VAL B 321 -43.63 -1.34 4.05
C VAL B 321 -43.53 -2.18 2.78
N ILE B 322 -42.87 -3.34 2.89
CA ILE B 322 -42.78 -4.28 1.78
C ILE B 322 -44.13 -4.97 1.60
N ASP B 323 -44.70 -5.43 2.72
CA ASP B 323 -45.94 -6.19 2.70
C ASP B 323 -47.03 -5.40 1.96
N VAL B 324 -47.17 -4.12 2.33
CA VAL B 324 -48.32 -3.33 1.92
C VAL B 324 -48.10 -2.79 0.52
N THR B 325 -46.82 -2.72 0.10
CA THR B 325 -46.45 -2.07 -1.16
C THR B 325 -46.04 -3.12 -2.18
N GLY B 326 -45.21 -4.07 -1.74
CA GLY B 326 -44.70 -5.12 -2.63
C GLY B 326 -43.53 -4.63 -3.48
N VAL B 327 -42.84 -3.59 -3.00
CA VAL B 327 -41.69 -3.05 -3.69
C VAL B 327 -40.61 -4.13 -3.77
N LYS B 328 -39.76 -4.02 -4.80
CA LYS B 328 -38.71 -4.99 -5.04
C LYS B 328 -37.38 -4.46 -4.50
N ARG B 329 -37.27 -3.13 -4.42
CA ARG B 329 -36.02 -2.49 -4.00
C ARG B 329 -36.30 -1.56 -2.80
N VAL B 330 -35.32 -1.51 -1.90
CA VAL B 330 -35.34 -0.57 -0.79
C VAL B 330 -34.01 0.16 -0.75
N VAL B 331 -34.06 1.48 -0.98
CA VAL B 331 -32.86 2.31 -0.92
C VAL B 331 -32.79 2.98 0.45
N VAL B 332 -31.70 2.73 1.16
CA VAL B 332 -31.60 3.07 2.58
C VAL B 332 -30.59 4.20 2.76
N GLY B 333 -30.88 5.08 3.72
CA GLY B 333 -29.94 6.13 4.09
C GLY B 333 -29.56 6.05 5.58
N PHE B 334 -28.25 6.01 5.84
CA PHE B 334 -27.74 5.65 7.16
C PHE B 334 -27.25 6.91 7.87
N GLU B 335 -27.22 8.03 7.15
CA GLU B 335 -26.37 9.16 7.50
C GLU B 335 -26.91 9.85 8.74
N ALA B 336 -28.17 9.55 9.09
CA ALA B 336 -28.92 10.37 10.04
C ALA B 336 -28.38 10.17 11.45
N ILE B 337 -27.53 9.16 11.61
CA ILE B 337 -27.08 8.74 12.94
C ILE B 337 -25.84 9.55 13.33
N GLY B 338 -25.06 9.98 12.32
CA GLY B 338 -23.98 10.92 12.54
C GLY B 338 -22.80 10.69 11.60
N ASP B 339 -21.60 10.58 12.19
CA ASP B 339 -20.37 10.47 11.41
C ASP B 339 -20.05 9.00 11.19
N ARG B 340 -18.82 8.73 10.76
CA ARG B 340 -18.51 7.53 9.98
C ARG B 340 -18.52 6.31 10.90
N ASP B 341 -18.01 6.49 12.12
CA ASP B 341 -18.01 5.43 13.12
C ASP B 341 -19.43 4.94 13.32
N ARG B 342 -20.35 5.89 13.55
CA ARG B 342 -21.70 5.56 13.97
C ARG B 342 -22.46 4.94 12.81
N VAL B 343 -22.18 5.41 11.60
CA VAL B 343 -22.85 4.92 10.40
C VAL B 343 -22.46 3.46 10.18
N LEU B 344 -21.16 3.17 10.35
CA LEU B 344 -20.63 1.86 10.04
C LEU B 344 -21.15 0.84 11.05
N GLU B 345 -21.21 1.25 12.32
CA GLU B 345 -21.79 0.43 13.37
C GLU B 345 -23.25 0.13 13.03
N SER B 346 -23.99 1.18 12.64
CA SER B 346 -25.37 1.04 12.20
C SER B 346 -25.45 0.05 11.04
N MET B 347 -24.61 0.27 10.02
CA MET B 347 -24.66 -0.51 8.79
C MET B 347 -24.37 -1.97 9.11
N LYS B 348 -23.40 -2.20 10.02
CA LYS B 348 -23.01 -3.53 10.42
C LYS B 348 -24.21 -4.26 11.01
N LEU B 349 -24.82 -3.66 12.03
CA LEU B 349 -26.00 -4.23 12.67
C LEU B 349 -27.04 -4.56 11.60
N PHE B 350 -27.32 -3.60 10.72
CA PHE B 350 -28.34 -3.75 9.69
C PHE B 350 -28.02 -4.97 8.83
N ASP B 351 -26.75 -5.09 8.43
CA ASP B 351 -26.35 -6.05 7.42
C ASP B 351 -26.45 -7.46 7.99
N GLU B 352 -26.34 -7.55 9.32
CA GLU B 352 -26.04 -8.83 9.98
C GLU B 352 -27.25 -9.31 10.77
N GLN B 353 -28.09 -8.36 11.22
CA GLN B 353 -29.13 -8.64 12.20
C GLN B 353 -30.49 -8.23 11.68
N VAL B 354 -30.51 -7.51 10.55
CA VAL B 354 -31.74 -6.98 9.99
C VAL B 354 -31.96 -7.57 8.59
N ARG B 355 -30.94 -7.43 7.74
CA ARG B 355 -31.10 -7.64 6.31
C ARG B 355 -31.40 -9.11 6.03
N PRO B 356 -30.74 -10.04 6.77
CA PRO B 356 -30.95 -11.48 6.54
C PRO B 356 -32.42 -11.91 6.69
N HIS B 357 -33.19 -11.14 7.45
CA HIS B 357 -34.47 -11.59 7.98
C HIS B 357 -35.62 -10.93 7.23
N ILE B 358 -35.28 -10.06 6.27
CA ILE B 358 -36.28 -9.42 5.44
C ILE B 358 -36.55 -10.31 4.22
N ARG B 359 -37.83 -10.45 3.88
CA ARG B 359 -38.24 -11.16 2.68
C ARG B 359 -39.25 -10.32 1.90
N GLY B 360 -39.57 -10.76 0.68
CA GLY B 360 -40.44 -10.01 -0.21
C GLY B 360 -41.90 -10.40 -0.04
N ALA B 361 -42.78 -9.69 -0.76
CA ALA B 361 -44.21 -9.70 -0.48
C ALA B 361 -44.87 -10.88 -1.19
N LYS B 362 -44.28 -11.29 -2.32
CA LYS B 362 -44.64 -12.54 -2.97
C LYS B 362 -43.58 -13.61 -2.65
N ASP C 6 29.04 17.00 7.32
CA ASP C 6 28.29 15.98 6.54
C ASP C 6 27.23 15.34 7.42
N ILE C 7 26.22 14.75 6.79
CA ILE C 7 25.22 13.94 7.47
C ILE C 7 25.50 12.47 7.18
N LYS C 8 25.42 11.65 8.23
CA LYS C 8 25.52 10.20 8.08
C LYS C 8 24.16 9.64 7.68
N TRP C 9 24.13 8.97 6.53
CA TRP C 9 22.88 8.53 5.92
C TRP C 9 22.67 7.05 6.18
N GLY C 10 21.58 6.72 6.88
CA GLY C 10 21.19 5.34 7.12
C GLY C 10 20.00 4.94 6.25
N MET C 11 19.77 3.63 6.15
CA MET C 11 18.68 3.09 5.36
C MET C 11 18.03 1.92 6.11
N PHE C 12 16.74 2.07 6.42
CA PHE C 12 15.97 0.99 7.01
C PHE C 12 15.80 -0.12 5.98
N LEU C 13 16.09 -1.37 6.41
CA LEU C 13 15.68 -2.55 5.67
C LEU C 13 14.41 -3.10 6.30
N ASN C 14 13.25 -2.53 5.91
CA ASN C 14 11.99 -2.80 6.56
C ASN C 14 11.46 -4.15 6.07
N THR C 15 10.81 -4.88 6.99
CA THR C 15 10.31 -6.22 6.69
C THR C 15 8.80 -6.24 6.89
N ALA C 16 8.18 -5.06 6.88
CA ALA C 16 6.73 -4.96 6.84
C ALA C 16 6.20 -5.66 5.59
N ARG C 17 5.05 -6.30 5.73
CA ARG C 17 4.45 -7.04 4.63
C ARG C 17 3.03 -6.52 4.39
N PRO C 18 2.88 -5.43 3.59
CA PRO C 18 1.58 -5.06 3.04
C PRO C 18 0.93 -6.22 2.31
N PRO C 19 -0.42 -6.21 2.14
CA PRO C 19 -1.14 -7.33 1.55
C PRO C 19 -0.63 -7.70 0.15
N GLN C 20 -0.20 -6.68 -0.60
CA GLN C 20 0.10 -6.84 -2.02
C GLN C 20 1.52 -7.37 -2.19
N PHE C 21 2.09 -7.91 -1.11
CA PHE C 21 3.42 -8.49 -1.14
C PHE C 21 3.42 -9.85 -0.43
N THR C 22 4.21 -10.79 -0.97
CA THR C 22 4.52 -12.02 -0.28
C THR C 22 5.63 -11.76 0.75
N GLU C 23 5.81 -12.71 1.67
CA GLU C 23 6.94 -12.71 2.58
C GLU C 23 8.24 -12.75 1.78
N ARG C 24 8.33 -13.72 0.87
CA ARG C 24 9.48 -13.88 0.01
C ARG C 24 9.94 -12.50 -0.50
N ARG C 25 9.00 -11.77 -1.09
CA ARG C 25 9.31 -10.57 -1.85
C ARG C 25 9.79 -9.48 -0.91
N VAL C 26 9.13 -9.38 0.26
CA VAL C 26 9.49 -8.41 1.28
C VAL C 26 10.93 -8.61 1.69
N LEU C 27 11.35 -9.88 1.78
CA LEU C 27 12.61 -10.26 2.39
C LEU C 27 13.72 -10.16 1.36
N GLU C 28 13.38 -10.48 0.10
CA GLU C 28 14.33 -10.35 -1.00
C GLU C 28 14.59 -8.87 -1.29
N ASN C 29 13.54 -8.06 -1.14
CA ASN C 29 13.64 -6.61 -1.30
C ASN C 29 14.52 -6.04 -0.20
N ALA C 30 14.30 -6.50 1.03
CA ALA C 30 15.11 -6.09 2.17
C ALA C 30 16.59 -6.37 1.90
N LYS C 31 16.88 -7.59 1.45
CA LYS C 31 18.25 -8.01 1.17
C LYS C 31 18.84 -7.12 0.08
N PHE C 32 18.04 -6.87 -0.95
CA PHE C 32 18.52 -6.21 -2.17
C PHE C 32 18.78 -4.73 -1.88
N TYR C 33 17.96 -4.14 -1.00
CA TYR C 33 18.17 -2.78 -0.56
C TYR C 33 19.46 -2.71 0.25
N GLY C 34 19.74 -3.78 1.01
CA GLY C 34 21.01 -3.92 1.70
C GLY C 34 22.20 -3.59 0.80
N GLN C 35 22.21 -4.20 -0.39
CA GLN C 35 23.35 -4.12 -1.30
C GLN C 35 23.34 -2.76 -2.00
N VAL C 36 22.13 -2.20 -2.18
CA VAL C 36 21.97 -0.86 -2.72
C VAL C 36 22.51 0.15 -1.71
N ALA C 37 22.27 -0.12 -0.42
CA ALA C 37 22.73 0.75 0.65
C ALA C 37 24.24 0.95 0.55
N GLU C 38 24.97 -0.16 0.43
CA GLU C 38 26.42 -0.12 0.47
C GLU C 38 26.94 0.53 -0.81
N GLU C 39 26.37 0.12 -1.95
CA GLU C 39 26.81 0.62 -3.25
C GLU C 39 26.73 2.15 -3.26
N MET C 40 25.61 2.68 -2.74
CA MET C 40 25.29 4.09 -2.89
C MET C 40 25.80 4.86 -1.67
N GLY C 41 26.68 4.22 -0.90
CA GLY C 41 27.51 4.93 0.06
C GLY C 41 26.70 5.46 1.24
N PHE C 42 25.77 4.64 1.72
CA PHE C 42 25.13 4.89 3.00
C PHE C 42 26.09 4.53 4.12
N GLU C 43 26.02 5.30 5.22
CA GLU C 43 26.80 5.01 6.41
C GLU C 43 26.40 3.65 6.97
N SER C 44 25.09 3.39 7.00
CA SER C 44 24.53 2.35 7.84
C SER C 44 23.23 1.83 7.22
N ALA C 45 22.91 0.56 7.54
CA ALA C 45 21.56 0.04 7.38
C ALA C 45 21.07 -0.53 8.70
N TRP C 46 19.75 -0.52 8.90
CA TRP C 46 19.15 -0.61 10.21
C TRP C 46 17.99 -1.60 10.19
N MET C 47 17.90 -2.42 11.25
CA MET C 47 16.92 -3.50 11.31
C MET C 47 15.97 -3.26 12.48
N LEU C 48 14.77 -3.82 12.37
CA LEU C 48 13.74 -3.66 13.39
C LEU C 48 13.34 -5.02 13.94
N GLU C 49 12.69 -5.02 15.10
CA GLU C 49 12.18 -6.23 15.72
C GLU C 49 10.65 -6.11 15.85
N HIS C 50 9.95 -7.16 15.39
CA HIS C 50 8.51 -7.25 15.61
C HIS C 50 8.08 -8.71 15.63
N HIS C 51 6.91 -8.97 16.24
CA HIS C 51 6.45 -10.31 16.51
C HIS C 51 4.97 -10.45 16.14
N PHE C 52 4.67 -11.45 15.31
CA PHE C 52 3.39 -12.14 15.35
C PHE C 52 2.40 -11.50 14.39
N THR C 53 2.89 -10.55 13.57
CA THR C 53 2.04 -9.87 12.61
C THR C 53 2.87 -9.32 11.45
N ASP C 54 2.18 -8.81 10.43
CA ASP C 54 2.80 -8.44 9.17
C ASP C 54 3.32 -7.00 9.27
N TYR C 55 3.08 -6.37 10.43
CA TYR C 55 3.64 -5.06 10.73
C TYR C 55 5.15 -5.10 10.47
N GLY C 56 5.78 -6.20 10.87
CA GLY C 56 7.13 -6.53 10.45
C GLY C 56 7.47 -8.00 10.69
N LEU C 57 8.12 -8.63 9.71
CA LEU C 57 8.27 -10.07 9.68
C LEU C 57 9.49 -10.48 10.50
N CYS C 58 10.42 -9.53 10.71
CA CYS C 58 11.67 -9.83 11.39
C CYS C 58 11.48 -9.77 12.90
N GLY C 59 11.67 -10.92 13.55
CA GLY C 59 11.60 -11.01 15.00
C GLY C 59 12.99 -11.04 15.63
N SER C 60 14.01 -11.14 14.79
CA SER C 60 15.39 -11.20 15.24
C SER C 60 16.25 -10.23 14.42
N PRO C 61 16.38 -8.96 14.87
CA PRO C 61 17.28 -8.01 14.22
C PRO C 61 18.75 -8.37 14.37
N MET C 62 19.07 -9.21 15.36
CA MET C 62 20.44 -9.63 15.60
C MET C 62 20.86 -10.62 14.51
N VAL C 63 19.90 -11.41 14.03
CA VAL C 63 20.18 -12.45 13.05
C VAL C 63 20.19 -11.82 11.66
N MET C 64 19.38 -10.79 11.46
CA MET C 64 19.28 -10.12 10.17
C MET C 64 20.48 -9.19 10.01
N ALA C 65 20.79 -8.46 11.09
CA ALA C 65 21.98 -7.61 11.13
C ALA C 65 23.23 -8.45 10.85
N SER C 66 23.26 -9.65 11.44
CA SER C 66 24.42 -10.52 11.35
C SER C 66 24.60 -10.99 9.91
N TYR C 67 23.48 -11.25 9.22
CA TYR C 67 23.52 -11.63 7.82
C TYR C 67 24.08 -10.49 6.98
N ILE C 68 23.48 -9.30 7.13
CA ILE C 68 23.74 -8.19 6.24
C ILE C 68 25.17 -7.70 6.44
N LEU C 69 25.69 -7.85 7.66
CA LEU C 69 27.08 -7.53 7.94
C LEU C 69 27.98 -8.49 7.17
N GLY C 70 27.65 -9.79 7.24
CA GLY C 70 28.34 -10.80 6.46
C GLY C 70 28.30 -10.50 4.97
N ALA C 71 27.18 -9.92 4.52
CA ALA C 71 26.90 -9.80 3.10
C ALA C 71 27.45 -8.47 2.56
N THR C 72 28.15 -7.74 3.42
CA THR C 72 28.67 -6.42 3.08
C THR C 72 30.06 -6.25 3.70
N ARG C 73 30.73 -5.14 3.36
CA ARG C 73 32.15 -4.99 3.65
C ARG C 73 32.38 -3.68 4.42
N ARG C 74 31.64 -2.63 4.05
CA ARG C 74 31.96 -1.28 4.48
C ARG C 74 30.89 -0.76 5.43
N ILE C 75 29.62 -0.97 5.08
CA ILE C 75 28.51 -0.28 5.70
C ILE C 75 28.36 -0.80 7.13
N LYS C 76 27.99 0.11 8.04
CA LYS C 76 27.58 -0.26 9.39
C LYS C 76 26.14 -0.77 9.37
N VAL C 77 25.78 -1.54 10.41
CA VAL C 77 24.45 -2.10 10.52
C VAL C 77 24.01 -2.04 11.98
N GLY C 78 22.87 -1.36 12.21
CA GLY C 78 22.35 -1.18 13.55
C GLY C 78 20.97 -1.83 13.72
N THR C 79 20.52 -1.93 14.97
CA THR C 79 19.17 -2.40 15.27
C THR C 79 18.36 -1.25 15.87
N ALA C 80 17.05 -1.26 15.59
CA ALA C 80 16.16 -0.19 16.03
C ALA C 80 14.77 -0.75 16.27
N ILE C 81 14.59 -1.45 17.41
CA ILE C 81 15.65 -1.68 18.37
C ILE C 81 15.59 -3.14 18.82
N ASN C 82 16.48 -3.50 19.75
CA ASN C 82 16.37 -4.75 20.48
C ASN C 82 15.53 -4.52 21.73
N ILE C 83 14.40 -5.24 21.83
CA ILE C 83 13.51 -5.11 22.97
C ILE C 83 14.09 -5.90 24.14
N LEU C 84 14.71 -5.19 25.08
CA LEU C 84 15.69 -5.76 25.99
C LEU C 84 15.02 -6.76 26.92
N PRO C 85 13.82 -6.44 27.47
CA PRO C 85 13.16 -7.32 28.44
C PRO C 85 12.96 -8.74 27.93
N LEU C 86 13.03 -8.93 26.61
CA LEU C 86 12.49 -10.10 25.94
C LEU C 86 13.55 -11.20 25.89
N GLU C 87 14.80 -10.85 26.17
CA GLU C 87 15.90 -11.79 26.10
C GLU C 87 16.78 -11.65 27.34
N HIS C 88 17.48 -12.73 27.69
CA HIS C 88 18.42 -12.73 28.80
C HIS C 88 19.60 -11.82 28.45
N PRO C 89 19.94 -10.85 29.34
CA PRO C 89 20.96 -9.84 29.01
C PRO C 89 22.33 -10.45 28.74
N VAL C 90 22.62 -11.58 29.40
CA VAL C 90 23.89 -12.26 29.23
C VAL C 90 23.97 -12.83 27.81
N ARG C 91 22.81 -13.23 27.28
CA ARG C 91 22.74 -13.87 25.98
C ARG C 91 22.95 -12.82 24.88
N LEU C 92 22.44 -11.61 25.11
CA LEU C 92 22.49 -10.56 24.11
C LEU C 92 23.86 -9.88 24.17
N ALA C 93 24.48 -9.90 25.35
CA ALA C 93 25.88 -9.52 25.50
C ALA C 93 26.75 -10.43 24.64
N GLU C 94 26.53 -11.74 24.76
CA GLU C 94 27.26 -12.74 23.99
C GLU C 94 27.14 -12.42 22.50
N GLN C 95 25.95 -11.96 22.09
CA GLN C 95 25.61 -11.88 20.68
C GLN C 95 26.21 -10.60 20.08
N ALA C 96 25.96 -9.47 20.74
CA ALA C 96 26.46 -8.19 20.28
C ALA C 96 27.98 -8.23 20.19
N ALA C 97 28.61 -8.83 21.20
CA ALA C 97 30.06 -8.85 21.30
C ALA C 97 30.65 -9.69 20.16
N LEU C 98 30.07 -10.88 19.95
CA LEU C 98 30.50 -11.76 18.88
C LEU C 98 30.42 -11.03 17.55
N LEU C 99 29.31 -10.32 17.33
CA LEU C 99 29.03 -9.69 16.05
C LEU C 99 29.91 -8.46 15.87
N ASP C 100 30.22 -7.79 16.98
CA ASP C 100 31.19 -6.71 16.98
C ASP C 100 32.53 -7.22 16.46
N GLN C 101 32.93 -8.40 16.94
CA GLN C 101 34.17 -9.03 16.53
C GLN C 101 34.08 -9.40 15.06
N LEU C 102 33.01 -10.12 14.69
CA LEU C 102 32.86 -10.68 13.36
C LEU C 102 32.86 -9.56 12.32
N SER C 103 32.24 -8.42 12.69
CA SER C 103 31.93 -7.38 11.72
C SER C 103 32.99 -6.27 11.77
N ASP C 104 33.99 -6.47 12.62
CA ASP C 104 35.12 -5.55 12.72
C ASP C 104 34.62 -4.20 13.22
N GLY C 105 33.66 -4.24 14.15
CA GLY C 105 33.16 -3.03 14.78
C GLY C 105 32.24 -2.24 13.87
N ARG C 106 31.41 -2.94 13.08
CA ARG C 106 30.52 -2.31 12.12
C ARG C 106 29.08 -2.38 12.62
N PHE C 107 28.90 -2.89 13.84
CA PHE C 107 27.57 -3.16 14.36
C PHE C 107 27.22 -2.14 15.44
N ILE C 108 25.98 -1.63 15.37
CA ILE C 108 25.45 -0.77 16.42
C ILE C 108 24.24 -1.44 17.05
N LEU C 109 24.29 -1.62 18.37
CA LEU C 109 23.19 -2.24 19.10
C LEU C 109 22.26 -1.16 19.63
N GLY C 110 21.05 -1.11 19.07
CA GLY C 110 19.99 -0.27 19.59
C GLY C 110 19.08 -1.02 20.55
N ILE C 111 18.52 -0.30 21.53
CA ILE C 111 17.81 -0.92 22.65
C ILE C 111 16.57 -0.08 22.96
N GLY C 112 15.58 -0.73 23.60
CA GLY C 112 14.36 -0.06 24.00
C GLY C 112 13.48 -0.96 24.86
N ARG C 113 12.47 -0.35 25.50
CA ARG C 113 11.60 -1.06 26.43
C ARG C 113 10.71 -2.02 25.67
N GLY C 114 10.27 -1.60 24.48
CA GLY C 114 9.13 -2.21 23.81
C GLY C 114 7.83 -1.52 24.20
N PHE C 115 6.70 -2.11 23.77
CA PHE C 115 5.43 -1.41 23.77
C PHE C 115 4.29 -2.41 23.60
N PHE C 116 4.46 -3.35 22.66
CA PHE C 116 3.40 -4.26 22.26
C PHE C 116 3.22 -5.33 23.34
N ASP C 117 1.97 -5.50 23.78
CA ASP C 117 1.65 -6.34 24.92
C ASP C 117 1.82 -7.81 24.54
N LYS C 118 1.51 -8.12 23.28
CA LYS C 118 1.60 -9.49 22.77
C LYS C 118 2.99 -10.04 23.06
N ASP C 119 4.02 -9.19 22.87
CA ASP C 119 5.40 -9.61 22.95
C ASP C 119 5.69 -10.13 24.36
N PHE C 120 5.16 -9.44 25.37
CA PHE C 120 5.54 -9.69 26.75
C PHE C 120 4.75 -10.87 27.29
N THR C 121 3.51 -11.03 26.80
CA THR C 121 2.67 -12.16 27.17
C THR C 121 3.36 -13.46 26.77
N VAL C 122 3.83 -13.51 25.52
CA VAL C 122 4.22 -14.77 24.90
C VAL C 122 5.58 -15.20 25.45
N PHE C 123 6.45 -14.22 25.71
CA PHE C 123 7.81 -14.50 26.15
C PHE C 123 7.86 -14.51 27.67
N GLY C 124 6.77 -14.06 28.30
CA GLY C 124 6.53 -14.31 29.71
C GLY C 124 7.18 -13.26 30.59
N VAL C 125 7.15 -12.01 30.13
CA VAL C 125 7.68 -10.88 30.89
C VAL C 125 6.51 -10.06 31.41
N ASP C 126 6.67 -9.50 32.61
CA ASP C 126 5.66 -8.63 33.19
C ASP C 126 5.86 -7.22 32.64
N ILE C 127 4.82 -6.70 31.99
CA ILE C 127 4.97 -5.57 31.08
C ILE C 127 5.27 -4.31 31.88
N HIS C 128 4.99 -4.36 33.19
CA HIS C 128 5.05 -3.17 34.03
C HIS C 128 6.49 -2.93 34.50
N ASP C 129 7.34 -3.95 34.34
CA ASP C 129 8.68 -3.94 34.90
C ASP C 129 9.68 -3.53 33.83
N THR C 130 9.19 -3.29 32.61
CA THR C 130 10.03 -3.30 31.42
C THR C 130 11.07 -2.18 31.50
N ARG C 131 10.68 -1.08 32.17
CA ARG C 131 11.56 0.06 32.34
C ARG C 131 12.75 -0.34 33.22
N ALA C 132 12.44 -0.98 34.36
CA ALA C 132 13.46 -1.40 35.30
C ALA C 132 14.29 -2.54 34.68
N LEU C 133 13.61 -3.42 33.95
CA LEU C 133 14.27 -4.56 33.32
C LEU C 133 15.30 -4.06 32.32
N THR C 134 14.89 -3.09 31.49
CA THR C 134 15.74 -2.59 30.42
C THR C 134 16.97 -1.91 31.03
N HIS C 135 16.74 -1.10 32.06
CA HIS C 135 17.81 -0.39 32.73
C HIS C 135 18.78 -1.39 33.36
N ASN C 136 18.24 -2.42 34.02
CA ASN C 136 19.04 -3.40 34.72
C ASN C 136 19.83 -4.23 33.71
N TYR C 137 19.16 -4.65 32.63
CA TYR C 137 19.76 -5.53 31.65
C TYR C 137 20.91 -4.83 30.96
N TYR C 138 20.74 -3.52 30.73
CA TYR C 138 21.80 -2.70 30.16
C TYR C 138 23.03 -2.71 31.07
N ASP C 139 22.78 -2.63 32.39
CA ASP C 139 23.84 -2.62 33.38
C ASP C 139 24.61 -3.94 33.30
N ILE C 140 23.87 -5.05 33.31
CA ILE C 140 24.46 -6.39 33.27
C ILE C 140 25.32 -6.51 32.02
N MET C 141 24.83 -5.94 30.91
CA MET C 141 25.50 -6.07 29.62
C MET C 141 26.80 -5.28 29.65
N GLN C 142 26.72 -4.01 30.07
CA GLN C 142 27.90 -3.18 30.23
C GLN C 142 28.96 -3.95 31.02
N GLU C 143 28.56 -4.44 32.21
CA GLU C 143 29.49 -5.09 33.12
C GLU C 143 30.17 -6.25 32.39
N ALA C 144 29.38 -7.00 31.62
CA ALA C 144 29.87 -8.16 30.90
C ALA C 144 30.96 -7.74 29.93
N TRP C 145 30.71 -6.66 29.19
CA TRP C 145 31.57 -6.24 28.10
C TRP C 145 32.87 -5.65 28.65
N THR C 146 32.74 -4.80 29.67
CA THR C 146 33.83 -3.92 30.09
C THR C 146 34.72 -4.65 31.11
N LYS C 147 34.10 -5.55 31.90
CA LYS C 147 34.80 -6.21 32.98
C LYS C 147 35.09 -7.66 32.61
N GLY C 148 34.41 -8.15 31.58
CA GLY C 148 34.68 -9.47 31.03
C GLY C 148 34.09 -10.58 31.90
N VAL C 149 33.70 -10.22 33.12
CA VAL C 149 32.95 -11.09 34.01
C VAL C 149 31.72 -10.35 34.51
N VAL C 150 30.66 -11.09 34.81
CA VAL C 150 29.42 -10.51 35.29
C VAL C 150 28.66 -11.55 36.11
N GLY C 151 28.14 -11.12 37.26
CA GLY C 151 27.11 -11.86 37.98
C GLY C 151 25.95 -10.95 38.35
N SER C 152 24.89 -11.56 38.89
CA SER C 152 23.70 -10.83 39.32
C SER C 152 23.16 -11.44 40.60
N ASP C 153 23.17 -10.64 41.68
CA ASP C 153 22.28 -10.85 42.81
C ASP C 153 21.10 -9.89 42.68
N GLY C 154 20.95 -9.31 41.47
CA GLY C 154 20.17 -8.09 41.30
C GLY C 154 18.68 -8.37 41.34
N PRO C 155 17.82 -7.35 41.11
CA PRO C 155 16.42 -7.40 41.56
C PRO C 155 15.52 -8.22 40.66
N PHE C 156 16.08 -8.75 39.56
CA PHE C 156 15.30 -9.49 38.59
C PHE C 156 15.93 -10.86 38.34
N LEU C 157 17.26 -10.88 38.14
CA LEU C 157 17.97 -12.09 37.82
C LEU C 157 18.90 -12.47 38.99
N ASN C 158 19.13 -13.78 39.14
CA ASN C 158 20.08 -14.28 40.12
CA ASN C 158 20.08 -14.28 40.12
C ASN C 158 20.96 -15.33 39.46
N PHE C 159 22.25 -15.01 39.30
CA PHE C 159 23.23 -15.97 38.82
C PHE C 159 24.62 -15.53 39.25
N PRO C 160 25.57 -16.47 39.45
CA PRO C 160 26.91 -16.14 39.95
C PRO C 160 27.82 -15.55 38.87
N PRO C 161 28.90 -14.84 39.25
CA PRO C 161 29.77 -14.18 38.29
C PRO C 161 30.43 -15.17 37.32
N VAL C 162 30.28 -14.89 36.02
CA VAL C 162 30.85 -15.74 34.98
C VAL C 162 31.49 -14.85 33.93
N PRO C 163 32.55 -15.32 33.24
CA PRO C 163 33.06 -14.65 32.05
C PRO C 163 32.08 -14.74 30.88
N VAL C 164 31.86 -13.60 30.21
CA VAL C 164 31.04 -13.55 29.01
C VAL C 164 31.96 -13.28 27.81
N ASN C 165 32.02 -14.25 26.90
CA ASN C 165 32.95 -14.20 25.78
C ASN C 165 32.17 -13.98 24.49
N PRO C 166 32.82 -13.44 23.43
CA PRO C 166 34.11 -12.76 23.57
C PRO C 166 33.97 -11.33 24.09
N ARG C 167 35.12 -10.70 24.36
CA ARG C 167 35.18 -9.27 24.54
C ARG C 167 34.83 -8.59 23.22
N PRO C 168 34.16 -7.41 23.25
CA PRO C 168 34.03 -6.57 22.06
C PRO C 168 35.37 -6.34 21.37
N TYR C 169 35.34 -6.31 20.04
CA TYR C 169 36.42 -5.74 19.25
C TYR C 169 36.66 -4.29 19.66
N SER C 170 35.55 -3.53 19.79
CA SER C 170 35.62 -2.10 20.03
C SER C 170 35.98 -1.83 21.49
N ASP C 171 36.49 -0.63 21.75
CA ASP C 171 36.74 -0.17 23.10
C ASP C 171 35.41 0.04 23.81
N LYS C 172 34.40 0.49 23.05
CA LYS C 172 33.06 0.68 23.57
C LYS C 172 32.05 0.13 22.57
N MET C 173 31.15 -0.72 23.07
CA MET C 173 30.07 -1.28 22.27
C MET C 173 29.24 -0.13 21.69
N PRO C 174 29.22 0.04 20.34
CA PRO C 174 28.39 1.06 19.70
C PRO C 174 26.90 0.77 19.89
N MET C 175 26.16 1.77 20.37
CA MET C 175 24.81 1.57 20.85
C MET C 175 23.97 2.81 20.54
N VAL C 176 22.65 2.60 20.44
CA VAL C 176 21.70 3.69 20.48
C VAL C 176 20.55 3.29 21.41
N CYS C 177 19.73 4.28 21.80
CA CYS C 177 18.62 4.05 22.70
C CYS C 177 17.36 4.70 22.13
N ALA C 178 16.33 3.88 21.91
CA ALA C 178 15.01 4.38 21.54
C ALA C 178 14.38 5.07 22.74
N ALA C 179 14.27 6.41 22.66
CA ALA C 179 13.81 7.21 23.78
C ALA C 179 12.75 8.20 23.30
N MET C 180 11.56 8.15 23.91
CA MET C 180 10.46 9.02 23.54
C MET C 180 10.08 9.88 24.75
N SER C 181 10.04 9.26 25.93
CA SER C 181 9.55 9.91 27.13
C SER C 181 10.69 10.69 27.79
N PRO C 182 10.38 11.70 28.63
CA PRO C 182 11.41 12.49 29.31
C PRO C 182 12.27 11.66 30.25
N SER C 183 11.71 10.54 30.72
CA SER C 183 12.34 9.74 31.75
C SER C 183 13.46 8.90 31.14
N THR C 184 13.24 8.45 29.90
CA THR C 184 14.21 7.63 29.19
C THR C 184 15.31 8.53 28.63
N ILE C 185 14.90 9.70 28.12
CA ILE C 185 15.84 10.72 27.69
C ILE C 185 16.83 10.99 28.83
N GLU C 186 16.31 11.02 30.06
CA GLU C 186 17.11 11.30 31.23
C GLU C 186 18.09 10.15 31.46
N TRP C 187 17.58 8.91 31.38
CA TRP C 187 18.38 7.73 31.67
C TRP C 187 19.50 7.61 30.64
N ALA C 188 19.18 7.87 29.37
CA ALA C 188 20.10 7.66 28.27
C ALA C 188 21.25 8.66 28.37
N ALA C 189 20.91 9.93 28.62
CA ALA C 189 21.91 10.99 28.71
C ALA C 189 22.84 10.69 29.88
N LYS C 190 22.27 10.22 30.98
CA LYS C 190 23.03 9.80 32.15
C LYS C 190 24.13 8.83 31.72
N ASN C 191 23.80 7.97 30.74
CA ASN C 191 24.61 6.80 30.43
C ASN C 191 25.41 7.05 29.15
N GLY C 192 25.32 8.27 28.62
CA GLY C 192 25.97 8.62 27.37
C GLY C 192 25.46 7.75 26.22
N LEU C 193 24.15 7.46 26.25
CA LEU C 193 23.52 6.64 25.24
C LEU C 193 22.88 7.54 24.19
N PRO C 194 23.31 7.46 22.91
CA PRO C 194 22.69 8.24 21.84
C PRO C 194 21.23 7.84 21.63
N MET C 195 20.42 8.81 21.19
CA MET C 195 19.03 8.57 20.88
C MET C 195 18.90 8.16 19.41
N ILE C 196 17.93 7.27 19.14
CA ILE C 196 17.31 7.18 17.82
C ILE C 196 15.82 7.50 17.96
N MET C 197 15.38 8.56 17.30
CA MET C 197 14.04 9.08 17.46
C MET C 197 13.16 8.59 16.31
N GLN C 198 11.87 8.38 16.61
CA GLN C 198 10.94 7.77 15.67
C GLN C 198 10.40 8.83 14.71
N HIS C 199 9.63 8.39 13.72
CA HIS C 199 9.36 9.18 12.54
C HIS C 199 8.04 9.93 12.70
N ASP C 200 7.45 9.85 13.91
CA ASP C 200 6.08 10.28 14.13
C ASP C 200 6.06 11.47 15.09
N ILE C 201 7.23 12.11 15.25
CA ILE C 201 7.43 13.09 16.32
C ILE C 201 7.37 14.50 15.72
N GLU C 202 6.61 15.37 16.38
CA GLU C 202 6.52 16.77 15.98
C GLU C 202 7.92 17.40 16.06
N HIS C 203 8.17 18.37 15.18
CA HIS C 203 9.51 18.85 14.91
C HIS C 203 10.06 19.58 16.13
N ASN C 204 9.18 20.32 16.80
CA ASN C 204 9.58 21.19 17.91
C ASN C 204 9.72 20.37 19.17
N GLU C 205 9.06 19.20 19.19
CA GLU C 205 9.25 18.23 20.25
C GLU C 205 10.61 17.56 20.10
N LYS C 206 10.98 17.23 18.87
CA LYS C 206 12.30 16.73 18.56
C LYS C 206 13.36 17.67 19.12
N ALA C 207 13.18 18.97 18.86
CA ALA C 207 14.15 19.98 19.25
C ALA C 207 14.21 20.07 20.78
N SER C 208 13.05 20.00 21.43
CA SER C 208 12.96 19.98 22.88
C SER C 208 13.75 18.81 23.43
N ASN C 209 13.56 17.63 22.83
CA ASN C 209 14.09 16.38 23.35
C ASN C 209 15.62 16.43 23.36
N VAL C 210 16.18 17.00 22.28
CA VAL C 210 17.62 17.06 22.12
C VAL C 210 18.19 18.04 23.15
N GLU C 211 17.48 19.16 23.36
CA GLU C 211 17.91 20.19 24.28
C GLU C 211 17.99 19.60 25.69
N LEU C 212 16.97 18.80 26.05
CA LEU C 212 16.87 18.22 27.37
C LEU C 212 18.00 17.21 27.58
N TYR C 213 18.22 16.36 26.57
CA TYR C 213 19.28 15.36 26.62
C TYR C 213 20.62 16.06 26.82
N ARG C 214 20.88 17.05 25.96
CA ARG C 214 22.14 17.78 25.99
C ARG C 214 22.45 18.22 27.41
N ALA C 215 21.46 18.82 28.07
CA ALA C 215 21.65 19.46 29.36
C ALA C 215 21.92 18.40 30.43
N LEU C 216 21.22 17.27 30.33
CA LEU C 216 21.29 16.22 31.33
C LEU C 216 22.56 15.38 31.11
N ALA C 217 22.90 15.18 29.84
CA ALA C 217 24.20 14.64 29.47
C ALA C 217 25.30 15.43 30.16
N GLU C 218 25.26 16.75 29.97
CA GLU C 218 26.26 17.65 30.54
C GLU C 218 26.30 17.46 32.05
N GLU C 219 25.12 17.45 32.68
CA GLU C 219 25.01 17.44 34.13
C GLU C 219 25.69 16.20 34.67
N HIS C 220 25.68 15.12 33.89
CA HIS C 220 26.18 13.82 34.34
C HIS C 220 27.58 13.58 33.76
N GLY C 221 28.21 14.65 33.25
CA GLY C 221 29.64 14.67 33.03
C GLY C 221 30.03 14.17 31.65
N HIS C 222 29.04 14.13 30.74
CA HIS C 222 29.25 13.64 29.39
C HIS C 222 29.45 14.81 28.43
N ASP C 223 30.08 14.53 27.28
CA ASP C 223 30.24 15.51 26.23
C ASP C 223 29.15 15.29 25.17
N PRO C 224 28.14 16.19 25.08
CA PRO C 224 27.00 15.98 24.21
C PRO C 224 27.35 16.07 22.73
N ASP C 225 28.38 16.88 22.41
CA ASP C 225 28.77 17.12 21.03
C ASP C 225 29.50 15.89 20.49
N GLY C 226 29.94 15.02 21.39
CA GLY C 226 30.57 13.76 21.02
C GLY C 226 29.54 12.65 20.81
N ILE C 227 28.28 12.94 21.17
CA ILE C 227 27.21 11.95 21.10
C ILE C 227 26.35 12.26 19.87
N GLU C 228 26.06 11.21 19.09
CA GLU C 228 25.52 11.36 17.75
C GLU C 228 24.11 10.79 17.69
N HIS C 229 23.12 11.69 17.67
CA HIS C 229 21.73 11.30 17.73
C HIS C 229 21.21 10.96 16.34
N THR C 230 20.20 10.09 16.29
CA THR C 230 19.66 9.58 15.03
C THR C 230 18.18 9.96 14.93
N ILE C 231 17.71 10.17 13.70
CA ILE C 231 16.31 10.42 13.46
C ILE C 231 15.83 9.51 12.32
N ALA C 232 14.69 8.86 12.54
CA ALA C 232 14.05 8.05 11.51
C ALA C 232 13.16 8.93 10.66
N MET C 233 13.29 8.79 9.34
CA MET C 233 12.50 9.56 8.39
C MET C 233 12.02 8.65 7.27
N ILE C 234 10.76 8.85 6.86
CA ILE C 234 10.28 8.31 5.59
C ILE C 234 10.64 9.28 4.48
N VAL C 235 11.31 8.76 3.44
CA VAL C 235 11.57 9.53 2.23
C VAL C 235 10.86 8.85 1.06
N ALA C 236 10.01 9.62 0.38
CA ALA C 236 9.41 9.19 -0.86
C ALA C 236 9.22 10.39 -1.78
N VAL C 237 9.81 10.32 -2.98
CA VAL C 237 10.17 11.50 -3.74
C VAL C 237 9.76 11.30 -5.19
N ASP C 238 9.08 12.32 -5.75
CA ASP C 238 8.59 12.26 -7.11
C ASP C 238 8.46 13.70 -7.63
N PRO C 239 8.64 13.92 -8.95
CA PRO C 239 8.28 15.20 -9.58
C PRO C 239 6.88 15.68 -9.18
N ASP C 240 5.91 14.77 -9.19
CA ASP C 240 4.54 15.09 -8.85
C ASP C 240 4.28 14.70 -7.40
N ARG C 241 4.02 15.69 -6.55
CA ARG C 241 3.97 15.50 -5.10
C ARG C 241 2.61 14.91 -4.71
N GLU C 242 1.60 15.16 -5.55
CA GLU C 242 0.27 14.63 -5.32
C GLU C 242 0.28 13.12 -5.55
N ARG C 243 1.06 12.68 -6.54
CA ARG C 243 1.17 11.27 -6.87
C ARG C 243 1.76 10.52 -5.68
N VAL C 244 2.90 10.98 -5.18
CA VAL C 244 3.70 10.23 -4.23
C VAL C 244 3.04 10.30 -2.86
N ARG C 245 2.41 11.44 -2.56
CA ARG C 245 1.62 11.58 -1.35
C ARG C 245 0.52 10.53 -1.32
N GLU C 246 -0.11 10.32 -2.48
CA GLU C 246 -1.26 9.43 -2.59
C GLU C 246 -0.82 8.01 -2.23
N GLU C 247 0.26 7.54 -2.87
CA GLU C 247 0.66 6.14 -2.77
C GLU C 247 1.38 5.92 -1.45
N CYS C 248 1.78 7.00 -0.79
CA CYS C 248 2.36 6.93 0.54
C CYS C 248 1.26 6.87 1.60
N ARG C 249 0.18 7.61 1.37
CA ARG C 249 -0.96 7.60 2.27
C ARG C 249 -1.58 6.20 2.27
N HIS C 250 -1.66 5.59 1.09
CA HIS C 250 -2.19 4.25 0.95
C HIS C 250 -1.42 3.29 1.87
N TYR C 251 -0.09 3.39 1.81
CA TYR C 251 0.79 2.51 2.57
C TYR C 251 0.62 2.76 4.06
N LEU C 252 0.54 4.04 4.42
CA LEU C 252 0.51 4.45 5.82
C LEU C 252 -0.85 4.11 6.43
N ASN C 253 -1.89 4.16 5.60
CA ASN C 253 -3.24 3.77 6.02
C ASN C 253 -3.20 2.32 6.49
N TRP C 254 -2.58 1.45 5.68
CA TRP C 254 -2.44 0.04 6.02
C TRP C 254 -1.62 -0.08 7.31
N PHE C 255 -0.53 0.69 7.40
CA PHE C 255 0.43 0.51 8.46
C PHE C 255 -0.24 0.75 9.82
N GLU C 256 -1.07 1.80 9.88
CA GLU C 256 -1.79 2.14 11.10
C GLU C 256 -2.82 1.05 11.38
N ASP C 257 -3.33 0.42 10.33
CA ASP C 257 -4.19 -0.75 10.44
C ASP C 257 -3.39 -1.91 11.04
N ALA C 258 -2.13 -2.02 10.64
CA ALA C 258 -1.25 -3.07 11.13
C ALA C 258 -0.93 -2.83 12.61
N VAL C 259 -0.96 -1.56 13.03
CA VAL C 259 -0.72 -1.20 14.41
C VAL C 259 -1.91 -1.65 15.26
N GLU C 260 -3.11 -1.58 14.68
CA GLU C 260 -4.33 -1.98 15.37
C GLU C 260 -4.35 -3.50 15.53
N LYS C 261 -3.95 -4.22 14.48
CA LYS C 261 -3.93 -5.67 14.49
C LYS C 261 -2.92 -6.16 15.51
N ALA C 262 -1.75 -5.50 15.55
CA ALA C 262 -0.66 -5.92 16.42
C ALA C 262 -1.07 -5.77 17.88
N GLN C 263 -2.05 -4.90 18.13
CA GLN C 263 -2.43 -4.54 19.49
C GLN C 263 -3.52 -5.47 19.98
N ASN C 264 -4.04 -6.31 19.07
CA ASN C 264 -5.31 -6.99 19.29
C ASN C 264 -5.21 -8.44 18.83
N ILE C 265 -3.98 -8.92 18.58
CA ILE C 265 -3.76 -10.07 17.73
C ILE C 265 -4.17 -11.34 18.46
N ILE C 266 -3.74 -11.47 19.73
CA ILE C 266 -3.88 -12.72 20.45
C ILE C 266 -5.35 -12.97 20.76
N ASP C 267 -6.16 -11.90 20.66
CA ASP C 267 -7.59 -12.00 20.90
C ASP C 267 -8.28 -12.48 19.63
N ILE C 268 -7.72 -12.11 18.47
CA ILE C 268 -8.28 -12.46 17.19
C ILE C 268 -8.11 -13.97 16.97
N VAL C 269 -7.04 -14.53 17.52
CA VAL C 269 -6.71 -15.93 17.34
C VAL C 269 -7.46 -16.78 18.36
N ARG C 270 -7.63 -16.22 19.57
CA ARG C 270 -8.42 -16.87 20.61
C ARG C 270 -9.84 -17.12 20.09
N GLU C 271 -10.42 -16.10 19.46
CA GLU C 271 -11.84 -16.12 19.12
C GLU C 271 -12.06 -16.94 17.86
N HIS C 272 -11.24 -16.70 16.84
CA HIS C 272 -11.57 -17.11 15.48
C HIS C 272 -10.65 -18.24 15.04
N GLY C 273 -9.64 -18.54 15.87
CA GLY C 273 -8.75 -19.67 15.62
C GLY C 273 -7.55 -19.29 14.78
N VAL C 274 -7.78 -18.45 13.78
CA VAL C 274 -6.73 -17.98 12.89
C VAL C 274 -6.77 -16.46 12.84
N GLU C 275 -5.81 -15.87 12.11
CA GLU C 275 -5.66 -14.42 12.04
C GLU C 275 -6.53 -13.89 10.90
N CYS C 276 -6.40 -14.51 9.71
CA CYS C 276 -7.24 -14.18 8.58
C CYS C 276 -8.42 -15.16 8.51
N TYR C 277 -9.52 -14.78 9.17
CA TYR C 277 -10.66 -15.68 9.34
C TYR C 277 -11.76 -15.30 8.36
N ASP C 278 -12.96 -15.86 8.57
CA ASP C 278 -14.02 -15.81 7.59
C ASP C 278 -14.30 -14.35 7.21
N TRP C 279 -14.11 -14.04 5.91
CA TRP C 279 -14.32 -12.70 5.40
C TRP C 279 -15.73 -12.22 5.74
N HIS C 280 -16.70 -13.14 5.64
CA HIS C 280 -18.10 -12.85 5.93
C HIS C 280 -18.21 -12.05 7.23
N LEU C 281 -17.43 -12.45 8.23
CA LEU C 281 -17.42 -11.77 9.53
C LEU C 281 -16.43 -10.61 9.47
N ARG C 282 -15.23 -10.88 8.94
CA ARG C 282 -14.08 -10.02 9.13
C ARG C 282 -14.26 -8.73 8.34
N LYS C 283 -15.05 -8.81 7.26
CA LYS C 283 -15.24 -7.67 6.36
C LYS C 283 -15.76 -6.47 7.15
N TRP C 284 -16.57 -6.75 8.17
CA TRP C 284 -17.28 -5.72 8.90
C TRP C 284 -16.45 -5.23 10.08
N ARG C 285 -15.75 -6.16 10.74
CA ARG C 285 -14.94 -5.85 11.90
C ARG C 285 -13.81 -4.91 11.49
N GLU C 286 -13.29 -5.09 10.27
CA GLU C 286 -12.15 -4.33 9.79
C GLU C 286 -12.62 -2.95 9.35
N ALA C 287 -13.79 -2.90 8.71
CA ALA C 287 -14.36 -1.65 8.23
C ALA C 287 -14.66 -0.74 9.44
N VAL C 288 -15.25 -1.33 10.48
CA VAL C 288 -15.72 -0.58 11.62
C VAL C 288 -14.51 -0.17 12.47
N ILE C 289 -13.53 -1.08 12.58
CA ILE C 289 -12.27 -0.78 13.24
C ILE C 289 -11.57 0.33 12.47
N LYS C 290 -11.10 0.00 11.26
CA LYS C 290 -10.17 0.85 10.52
C LYS C 290 -10.81 1.25 9.19
N GLY C 291 -12.03 1.81 9.27
CA GLY C 291 -12.40 2.98 8.50
C GLY C 291 -12.33 4.25 9.35
N ASP C 292 -13.02 4.22 10.50
CA ASP C 292 -12.58 4.95 11.68
C ASP C 292 -12.60 6.45 11.38
N THR C 293 -11.63 7.17 11.95
CA THR C 293 -11.64 8.62 11.94
C THR C 293 -10.27 9.14 12.36
N ALA C 294 -9.73 8.58 13.45
CA ALA C 294 -8.55 9.13 14.10
C ALA C 294 -7.30 8.70 13.34
N ILE C 295 -7.38 7.57 12.65
CA ILE C 295 -6.26 7.02 11.91
C ILE C 295 -5.93 7.96 10.75
N SER C 296 -6.99 8.52 10.14
CA SER C 296 -6.83 9.48 9.05
C SER C 296 -6.00 10.67 9.51
N LYS C 297 -6.19 11.07 10.77
CA LYS C 297 -5.46 12.20 11.35
C LYS C 297 -3.98 11.84 11.48
N VAL C 298 -3.70 10.57 11.78
CA VAL C 298 -2.35 10.13 12.07
C VAL C 298 -1.56 10.05 10.77
N VAL C 299 -2.18 9.46 9.73
CA VAL C 299 -1.57 9.38 8.41
C VAL C 299 -1.21 10.79 7.94
N ASP C 300 -2.19 11.69 7.99
CA ASP C 300 -1.99 13.08 7.60
C ASP C 300 -0.80 13.64 8.37
N ASN C 301 -0.70 13.27 9.65
CA ASN C 301 0.35 13.76 10.53
C ASN C 301 1.70 13.23 10.05
N LEU C 302 1.70 11.99 9.54
CA LEU C 302 2.93 11.31 9.15
C LEU C 302 3.45 11.91 7.84
N LEU C 303 2.52 12.19 6.92
CA LEU C 303 2.88 12.75 5.62
C LEU C 303 3.52 14.12 5.81
N ARG C 304 2.98 14.89 6.76
CA ARG C 304 3.39 16.27 6.98
C ARG C 304 4.82 16.28 7.52
N LEU C 305 5.10 15.39 8.48
CA LEU C 305 6.33 15.43 9.26
C LEU C 305 7.48 14.89 8.41
N ASN C 306 7.15 14.07 7.41
CA ASN C 306 8.12 13.23 6.73
C ASN C 306 8.42 13.82 5.37
N ALA C 307 9.45 13.27 4.70
CA ALA C 307 9.99 13.85 3.48
C ALA C 307 9.30 13.21 2.28
N ILE C 308 8.06 13.65 2.02
CA ILE C 308 7.20 13.01 1.05
C ILE C 308 6.68 14.07 0.08
N GLY C 309 7.20 14.04 -1.15
CA GLY C 309 6.78 14.97 -2.19
C GLY C 309 7.87 15.16 -3.25
N THR C 310 8.03 16.40 -3.71
CA THR C 310 9.08 16.75 -4.65
C THR C 310 10.43 16.72 -3.93
N PRO C 311 11.55 16.66 -4.68
CA PRO C 311 12.88 16.83 -4.09
C PRO C 311 12.98 18.04 -3.15
N GLU C 312 12.35 19.15 -3.57
CA GLU C 312 12.48 20.41 -2.85
C GLU C 312 11.81 20.30 -1.49
N ASP C 313 10.64 19.64 -1.46
CA ASP C 313 9.92 19.40 -0.21
C ASP C 313 10.77 18.55 0.71
N ALA C 314 11.43 17.53 0.14
CA ALA C 314 12.22 16.59 0.91
C ALA C 314 13.41 17.31 1.56
N ILE C 315 14.03 18.22 0.79
CA ILE C 315 15.17 18.99 1.28
C ILE C 315 14.72 19.83 2.47
N GLU C 316 13.60 20.55 2.30
CA GLU C 316 13.16 21.53 3.26
C GLU C 316 12.86 20.85 4.60
N THR C 317 12.15 19.71 4.52
CA THR C 317 11.71 19.00 5.70
C THR C 317 12.91 18.38 6.40
N ILE C 318 13.74 17.65 5.63
CA ILE C 318 14.92 17.01 6.16
C ILE C 318 15.81 18.07 6.82
N GLN C 319 16.06 19.15 6.08
CA GLN C 319 17.03 20.15 6.48
C GLN C 319 16.50 20.90 7.71
N HIS C 320 15.17 20.99 7.80
CA HIS C 320 14.53 21.63 8.94
C HIS C 320 14.76 20.80 10.20
N VAL C 321 14.60 19.48 10.07
CA VAL C 321 14.76 18.57 11.19
C VAL C 321 16.22 18.63 11.67
N ILE C 322 17.14 18.80 10.72
CA ILE C 322 18.55 18.90 11.03
C ILE C 322 18.82 20.24 11.73
N ASP C 323 18.08 21.27 11.32
CA ASP C 323 18.35 22.64 11.74
C ASP C 323 17.99 22.81 13.21
N VAL C 324 16.97 22.06 13.67
CA VAL C 324 16.37 22.31 14.96
C VAL C 324 16.91 21.32 15.98
N THR C 325 17.52 20.23 15.49
CA THR C 325 17.97 19.15 16.35
C THR C 325 19.50 19.07 16.34
N GLY C 326 20.08 19.18 15.13
CA GLY C 326 21.51 19.01 14.96
C GLY C 326 21.93 17.55 15.02
N VAL C 327 21.01 16.65 14.63
CA VAL C 327 21.30 15.23 14.55
C VAL C 327 22.42 15.01 13.53
N LYS C 328 23.17 13.92 13.73
CA LYS C 328 24.33 13.63 12.90
C LYS C 328 23.99 12.51 11.92
N ARG C 329 22.92 11.77 12.19
CA ARG C 329 22.53 10.63 11.38
C ARG C 329 21.04 10.68 11.09
N VAL C 330 20.67 10.36 9.84
CA VAL C 330 19.28 10.27 9.44
C VAL C 330 19.06 8.95 8.71
N VAL C 331 18.28 8.05 9.32
CA VAL C 331 17.95 6.77 8.74
C VAL C 331 16.61 6.90 8.00
N VAL C 332 16.62 6.55 6.71
CA VAL C 332 15.51 6.87 5.82
C VAL C 332 14.79 5.57 5.47
N GLY C 333 13.46 5.66 5.34
CA GLY C 333 12.65 4.56 4.86
C GLY C 333 12.00 4.88 3.52
N PHE C 334 12.25 4.01 2.53
CA PHE C 334 11.92 4.30 1.15
C PHE C 334 10.68 3.53 0.72
N GLU C 335 10.22 2.63 1.60
CA GLU C 335 9.47 1.46 1.19
C GLU C 335 7.99 1.80 1.07
N ALA C 336 7.61 2.97 1.59
CA ALA C 336 6.21 3.36 1.67
C ALA C 336 5.66 3.67 0.28
N ILE C 337 6.58 3.90 -0.67
CA ILE C 337 6.20 4.31 -2.01
C ILE C 337 5.74 3.10 -2.80
N GLY C 338 6.29 1.92 -2.46
CA GLY C 338 5.69 0.65 -2.81
C GLY C 338 6.68 -0.30 -3.47
N ASP C 339 6.44 -0.60 -4.74
CA ASP C 339 7.13 -1.69 -5.43
C ASP C 339 8.61 -1.39 -5.50
N ARG C 340 9.41 -2.42 -5.78
CA ARG C 340 10.86 -2.31 -5.80
C ARG C 340 11.29 -1.32 -6.87
N ASP C 341 10.57 -1.32 -8.01
CA ASP C 341 10.92 -0.47 -9.13
C ASP C 341 10.55 0.97 -8.81
N ARG C 342 9.48 1.15 -8.01
CA ARG C 342 9.08 2.47 -7.55
C ARG C 342 10.09 2.98 -6.53
N VAL C 343 10.56 2.08 -5.65
CA VAL C 343 11.46 2.45 -4.58
C VAL C 343 12.79 2.89 -5.18
N LEU C 344 13.25 2.14 -6.19
CA LEU C 344 14.48 2.48 -6.90
C LEU C 344 14.35 3.86 -7.54
N GLU C 345 13.20 4.10 -8.18
CA GLU C 345 12.90 5.40 -8.77
C GLU C 345 13.09 6.49 -7.72
N SER C 346 12.62 6.21 -6.49
CA SER C 346 12.63 7.19 -5.41
C SER C 346 14.04 7.36 -4.89
N MET C 347 14.77 6.23 -4.78
CA MET C 347 16.09 6.23 -4.18
C MET C 347 17.06 7.01 -5.06
N LYS C 348 16.75 7.06 -6.37
CA LYS C 348 17.61 7.69 -7.35
C LYS C 348 17.44 9.21 -7.27
N LEU C 349 16.19 9.65 -7.19
CA LEU C 349 15.86 11.06 -7.21
C LEU C 349 16.30 11.71 -5.90
N PHE C 350 16.21 10.93 -4.81
CA PHE C 350 16.81 11.31 -3.55
C PHE C 350 18.32 11.51 -3.73
N ASP C 351 18.96 10.51 -4.32
CA ASP C 351 20.41 10.43 -4.34
C ASP C 351 20.96 11.63 -5.11
N GLU C 352 20.18 12.11 -6.09
CA GLU C 352 20.72 12.95 -7.16
C GLU C 352 20.26 14.39 -6.97
N GLN C 353 19.15 14.57 -6.24
CA GLN C 353 18.43 15.83 -6.26
C GLN C 353 18.05 16.26 -4.84
N VAL C 354 18.27 15.37 -3.86
CA VAL C 354 18.09 15.72 -2.46
C VAL C 354 19.44 15.66 -1.75
N ARG C 355 20.04 14.47 -1.74
CA ARG C 355 21.08 14.13 -0.78
C ARG C 355 22.21 15.17 -0.85
N PRO C 356 22.70 15.51 -2.07
CA PRO C 356 23.83 16.44 -2.21
C PRO C 356 23.63 17.78 -1.52
N HIS C 357 22.38 18.19 -1.36
CA HIS C 357 22.05 19.57 -1.02
C HIS C 357 21.79 19.69 0.49
N ILE C 358 22.00 18.60 1.22
CA ILE C 358 21.75 18.56 2.66
C ILE C 358 23.06 18.83 3.39
N ARG C 359 22.98 19.67 4.43
CA ARG C 359 24.16 20.06 5.19
C ARG C 359 23.84 19.99 6.69
N GLY C 360 24.89 19.75 7.49
CA GLY C 360 24.76 19.71 8.94
C GLY C 360 24.47 21.09 9.53
N ALA C 361 24.30 21.15 10.85
CA ALA C 361 23.67 22.28 11.51
C ALA C 361 24.74 23.31 11.90
N ASP D 6 30.25 -39.15 -3.20
CA ASP D 6 29.25 -39.76 -2.28
C ASP D 6 29.23 -38.99 -0.97
N ILE D 7 30.42 -38.81 -0.37
CA ILE D 7 30.52 -38.23 0.96
C ILE D 7 30.39 -36.71 0.85
N LYS D 8 29.56 -36.14 1.73
CA LYS D 8 29.49 -34.69 1.90
C LYS D 8 30.49 -34.26 2.97
N TRP D 9 31.22 -33.18 2.67
CA TRP D 9 32.25 -32.69 3.57
C TRP D 9 31.81 -31.37 4.20
N GLY D 10 31.66 -31.37 5.52
CA GLY D 10 31.52 -30.15 6.29
C GLY D 10 32.84 -29.73 6.93
N MET D 11 32.91 -28.47 7.36
CA MET D 11 34.05 -27.96 8.10
C MET D 11 33.57 -27.23 9.35
N PHE D 12 34.15 -27.58 10.49
CA PHE D 12 33.90 -26.86 11.74
C PHE D 12 34.67 -25.54 11.73
N LEU D 13 33.96 -24.45 12.07
CA LEU D 13 34.60 -23.18 12.37
C LEU D 13 34.64 -22.99 13.89
N ASN D 14 35.64 -23.63 14.53
CA ASN D 14 35.73 -23.65 15.97
C ASN D 14 36.26 -22.31 16.46
N THR D 15 36.00 -22.01 17.73
CA THR D 15 36.37 -20.74 18.33
C THR D 15 37.00 -20.98 19.70
N ALA D 16 37.80 -22.04 19.81
CA ALA D 16 38.56 -22.32 21.02
C ALA D 16 39.76 -21.38 21.08
N ARG D 17 40.04 -20.86 22.28
CA ARG D 17 41.19 -20.01 22.50
C ARG D 17 42.19 -20.71 23.42
N PRO D 18 43.10 -21.54 22.86
CA PRO D 18 44.33 -21.92 23.57
C PRO D 18 45.01 -20.72 24.22
N PRO D 19 45.81 -20.94 25.29
CA PRO D 19 46.32 -19.85 26.12
C PRO D 19 47.17 -18.85 25.37
N GLN D 20 47.73 -19.28 24.23
CA GLN D 20 48.70 -18.47 23.51
C GLN D 20 48.05 -17.85 22.28
N PHE D 21 46.73 -17.69 22.34
CA PHE D 21 45.98 -17.03 21.28
C PHE D 21 45.20 -15.85 21.85
N THR D 22 44.94 -14.86 21.00
CA THR D 22 43.97 -13.82 21.30
C THR D 22 42.58 -14.26 20.81
N GLU D 23 41.54 -13.60 21.31
CA GLU D 23 40.19 -13.83 20.85
C GLU D 23 40.08 -13.42 19.38
N ARG D 24 40.64 -12.26 19.06
CA ARG D 24 40.56 -11.72 17.71
C ARG D 24 41.10 -12.75 16.71
N ARG D 25 42.30 -13.25 16.99
CA ARG D 25 42.98 -14.16 16.08
C ARG D 25 42.08 -15.37 15.82
N VAL D 26 41.54 -15.93 16.90
CA VAL D 26 40.68 -17.10 16.83
C VAL D 26 39.47 -16.77 15.96
N LEU D 27 38.80 -15.66 16.28
CA LEU D 27 37.55 -15.29 15.61
C LEU D 27 37.86 -14.88 14.17
N GLU D 28 39.11 -14.47 13.93
CA GLU D 28 39.53 -13.99 12.62
C GLU D 28 39.86 -15.17 11.73
N ASN D 29 40.55 -16.16 12.32
CA ASN D 29 40.79 -17.43 11.65
C ASN D 29 39.47 -18.06 11.24
N ALA D 30 38.52 -18.09 12.18
CA ALA D 30 37.24 -18.76 11.97
C ALA D 30 36.58 -18.25 10.70
N LYS D 31 36.50 -16.92 10.56
CA LYS D 31 35.88 -16.29 9.41
C LYS D 31 36.58 -16.75 8.14
N PHE D 32 37.89 -16.91 8.21
CA PHE D 32 38.70 -17.20 7.04
C PHE D 32 38.49 -18.66 6.63
N TYR D 33 38.57 -19.56 7.61
CA TYR D 33 38.39 -20.98 7.36
C TYR D 33 37.05 -21.22 6.67
N GLY D 34 36.07 -20.36 6.99
CA GLY D 34 34.77 -20.38 6.33
C GLY D 34 34.89 -20.03 4.86
N GLN D 35 35.68 -18.98 4.57
CA GLN D 35 35.93 -18.57 3.20
C GLN D 35 36.66 -19.68 2.46
N VAL D 36 37.56 -20.35 3.16
CA VAL D 36 38.32 -21.46 2.59
C VAL D 36 37.36 -22.60 2.26
N ALA D 37 36.50 -22.92 3.23
CA ALA D 37 35.53 -24.00 3.08
C ALA D 37 34.90 -23.91 1.69
N GLU D 38 34.36 -22.73 1.37
CA GLU D 38 33.60 -22.52 0.15
C GLU D 38 34.54 -22.67 -1.06
N GLU D 39 35.75 -22.12 -0.92
CA GLU D 39 36.70 -22.09 -2.02
C GLU D 39 37.21 -23.50 -2.29
N MET D 40 37.39 -24.28 -1.22
CA MET D 40 37.86 -25.65 -1.34
C MET D 40 36.69 -26.58 -1.63
N GLY D 41 35.49 -26.00 -1.72
CA GLY D 41 34.32 -26.71 -2.23
C GLY D 41 33.80 -27.73 -1.23
N PHE D 42 33.71 -27.31 0.04
CA PHE D 42 33.03 -28.10 1.07
C PHE D 42 31.53 -27.92 0.94
N GLU D 43 30.78 -28.91 1.45
CA GLU D 43 29.33 -28.93 1.32
C GLU D 43 28.71 -28.00 2.35
N SER D 44 29.32 -27.95 3.54
CA SER D 44 28.79 -27.17 4.65
C SER D 44 29.92 -26.68 5.55
N ALA D 45 29.59 -25.73 6.44
CA ALA D 45 30.43 -25.37 7.56
C ALA D 45 29.57 -25.18 8.81
N TRP D 46 30.17 -25.39 9.98
CA TRP D 46 29.41 -25.70 11.18
C TRP D 46 29.90 -24.86 12.36
N MET D 47 28.94 -24.34 13.13
CA MET D 47 29.24 -23.52 14.30
C MET D 47 28.75 -24.24 15.56
N LEU D 48 29.41 -23.97 16.69
CA LEU D 48 29.06 -24.59 17.96
C LEU D 48 28.49 -23.54 18.90
N GLU D 49 28.02 -23.99 20.07
CA GLU D 49 27.60 -23.10 21.14
C GLU D 49 28.28 -23.51 22.45
N HIS D 50 28.99 -22.56 23.06
CA HIS D 50 29.49 -22.73 24.42
C HIS D 50 29.38 -21.41 25.18
N HIS D 51 29.50 -21.49 26.51
CA HIS D 51 29.28 -20.34 27.38
C HIS D 51 30.36 -20.31 28.46
N PHE D 52 30.97 -19.14 28.63
CA PHE D 52 31.66 -18.78 29.87
C PHE D 52 33.00 -19.51 29.95
N THR D 53 33.55 -19.87 28.78
CA THR D 53 34.65 -20.81 28.72
C THR D 53 35.45 -20.57 27.45
N ASP D 54 36.79 -20.59 27.57
CA ASP D 54 37.68 -20.33 26.46
C ASP D 54 37.68 -21.53 25.51
N TYR D 55 37.14 -22.65 25.99
CA TYR D 55 37.12 -23.89 25.22
C TYR D 55 36.19 -23.73 24.02
N GLY D 56 35.38 -22.66 24.04
CA GLY D 56 34.73 -22.17 22.84
C GLY D 56 34.02 -20.84 23.09
N LEU D 57 34.32 -19.85 22.24
CA LEU D 57 34.02 -18.46 22.55
C LEU D 57 32.60 -18.11 22.09
N CYS D 58 32.12 -18.85 21.08
CA CYS D 58 30.85 -18.54 20.44
C CYS D 58 29.70 -19.14 21.24
N GLY D 59 28.90 -18.27 21.85
CA GLY D 59 27.72 -18.69 22.60
C GLY D 59 26.42 -18.32 21.87
N SER D 60 26.56 -17.91 20.61
CA SER D 60 25.41 -17.64 19.76
C SER D 60 25.64 -18.21 18.36
N PRO D 61 25.40 -19.52 18.15
CA PRO D 61 25.68 -20.16 16.86
C PRO D 61 24.80 -19.60 15.74
N MET D 62 23.69 -18.96 16.11
CA MET D 62 22.75 -18.44 15.14
C MET D 62 23.31 -17.14 14.54
N VAL D 63 23.89 -16.30 15.40
CA VAL D 63 24.55 -15.08 14.95
C VAL D 63 25.72 -15.46 14.05
N MET D 64 26.47 -16.49 14.46
CA MET D 64 27.70 -16.85 13.77
C MET D 64 27.35 -17.55 12.45
N ALA D 65 26.25 -18.31 12.45
CA ALA D 65 25.77 -18.96 11.24
C ALA D 65 25.23 -17.91 10.28
N SER D 66 24.58 -16.88 10.83
CA SER D 66 23.89 -15.88 10.03
C SER D 66 24.92 -15.07 9.24
N TYR D 67 26.04 -14.74 9.91
CA TYR D 67 27.10 -13.96 9.31
C TYR D 67 27.71 -14.75 8.15
N ILE D 68 28.11 -16.00 8.43
CA ILE D 68 28.91 -16.79 7.51
C ILE D 68 28.09 -17.04 6.25
N LEU D 69 26.77 -17.19 6.41
CA LEU D 69 25.87 -17.38 5.29
C LEU D 69 25.87 -16.13 4.42
N GLY D 70 25.67 -14.97 5.06
CA GLY D 70 25.78 -13.69 4.37
C GLY D 70 27.10 -13.56 3.61
N ALA D 71 28.16 -14.15 4.18
CA ALA D 71 29.51 -13.92 3.71
C ALA D 71 29.91 -14.99 2.70
N THR D 72 28.95 -15.81 2.27
CA THR D 72 29.21 -16.91 1.36
C THR D 72 28.05 -17.04 0.37
N ARG D 73 28.28 -17.81 -0.70
CA ARG D 73 27.40 -17.81 -1.86
C ARG D 73 26.70 -19.16 -2.00
N ARG D 74 27.45 -20.25 -1.78
CA ARG D 74 26.99 -21.58 -2.14
C ARG D 74 26.83 -22.44 -0.89
N ILE D 75 27.79 -22.34 0.03
CA ILE D 75 27.99 -23.34 1.07
C ILE D 75 26.77 -23.38 1.98
N LYS D 76 26.52 -24.54 2.59
CA LYS D 76 25.51 -24.67 3.62
C LYS D 76 26.17 -24.45 4.99
N VAL D 77 25.39 -23.90 5.93
CA VAL D 77 25.90 -23.59 7.26
C VAL D 77 24.95 -24.19 8.29
N GLY D 78 25.50 -25.06 9.15
CA GLY D 78 24.73 -25.71 10.19
C GLY D 78 25.21 -25.33 11.58
N THR D 79 24.44 -25.73 12.60
CA THR D 79 24.85 -25.57 13.98
C THR D 79 24.99 -26.95 14.61
N ALA D 80 25.83 -27.03 15.67
CA ALA D 80 26.18 -28.31 16.27
C ALA D 80 26.69 -28.07 17.69
N ILE D 81 25.77 -27.77 18.61
CA ILE D 81 24.36 -27.65 18.31
C ILE D 81 23.84 -26.36 18.96
N ASN D 82 22.59 -25.99 18.62
CA ASN D 82 21.79 -25.11 19.45
C ASN D 82 21.32 -25.87 20.68
N ILE D 83 21.76 -25.40 21.86
CA ILE D 83 21.30 -25.96 23.13
C ILE D 83 19.87 -25.47 23.39
N LEU D 84 18.90 -26.32 23.06
CA LEU D 84 17.51 -25.89 22.95
C LEU D 84 17.04 -25.29 24.27
N PRO D 85 17.24 -25.98 25.41
CA PRO D 85 16.66 -25.56 26.69
C PRO D 85 16.96 -24.11 27.04
N LEU D 86 18.04 -23.57 26.47
CA LEU D 86 18.58 -22.29 26.90
C LEU D 86 17.92 -21.16 26.11
N GLU D 87 16.98 -21.53 25.24
CA GLU D 87 16.40 -20.59 24.28
C GLU D 87 14.89 -20.79 24.25
N HIS D 88 14.16 -19.68 24.07
CA HIS D 88 12.71 -19.74 23.91
C HIS D 88 12.38 -20.22 22.50
N PRO D 89 11.50 -21.23 22.36
CA PRO D 89 11.30 -21.91 21.08
C PRO D 89 10.62 -21.02 20.04
N VAL D 90 9.99 -19.94 20.51
CA VAL D 90 9.34 -18.99 19.62
C VAL D 90 10.40 -18.07 19.02
N ARG D 91 11.35 -17.66 19.86
CA ARG D 91 12.47 -16.85 19.41
CA ARG D 91 12.48 -16.85 19.42
C ARG D 91 13.24 -17.61 18.34
N LEU D 92 13.58 -18.87 18.64
CA LEU D 92 14.44 -19.66 17.79
C LEU D 92 13.70 -20.04 16.51
N ALA D 93 12.37 -20.22 16.63
CA ALA D 93 11.52 -20.46 15.49
C ALA D 93 11.59 -19.28 14.52
N GLU D 94 11.49 -18.07 15.08
CA GLU D 94 11.57 -16.85 14.30
C GLU D 94 12.94 -16.74 13.64
N GLN D 95 13.97 -17.26 14.32
CA GLN D 95 15.36 -17.06 13.93
C GLN D 95 15.71 -17.99 12.78
N ALA D 96 15.39 -19.28 12.95
CA ALA D 96 15.68 -20.28 11.93
C ALA D 96 14.87 -19.99 10.67
N ALA D 97 13.60 -19.60 10.85
CA ALA D 97 12.72 -19.32 9.74
C ALA D 97 13.25 -18.13 8.93
N LEU D 98 13.72 -17.10 9.65
CA LEU D 98 14.24 -15.90 9.01
C LEU D 98 15.49 -16.25 8.22
N LEU D 99 16.40 -16.99 8.86
CA LEU D 99 17.70 -17.29 8.28
C LEU D 99 17.52 -18.28 7.13
N ASP D 100 16.46 -19.10 7.22
CA ASP D 100 16.10 -20.00 6.15
C ASP D 100 15.78 -19.18 4.89
N GLN D 101 15.06 -18.08 5.08
CA GLN D 101 14.67 -17.19 3.99
C GLN D 101 15.91 -16.48 3.44
N LEU D 102 16.64 -15.79 4.33
CA LEU D 102 17.74 -14.93 3.93
C LEU D 102 18.80 -15.76 3.20
N SER D 103 19.06 -16.97 3.70
CA SER D 103 20.14 -17.79 3.19
C SER D 103 19.68 -18.56 1.96
N ASP D 104 18.37 -18.55 1.69
CA ASP D 104 17.79 -19.24 0.56
C ASP D 104 17.91 -20.75 0.78
N GLY D 105 17.62 -21.19 2.01
CA GLY D 105 17.57 -22.60 2.34
C GLY D 105 18.97 -23.22 2.45
N ARG D 106 19.91 -22.45 3.01
CA ARG D 106 21.29 -22.90 3.13
C ARG D 106 21.62 -23.13 4.60
N PHE D 107 20.61 -23.05 5.46
CA PHE D 107 20.79 -23.19 6.90
C PHE D 107 20.35 -24.59 7.35
N ILE D 108 21.08 -25.14 8.31
CA ILE D 108 20.73 -26.41 8.94
C ILE D 108 20.79 -26.25 10.45
N LEU D 109 19.63 -26.40 11.11
CA LEU D 109 19.54 -26.16 12.55
C LEU D 109 19.70 -27.48 13.30
N GLY D 110 20.91 -27.71 13.83
CA GLY D 110 21.16 -28.80 14.75
C GLY D 110 20.71 -28.44 16.17
N ILE D 111 20.23 -29.46 16.90
CA ILE D 111 19.63 -29.23 18.21
C ILE D 111 20.17 -30.29 19.18
N GLY D 112 20.24 -29.90 20.46
CA GLY D 112 20.69 -30.79 21.51
C GLY D 112 20.29 -30.26 22.89
N ARG D 113 20.49 -31.07 23.92
CA ARG D 113 19.96 -30.79 25.24
C ARG D 113 21.00 -29.99 26.05
N GLY D 114 22.27 -30.12 25.63
CA GLY D 114 23.38 -29.48 26.33
C GLY D 114 23.72 -30.21 27.63
N PHE D 115 25.00 -30.15 28.02
CA PHE D 115 25.53 -31.04 29.05
C PHE D 115 26.41 -30.26 30.01
N PHE D 116 26.15 -28.95 30.13
CA PHE D 116 26.97 -28.09 30.96
C PHE D 116 26.10 -27.51 32.08
N ASP D 117 26.48 -27.85 33.32
CA ASP D 117 25.69 -27.50 34.50
C ASP D 117 25.61 -25.98 34.61
N LYS D 118 26.77 -25.32 34.45
CA LYS D 118 26.87 -23.88 34.66
C LYS D 118 25.86 -23.16 33.77
N ASP D 119 25.72 -23.63 32.53
CA ASP D 119 24.90 -22.98 31.53
C ASP D 119 23.48 -22.81 32.07
N PHE D 120 22.99 -23.87 32.72
CA PHE D 120 21.58 -23.97 33.08
C PHE D 120 21.31 -23.15 34.33
N THR D 121 22.24 -23.24 35.29
CA THR D 121 22.19 -22.44 36.50
C THR D 121 22.07 -20.97 36.13
N VAL D 122 22.87 -20.54 35.15
CA VAL D 122 23.08 -19.12 34.89
C VAL D 122 21.82 -18.55 34.23
N PHE D 123 21.26 -19.31 33.27
CA PHE D 123 20.09 -18.88 32.54
C PHE D 123 18.83 -19.33 33.25
N GLY D 124 19.01 -20.05 34.37
CA GLY D 124 17.92 -20.37 35.27
C GLY D 124 17.00 -21.44 34.69
N VAL D 125 17.61 -22.57 34.30
CA VAL D 125 16.85 -23.73 33.85
C VAL D 125 17.17 -24.90 34.76
N ASP D 126 16.22 -25.84 34.86
CA ASP D 126 16.42 -27.08 35.60
C ASP D 126 17.05 -28.11 34.67
N ILE D 127 18.16 -28.71 35.12
CA ILE D 127 18.98 -29.57 34.27
C ILE D 127 18.35 -30.96 34.22
N HIS D 128 17.38 -31.21 35.11
CA HIS D 128 16.68 -32.48 35.15
C HIS D 128 15.64 -32.54 34.02
N ASP D 129 15.27 -31.36 33.49
CA ASP D 129 14.10 -31.23 32.66
C ASP D 129 14.50 -31.20 31.19
N THR D 130 15.80 -31.39 30.93
CA THR D 130 16.41 -30.94 29.69
C THR D 130 15.85 -31.73 28.51
N ARG D 131 15.81 -33.05 28.65
CA ARG D 131 15.30 -33.93 27.61
C ARG D 131 13.85 -33.54 27.30
N ALA D 132 13.10 -33.21 28.35
CA ALA D 132 11.69 -32.89 28.23
C ALA D 132 11.52 -31.51 27.59
N LEU D 133 12.33 -30.56 28.05
CA LEU D 133 12.34 -29.21 27.49
C LEU D 133 12.70 -29.28 26.02
N THR D 134 13.72 -30.09 25.71
CA THR D 134 14.25 -30.20 24.35
C THR D 134 13.14 -30.64 23.40
N HIS D 135 12.36 -31.63 23.84
CA HIS D 135 11.36 -32.26 22.99
C HIS D 135 10.14 -31.33 22.87
N ASN D 136 9.74 -30.73 23.99
CA ASN D 136 8.63 -29.80 24.01
C ASN D 136 8.93 -28.63 23.08
N TYR D 137 10.17 -28.12 23.15
CA TYR D 137 10.55 -26.92 22.43
C TYR D 137 10.59 -27.21 20.92
N TYR D 138 11.04 -28.42 20.58
CA TYR D 138 11.08 -28.86 19.20
C TYR D 138 9.66 -28.86 18.62
N ASP D 139 8.71 -29.34 19.43
CA ASP D 139 7.34 -29.55 18.97
C ASP D 139 6.69 -28.19 18.71
N ILE D 140 6.95 -27.23 19.60
CA ILE D 140 6.43 -25.89 19.46
C ILE D 140 6.96 -25.28 18.16
N MET D 141 8.27 -25.43 17.94
CA MET D 141 8.92 -24.86 16.77
C MET D 141 8.37 -25.53 15.52
N GLN D 142 8.09 -26.83 15.61
CA GLN D 142 7.62 -27.61 14.47
C GLN D 142 6.21 -27.18 14.12
N GLU D 143 5.42 -26.80 15.14
CA GLU D 143 4.07 -26.31 14.94
C GLU D 143 4.14 -24.91 14.32
N ALA D 144 5.13 -24.13 14.76
CA ALA D 144 5.27 -22.75 14.31
C ALA D 144 5.59 -22.72 12.82
N TRP D 145 6.43 -23.66 12.39
CA TRP D 145 6.94 -23.66 11.02
C TRP D 145 5.87 -24.19 10.06
N THR D 146 5.14 -25.22 10.50
CA THR D 146 4.31 -26.02 9.61
C THR D 146 2.96 -25.34 9.42
N LYS D 147 2.41 -24.80 10.51
CA LYS D 147 1.04 -24.29 10.50
C LYS D 147 1.06 -22.76 10.57
N GLY D 148 2.17 -22.21 11.08
CA GLY D 148 2.38 -20.77 11.06
C GLY D 148 1.71 -20.09 12.24
N VAL D 149 1.23 -20.90 13.20
CA VAL D 149 0.72 -20.39 14.46
C VAL D 149 0.91 -21.47 15.52
N VAL D 150 1.18 -21.04 16.76
CA VAL D 150 1.47 -21.95 17.85
C VAL D 150 1.16 -21.24 19.17
N GLY D 151 0.63 -22.02 20.13
CA GLY D 151 0.68 -21.66 21.53
C GLY D 151 1.20 -22.80 22.39
N SER D 152 1.24 -22.58 23.71
CA SER D 152 1.60 -23.62 24.66
C SER D 152 0.88 -23.40 25.98
N ASP D 153 -0.06 -24.29 26.29
CA ASP D 153 -0.55 -24.47 27.65
C ASP D 153 0.25 -25.60 28.31
N GLY D 154 1.47 -25.82 27.80
CA GLY D 154 2.28 -26.96 28.20
C GLY D 154 2.83 -26.78 29.62
N PRO D 155 3.67 -27.72 30.09
CA PRO D 155 4.14 -27.70 31.49
C PRO D 155 5.28 -26.73 31.73
N PHE D 156 5.93 -26.28 30.66
CA PHE D 156 7.15 -25.50 30.75
C PHE D 156 6.84 -24.04 30.40
N LEU D 157 6.04 -23.84 29.35
CA LEU D 157 5.67 -22.51 28.90
C LEU D 157 4.15 -22.41 28.77
N ASN D 158 3.59 -21.26 29.17
CA ASN D 158 2.19 -20.97 28.98
C ASN D 158 2.05 -19.66 28.22
N PHE D 159 1.64 -19.76 26.94
CA PHE D 159 1.36 -18.58 26.14
C PHE D 159 0.30 -18.91 25.08
N PRO D 160 -0.48 -17.91 24.63
CA PRO D 160 -1.60 -18.16 23.72
C PRO D 160 -1.15 -18.35 22.27
N PRO D 161 -1.99 -18.96 21.41
CA PRO D 161 -1.73 -19.04 19.98
C PRO D 161 -1.39 -17.68 19.38
N VAL D 162 -0.19 -17.58 18.79
CA VAL D 162 0.16 -16.45 17.94
C VAL D 162 0.72 -16.98 16.63
N PRO D 163 0.55 -16.25 15.51
CA PRO D 163 1.31 -16.52 14.29
C PRO D 163 2.79 -16.24 14.51
N VAL D 164 3.64 -16.93 13.74
CA VAL D 164 5.08 -16.82 13.89
C VAL D 164 5.71 -16.68 12.50
N ASN D 165 6.32 -15.52 12.26
CA ASN D 165 6.71 -15.12 10.92
C ASN D 165 8.22 -14.95 10.86
N PRO D 166 8.84 -15.08 9.67
CA PRO D 166 8.13 -15.54 8.48
C PRO D 166 7.86 -17.04 8.51
N ARG D 167 7.28 -17.56 7.43
CA ARG D 167 7.22 -18.98 7.20
C ARG D 167 8.48 -19.41 6.46
N PRO D 168 9.08 -20.57 6.82
CA PRO D 168 10.36 -20.98 6.24
C PRO D 168 10.35 -20.97 4.72
N TYR D 169 11.55 -20.83 4.13
CA TYR D 169 11.74 -20.91 2.70
C TYR D 169 11.67 -22.38 2.26
N SER D 170 12.22 -23.25 3.10
CA SER D 170 12.29 -24.68 2.80
C SER D 170 10.95 -25.34 3.11
N ASP D 171 10.51 -26.24 2.22
CA ASP D 171 9.31 -27.02 2.43
C ASP D 171 9.36 -27.65 3.81
N LYS D 172 10.55 -28.14 4.18
CA LYS D 172 10.81 -28.67 5.50
C LYS D 172 12.10 -28.06 6.06
N MET D 173 12.02 -27.48 7.25
CA MET D 173 13.17 -26.90 7.92
C MET D 173 14.24 -27.96 8.10
N PRO D 174 15.40 -27.85 7.42
CA PRO D 174 16.50 -28.79 7.59
C PRO D 174 17.06 -28.77 9.02
N MET D 175 17.28 -29.96 9.57
CA MET D 175 17.73 -30.08 10.96
C MET D 175 18.62 -31.30 11.10
N VAL D 176 19.40 -31.33 12.19
CA VAL D 176 19.97 -32.56 12.71
C VAL D 176 19.78 -32.57 14.22
N CYS D 177 20.27 -33.63 14.87
CA CYS D 177 19.98 -33.87 16.28
C CYS D 177 21.18 -34.50 16.95
N ALA D 178 21.63 -33.90 18.06
CA ALA D 178 22.63 -34.50 18.92
C ALA D 178 22.03 -35.73 19.61
N ALA D 179 22.56 -36.91 19.25
CA ALA D 179 22.03 -38.17 19.75
C ALA D 179 23.15 -38.99 20.35
N MET D 180 23.17 -39.06 21.70
CA MET D 180 24.26 -39.69 22.42
C MET D 180 23.71 -40.87 23.25
N SER D 181 22.49 -40.70 23.76
CA SER D 181 21.87 -41.71 24.60
C SER D 181 20.88 -42.55 23.79
N PRO D 182 20.63 -43.81 24.20
CA PRO D 182 19.65 -44.66 23.52
C PRO D 182 18.26 -44.01 23.42
N SER D 183 17.89 -43.29 24.48
CA SER D 183 16.53 -42.79 24.62
C SER D 183 16.27 -41.65 23.63
N THR D 184 17.33 -40.90 23.32
CA THR D 184 17.21 -39.74 22.45
C THR D 184 17.36 -40.17 21.00
N ILE D 185 18.15 -41.22 20.78
CA ILE D 185 18.23 -41.87 19.47
C ILE D 185 16.84 -42.39 19.11
N GLU D 186 16.11 -42.87 20.13
CA GLU D 186 14.74 -43.31 19.97
C GLU D 186 13.90 -42.14 19.44
N TRP D 187 14.05 -40.98 20.08
CA TRP D 187 13.18 -39.83 19.83
C TRP D 187 13.48 -39.23 18.47
N ALA D 188 14.77 -39.19 18.11
CA ALA D 188 15.20 -38.62 16.85
C ALA D 188 14.63 -39.44 15.69
N ALA D 189 14.72 -40.76 15.82
CA ALA D 189 14.24 -41.68 14.79
C ALA D 189 12.73 -41.56 14.66
N LYS D 190 12.07 -41.26 15.79
CA LYS D 190 10.62 -41.12 15.82
C LYS D 190 10.20 -39.94 14.95
N ASN D 191 11.00 -38.87 14.99
CA ASN D 191 10.59 -37.58 14.47
C ASN D 191 11.31 -37.29 13.16
N GLY D 192 12.04 -38.30 12.66
CA GLY D 192 12.66 -38.22 11.34
C GLY D 192 13.88 -37.31 11.32
N LEU D 193 14.56 -37.21 12.47
CA LEU D 193 15.68 -36.29 12.63
C LEU D 193 16.99 -37.04 12.41
N PRO D 194 17.80 -36.63 11.40
CA PRO D 194 19.19 -37.08 11.29
C PRO D 194 19.98 -36.82 12.57
N MET D 195 20.89 -37.75 12.90
CA MET D 195 21.76 -37.60 14.05
C MET D 195 23.02 -36.85 13.63
N ILE D 196 23.61 -36.12 14.58
CA ILE D 196 24.98 -35.65 14.45
C ILE D 196 25.77 -36.09 15.68
N MET D 197 26.92 -36.73 15.44
CA MET D 197 27.63 -37.45 16.49
C MET D 197 28.96 -36.75 16.75
N GLN D 198 29.34 -36.69 18.03
CA GLN D 198 30.57 -36.02 18.44
C GLN D 198 31.76 -36.92 18.13
N HIS D 199 32.97 -36.40 18.40
CA HIS D 199 34.19 -36.97 17.84
C HIS D 199 34.90 -37.83 18.88
N ASP D 200 34.19 -38.15 19.97
CA ASP D 200 34.79 -38.84 21.09
C ASP D 200 34.03 -40.13 21.37
N ILE D 201 33.25 -40.58 20.37
CA ILE D 201 32.44 -41.78 20.49
C ILE D 201 33.20 -42.95 19.85
N GLU D 202 33.17 -44.10 20.52
CA GLU D 202 33.90 -45.28 20.07
C GLU D 202 33.24 -45.84 18.81
N HIS D 203 34.01 -46.63 18.06
CA HIS D 203 33.59 -47.11 16.75
C HIS D 203 32.44 -48.10 16.90
N ASN D 204 32.61 -49.05 17.82
CA ASN D 204 31.59 -50.06 18.09
C ASN D 204 30.26 -49.38 18.38
N GLU D 205 30.30 -48.33 19.21
CA GLU D 205 29.11 -47.68 19.71
C GLU D 205 28.65 -46.61 18.73
N LYS D 206 29.49 -46.32 17.74
CA LYS D 206 29.08 -45.57 16.56
C LYS D 206 28.08 -46.41 15.76
N ALA D 207 28.45 -47.67 15.51
CA ALA D 207 27.65 -48.57 14.69
C ALA D 207 26.39 -48.94 15.44
N SER D 208 26.53 -49.19 16.75
CA SER D 208 25.40 -49.48 17.62
C SER D 208 24.29 -48.46 17.38
N ASN D 209 24.65 -47.18 17.44
CA ASN D 209 23.69 -46.09 17.45
C ASN D 209 22.93 -46.06 16.12
N VAL D 210 23.68 -46.22 15.02
CA VAL D 210 23.10 -46.15 13.69
C VAL D 210 22.10 -47.31 13.52
N GLU D 211 22.48 -48.47 14.05
CA GLU D 211 21.66 -49.67 13.94
C GLU D 211 20.38 -49.50 14.75
N LEU D 212 20.53 -48.95 15.96
CA LEU D 212 19.39 -48.69 16.83
C LEU D 212 18.43 -47.72 16.15
N TYR D 213 18.98 -46.61 15.65
CA TYR D 213 18.20 -45.60 14.96
C TYR D 213 17.49 -46.23 13.77
N ARG D 214 18.24 -47.06 13.02
CA ARG D 214 17.74 -47.67 11.81
C ARG D 214 16.54 -48.57 12.15
N ALA D 215 16.66 -49.29 13.27
CA ALA D 215 15.64 -50.23 13.69
C ALA D 215 14.37 -49.49 14.10
N LEU D 216 14.54 -48.41 14.86
CA LEU D 216 13.44 -47.70 15.48
C LEU D 216 12.66 -46.92 14.42
N ALA D 217 13.38 -46.46 13.40
CA ALA D 217 12.79 -45.64 12.35
C ALA D 217 11.73 -46.45 11.60
N GLU D 218 12.03 -47.73 11.36
CA GLU D 218 11.13 -48.61 10.64
C GLU D 218 9.90 -48.90 11.50
N GLU D 219 10.12 -48.95 12.83
CA GLU D 219 9.04 -49.20 13.76
C GLU D 219 8.02 -48.07 13.69
N HIS D 220 8.49 -46.88 13.33
CA HIS D 220 7.66 -45.68 13.36
C HIS D 220 7.39 -45.19 11.93
N GLY D 221 7.58 -46.09 10.96
CA GLY D 221 7.11 -45.88 9.60
C GLY D 221 7.87 -44.76 8.90
N HIS D 222 9.19 -44.72 9.12
CA HIS D 222 10.09 -43.91 8.32
C HIS D 222 11.05 -44.82 7.54
N ASP D 223 11.58 -44.31 6.43
CA ASP D 223 12.56 -45.02 5.64
C ASP D 223 13.96 -44.53 6.00
N PRO D 224 14.77 -45.37 6.69
CA PRO D 224 16.02 -44.89 7.31
C PRO D 224 17.16 -44.72 6.32
N ASP D 225 16.91 -45.08 5.05
CA ASP D 225 17.93 -45.01 4.02
C ASP D 225 17.96 -43.59 3.44
N GLY D 226 16.95 -42.79 3.80
CA GLY D 226 16.80 -41.45 3.26
C GLY D 226 17.27 -40.38 4.25
N ILE D 227 17.69 -40.83 5.44
CA ILE D 227 18.05 -39.93 6.53
C ILE D 227 19.56 -39.89 6.66
N GLU D 228 20.13 -38.68 6.59
CA GLU D 228 21.55 -38.51 6.36
C GLU D 228 22.23 -38.10 7.66
N HIS D 229 22.97 -39.04 8.25
CA HIS D 229 23.57 -38.85 9.56
C HIS D 229 24.94 -38.20 9.41
N THR D 230 25.38 -37.52 10.47
CA THR D 230 26.60 -36.73 10.43
C THR D 230 27.54 -37.20 11.54
N ILE D 231 28.85 -37.08 11.27
CA ILE D 231 29.87 -37.47 12.24
C ILE D 231 30.94 -36.39 12.29
N ALA D 232 31.32 -36.01 13.51
CA ALA D 232 32.36 -35.02 13.73
C ALA D 232 33.71 -35.71 13.88
N MET D 233 34.71 -35.20 13.17
CA MET D 233 36.04 -35.78 13.17
C MET D 233 37.08 -34.67 13.23
N ILE D 234 38.08 -34.85 14.10
CA ILE D 234 39.27 -34.00 14.09
C ILE D 234 40.23 -34.54 13.04
N VAL D 235 40.77 -33.62 12.22
CA VAL D 235 41.68 -33.99 11.16
C VAL D 235 42.94 -33.13 11.29
N ALA D 236 44.11 -33.79 11.33
CA ALA D 236 45.38 -33.12 11.30
C ALA D 236 46.41 -33.99 10.57
N VAL D 237 46.67 -33.65 9.31
CA VAL D 237 47.45 -34.50 8.42
C VAL D 237 48.83 -33.88 8.23
N ASP D 238 49.86 -34.73 8.20
CA ASP D 238 51.24 -34.28 8.09
C ASP D 238 52.13 -35.47 7.72
N PRO D 239 53.05 -35.31 6.74
CA PRO D 239 53.90 -36.42 6.29
C PRO D 239 54.63 -37.08 7.46
N ASP D 240 54.88 -36.30 8.52
CA ASP D 240 55.57 -36.80 9.70
C ASP D 240 54.53 -37.13 10.77
N ARG D 241 54.34 -38.43 11.02
CA ARG D 241 53.29 -38.90 11.89
C ARG D 241 53.51 -38.38 13.31
N GLU D 242 54.78 -38.43 13.75
CA GLU D 242 55.11 -38.19 15.14
C GLU D 242 54.90 -36.71 15.46
N ARG D 243 55.22 -35.85 14.49
CA ARG D 243 55.28 -34.42 14.71
C ARG D 243 53.88 -33.87 14.96
N VAL D 244 52.91 -34.34 14.16
CA VAL D 244 51.58 -33.79 14.16
C VAL D 244 50.82 -34.35 15.36
N ARG D 245 51.13 -35.59 15.74
CA ARG D 245 50.48 -36.24 16.88
C ARG D 245 50.85 -35.48 18.15
N GLU D 246 52.09 -34.99 18.21
CA GLU D 246 52.56 -34.24 19.36
C GLU D 246 51.94 -32.84 19.36
N GLU D 247 51.80 -32.25 18.16
CA GLU D 247 51.16 -30.96 18.02
C GLU D 247 49.73 -31.04 18.53
N CYS D 248 48.98 -32.04 18.05
CA CYS D 248 47.58 -32.20 18.39
C CYS D 248 47.43 -32.52 19.87
N ARG D 249 48.36 -33.35 20.38
CA ARG D 249 48.33 -33.75 21.78
C ARG D 249 48.45 -32.52 22.67
N HIS D 250 49.37 -31.63 22.31
CA HIS D 250 49.63 -30.42 23.08
C HIS D 250 48.35 -29.58 23.16
N TYR D 251 47.70 -29.40 22.01
CA TYR D 251 46.48 -28.61 21.93
C TYR D 251 45.38 -29.30 22.73
N LEU D 252 45.16 -30.59 22.46
CA LEU D 252 44.03 -31.32 23.00
C LEU D 252 44.18 -31.45 24.51
N ASN D 253 45.42 -31.48 24.99
CA ASN D 253 45.72 -31.57 26.41
C ASN D 253 45.03 -30.41 27.13
N TRP D 254 45.24 -29.19 26.62
CA TRP D 254 44.62 -28.01 27.17
C TRP D 254 43.12 -28.04 26.91
N PHE D 255 42.74 -28.57 25.74
CA PHE D 255 41.35 -28.55 25.29
C PHE D 255 40.46 -29.21 26.35
N GLU D 256 40.86 -30.41 26.79
CA GLU D 256 40.03 -31.24 27.63
C GLU D 256 40.15 -30.77 29.09
N ASP D 257 41.16 -29.93 29.35
CA ASP D 257 41.35 -29.36 30.68
C ASP D 257 40.36 -28.23 30.89
N ALA D 258 40.12 -27.44 29.83
CA ALA D 258 39.20 -26.32 29.88
C ALA D 258 37.76 -26.84 29.90
N VAL D 259 37.58 -28.09 29.46
CA VAL D 259 36.29 -28.76 29.54
C VAL D 259 36.01 -29.10 31.00
N GLU D 260 37.01 -29.66 31.67
CA GLU D 260 36.89 -30.06 33.07
C GLU D 260 36.85 -28.82 33.94
N LYS D 261 37.57 -27.78 33.52
CA LYS D 261 37.65 -26.53 34.26
C LYS D 261 36.25 -25.96 34.44
N ALA D 262 35.41 -26.12 33.41
CA ALA D 262 34.08 -25.53 33.38
C ALA D 262 33.03 -26.61 33.64
N GLN D 263 33.44 -27.88 33.54
CA GLN D 263 32.57 -28.99 33.88
C GLN D 263 32.62 -29.24 35.39
N TRP D 279 47.16 -26.91 54.36
CA TRP D 279 46.20 -28.03 54.22
C TRP D 279 45.35 -27.83 52.97
N HIS D 280 44.69 -26.66 52.89
CA HIS D 280 43.89 -26.30 51.74
C HIS D 280 44.78 -25.99 50.54
N LEU D 281 46.10 -25.93 50.80
CA LEU D 281 47.09 -25.75 49.76
C LEU D 281 47.63 -27.11 49.33
N ARG D 282 47.55 -28.10 50.23
CA ARG D 282 48.09 -29.42 49.99
C ARG D 282 47.06 -30.28 49.28
N LYS D 283 45.78 -30.00 49.55
CA LYS D 283 44.68 -30.71 48.90
C LYS D 283 44.47 -30.14 47.49
N TRP D 284 44.85 -28.87 47.31
CA TRP D 284 44.78 -28.22 46.01
C TRP D 284 45.73 -28.90 45.03
N ARG D 285 46.94 -29.20 45.50
CA ARG D 285 47.97 -29.79 44.67
C ARG D 285 47.62 -31.25 44.37
N GLU D 286 46.97 -31.91 45.34
CA GLU D 286 46.66 -33.32 45.25
C GLU D 286 45.43 -33.51 44.37
N ALA D 287 44.80 -32.40 43.99
CA ALA D 287 43.71 -32.40 43.03
C ALA D 287 44.24 -32.07 41.63
N VAL D 288 45.25 -31.19 41.58
CA VAL D 288 45.81 -30.74 40.33
C VAL D 288 46.47 -31.93 39.62
N ILE D 289 47.11 -32.81 40.42
CA ILE D 289 47.92 -33.88 39.88
C ILE D 289 47.01 -34.96 39.32
N LYS D 290 45.85 -35.17 39.96
CA LYS D 290 44.89 -36.17 39.54
C LYS D 290 44.12 -35.65 38.32
N GLY D 291 44.02 -34.32 38.23
CA GLY D 291 43.29 -33.68 37.14
C GLY D 291 44.05 -33.77 35.81
N ASP D 292 45.36 -33.54 35.87
CA ASP D 292 46.20 -33.56 34.67
C ASP D 292 46.42 -35.02 34.26
N THR D 293 46.40 -35.93 35.24
CA THR D 293 46.80 -37.30 35.03
C THR D 293 45.59 -38.14 34.60
N ALA D 294 44.44 -37.47 34.44
CA ALA D 294 43.21 -38.12 34.06
C ALA D 294 42.73 -37.59 32.70
N ILE D 295 43.26 -36.42 32.31
CA ILE D 295 42.96 -35.82 31.03
C ILE D 295 43.75 -36.55 29.94
N SER D 296 44.83 -37.23 30.36
CA SER D 296 45.79 -37.79 29.43
C SER D 296 45.18 -38.97 28.68
N LYS D 297 44.37 -39.76 29.38
CA LYS D 297 43.81 -40.99 28.83
C LYS D 297 42.68 -40.64 27.86
N VAL D 298 42.12 -39.44 28.03
CA VAL D 298 41.10 -38.93 27.12
C VAL D 298 41.76 -38.60 25.78
N VAL D 299 42.93 -37.96 25.85
CA VAL D 299 43.58 -37.39 24.67
C VAL D 299 44.17 -38.54 23.85
N ASP D 300 44.52 -39.64 24.53
CA ASP D 300 45.02 -40.83 23.86
C ASP D 300 43.89 -41.46 23.06
N ASN D 301 42.67 -41.28 23.56
CA ASN D 301 41.48 -41.85 22.92
C ASN D 301 41.07 -40.96 21.75
N LEU D 302 41.30 -39.65 21.90
CA LEU D 302 41.00 -38.69 20.86
C LEU D 302 41.96 -38.86 19.69
N LEU D 303 43.22 -39.20 20.00
CA LEU D 303 44.24 -39.39 18.99
C LEU D 303 43.99 -40.70 18.25
N ARG D 304 43.38 -41.66 18.95
CA ARG D 304 43.15 -42.99 18.42
C ARG D 304 41.93 -42.97 17.50
N LEU D 305 40.93 -42.17 17.88
CA LEU D 305 39.61 -42.22 17.24
C LEU D 305 39.62 -41.36 15.98
N ASN D 306 40.45 -40.30 15.98
CA ASN D 306 40.30 -39.21 15.04
C ASN D 306 41.49 -39.22 14.07
N ALA D 307 41.32 -38.50 12.96
CA ALA D 307 42.15 -38.68 11.77
C ALA D 307 43.43 -37.87 11.89
N ILE D 308 44.30 -38.28 12.82
CA ILE D 308 45.51 -37.53 13.14
C ILE D 308 46.72 -38.40 12.81
N GLY D 309 47.60 -37.89 11.94
CA GLY D 309 48.74 -38.65 11.47
C GLY D 309 49.06 -38.32 10.01
N THR D 310 49.56 -39.34 9.29
CA THR D 310 49.86 -39.19 7.87
C THR D 310 48.55 -39.15 7.09
N PRO D 311 48.59 -38.80 5.78
CA PRO D 311 47.45 -39.02 4.89
C PRO D 311 46.89 -40.43 4.98
N GLU D 312 47.78 -41.43 4.99
CA GLU D 312 47.38 -42.83 4.95
C GLU D 312 46.55 -43.16 6.18
N ASP D 313 46.97 -42.63 7.34
CA ASP D 313 46.32 -42.91 8.61
C ASP D 313 44.92 -42.29 8.60
N ALA D 314 44.83 -41.07 8.05
CA ALA D 314 43.57 -40.35 8.01
C ALA D 314 42.57 -41.07 7.10
N ILE D 315 43.09 -41.67 6.03
CA ILE D 315 42.27 -42.41 5.09
C ILE D 315 41.76 -43.68 5.75
N GLU D 316 42.66 -44.35 6.49
CA GLU D 316 42.32 -45.58 7.19
C GLU D 316 41.17 -45.30 8.17
N THR D 317 41.32 -44.21 8.94
CA THR D 317 40.42 -43.91 10.03
C THR D 317 39.05 -43.49 9.48
N ILE D 318 39.06 -42.50 8.60
CA ILE D 318 37.84 -41.84 8.16
C ILE D 318 36.96 -42.87 7.45
N GLN D 319 37.59 -43.72 6.64
CA GLN D 319 36.86 -44.64 5.77
C GLN D 319 36.25 -45.74 6.62
N HIS D 320 36.98 -46.15 7.68
CA HIS D 320 36.48 -47.17 8.59
C HIS D 320 35.23 -46.66 9.30
N VAL D 321 35.29 -45.40 9.77
CA VAL D 321 34.18 -44.77 10.44
C VAL D 321 32.97 -44.73 9.50
N ILE D 322 33.23 -44.39 8.24
CA ILE D 322 32.19 -44.30 7.22
C ILE D 322 31.60 -45.70 6.98
N ASP D 323 32.45 -46.72 7.14
CA ASP D 323 32.10 -48.07 6.74
C ASP D 323 31.21 -48.70 7.81
N VAL D 324 31.35 -48.22 9.05
CA VAL D 324 30.75 -48.90 10.19
C VAL D 324 29.55 -48.07 10.68
N THR D 325 29.25 -46.98 9.97
CA THR D 325 28.16 -46.10 10.35
C THR D 325 27.24 -45.89 9.16
N GLY D 326 27.82 -45.81 7.95
CA GLY D 326 27.08 -45.44 6.77
C GLY D 326 26.57 -44.01 6.83
N VAL D 327 27.37 -43.13 7.44
CA VAL D 327 27.06 -41.71 7.51
C VAL D 327 27.33 -41.10 6.12
N LYS D 328 26.60 -40.02 5.83
CA LYS D 328 26.59 -39.43 4.50
C LYS D 328 27.44 -38.16 4.52
N ARG D 329 27.63 -37.59 5.72
CA ARG D 329 28.42 -36.37 5.88
C ARG D 329 29.45 -36.58 6.98
N VAL D 330 30.67 -36.08 6.74
CA VAL D 330 31.70 -36.00 7.77
C VAL D 330 32.12 -34.54 7.92
N VAL D 331 32.00 -34.02 9.15
CA VAL D 331 32.38 -32.66 9.45
C VAL D 331 33.73 -32.67 10.15
N VAL D 332 34.71 -31.97 9.55
CA VAL D 332 36.10 -32.06 9.98
C VAL D 332 36.46 -30.77 10.72
N GLY D 333 37.38 -30.92 11.68
CA GLY D 333 37.91 -29.77 12.41
C GLY D 333 39.45 -29.79 12.42
N PHE D 334 40.04 -28.66 12.00
CA PHE D 334 41.41 -28.64 11.54
C PHE D 334 42.31 -27.93 12.54
N GLU D 335 41.69 -27.41 13.61
CA GLU D 335 42.25 -26.30 14.36
C GLU D 335 43.28 -26.81 15.36
N ALA D 336 43.27 -28.12 15.61
CA ALA D 336 44.06 -28.70 16.69
C ALA D 336 45.55 -28.55 16.39
N ILE D 337 45.88 -28.54 15.10
CA ILE D 337 47.26 -28.68 14.67
C ILE D 337 48.03 -27.40 14.98
N GLY D 338 47.29 -26.31 15.22
CA GLY D 338 47.87 -25.05 15.63
C GLY D 338 47.25 -23.86 14.89
N ASP D 339 48.12 -22.98 14.38
CA ASP D 339 47.70 -21.68 13.89
C ASP D 339 47.42 -21.77 12.39
N ARG D 340 47.31 -20.61 11.75
CA ARG D 340 46.77 -20.51 10.40
C ARG D 340 47.68 -21.24 9.42
N ASP D 341 48.99 -20.97 9.51
CA ASP D 341 49.95 -21.49 8.56
C ASP D 341 49.92 -23.01 8.59
N ARG D 342 49.79 -23.59 9.80
CA ARG D 342 49.91 -25.01 10.00
C ARG D 342 48.60 -25.70 9.64
N VAL D 343 47.49 -25.01 9.89
CA VAL D 343 46.17 -25.50 9.52
C VAL D 343 46.09 -25.61 8.00
N LEU D 344 46.66 -24.60 7.32
CA LEU D 344 46.51 -24.47 5.88
C LEU D 344 47.38 -25.50 5.17
N GLU D 345 48.48 -25.90 5.83
CA GLU D 345 49.31 -26.99 5.35
C GLU D 345 48.55 -28.30 5.53
N SER D 346 47.84 -28.43 6.66
CA SER D 346 47.09 -29.63 6.96
C SER D 346 45.87 -29.74 6.04
N MET D 347 45.23 -28.60 5.78
CA MET D 347 44.07 -28.54 4.93
C MET D 347 44.47 -28.88 3.49
N LYS D 348 45.70 -28.51 3.14
CA LYS D 348 46.21 -28.71 1.79
C LYS D 348 46.40 -30.20 1.54
N LEU D 349 47.04 -30.88 2.51
CA LEU D 349 47.34 -32.29 2.38
C LEU D 349 46.04 -33.09 2.34
N PHE D 350 45.08 -32.71 3.20
CA PHE D 350 43.79 -33.36 3.25
C PHE D 350 43.13 -33.32 1.87
N ASP D 351 43.30 -32.20 1.18
CA ASP D 351 42.58 -31.94 -0.06
C ASP D 351 43.01 -32.95 -1.12
N GLU D 352 44.30 -33.33 -1.10
CA GLU D 352 44.95 -33.91 -2.25
C GLU D 352 45.23 -35.39 -2.00
N GLN D 353 45.22 -35.78 -0.73
CA GLN D 353 45.90 -36.98 -0.28
C GLN D 353 44.99 -37.80 0.63
N VAL D 354 43.83 -37.23 0.99
CA VAL D 354 42.86 -37.92 1.83
C VAL D 354 41.51 -37.88 1.15
N ARG D 355 40.98 -36.68 0.95
CA ARG D 355 39.61 -36.48 0.50
C ARG D 355 39.35 -37.36 -0.74
N PRO D 356 40.23 -37.32 -1.76
CA PRO D 356 39.94 -37.94 -3.06
C PRO D 356 39.82 -39.46 -2.99
N HIS D 357 40.35 -40.06 -1.92
CA HIS D 357 40.43 -41.51 -1.81
C HIS D 357 39.41 -42.01 -0.78
N ILE D 358 38.49 -41.13 -0.38
CA ILE D 358 37.46 -41.48 0.58
C ILE D 358 36.15 -41.73 -0.17
N ARG D 359 35.51 -42.87 0.12
CA ARG D 359 34.31 -43.29 -0.59
C ARG D 359 33.14 -43.30 0.38
N GLY D 360 31.92 -43.17 -0.16
CA GLY D 360 30.72 -43.58 0.53
C GLY D 360 30.75 -45.07 0.86
N ALA D 361 29.97 -45.47 1.89
CA ALA D 361 29.98 -46.84 2.38
C ALA D 361 29.58 -47.80 1.25
#